data_2CQG
#
_entry.id   2CQG
#
_entity_poly.entity_id   1
_entity_poly.type   'polypeptide(L)'
_entity_poly.pdbx_seq_one_letter_code
;GSSGSSGVKRAVQKTSDLIVLGLPWKTTEQDLKEYFSTFGEVLMVQVKKDLKTGHSKGFGFVRFTEYETQVKVMSQRHMI
DGRWCDCKLPNSKQSQDSGPSSG
;
_entity_poly.pdbx_strand_id   A
#
# COMPACT_ATOMS: atom_id res chain seq x y z
N GLY A 1 17.83 30.00 0.37
CA GLY A 1 17.34 29.22 1.50
C GLY A 1 17.98 27.85 1.57
N SER A 2 17.92 27.24 2.74
CA SER A 2 18.49 25.91 2.95
C SER A 2 17.63 24.83 2.30
N SER A 3 18.18 24.16 1.30
CA SER A 3 17.45 23.10 0.60
C SER A 3 18.38 22.34 -0.35
N GLY A 4 18.28 21.02 -0.33
CA GLY A 4 19.12 20.21 -1.19
C GLY A 4 19.63 18.95 -0.48
N SER A 5 19.36 17.80 -1.06
CA SER A 5 19.78 16.53 -0.48
C SER A 5 20.51 15.68 -1.52
N SER A 6 21.46 14.88 -1.06
CA SER A 6 22.23 14.01 -1.95
C SER A 6 22.08 12.54 -1.54
N GLY A 7 21.20 11.84 -2.24
CA GLY A 7 20.96 10.44 -1.95
C GLY A 7 20.03 10.25 -0.77
N VAL A 8 18.73 10.20 -1.05
CA VAL A 8 17.74 10.00 0.00
C VAL A 8 17.86 8.63 0.65
N LYS A 9 17.26 8.46 1.82
CA LYS A 9 17.30 7.19 2.53
C LYS A 9 17.18 6.02 1.56
N ARG A 10 18.31 5.40 1.25
CA ARG A 10 18.34 4.27 0.34
C ARG A 10 19.01 3.06 0.98
N ALA A 11 18.23 2.02 1.27
CA ALA A 11 18.75 0.81 1.88
C ALA A 11 18.24 -0.43 1.18
N VAL A 12 19.09 -1.44 1.05
CA VAL A 12 18.71 -2.69 0.41
C VAL A 12 17.63 -3.42 1.18
N GLN A 13 16.63 -3.92 0.47
CA GLN A 13 15.52 -4.64 1.09
C GLN A 13 14.73 -5.42 0.06
N LYS A 14 13.97 -6.41 0.53
CA LYS A 14 13.16 -7.23 -0.36
C LYS A 14 11.70 -6.84 -0.28
N THR A 15 10.88 -7.44 -1.14
CA THR A 15 9.45 -7.14 -1.17
C THR A 15 8.92 -6.84 0.23
N SER A 16 8.00 -5.88 0.31
CA SER A 16 7.42 -5.49 1.58
C SER A 16 6.03 -4.90 1.39
N ASP A 17 5.21 -4.95 2.44
CA ASP A 17 3.86 -4.42 2.39
C ASP A 17 3.86 -2.93 2.09
N LEU A 18 3.07 -2.53 1.10
CA LEU A 18 2.99 -1.12 0.71
C LEU A 18 1.67 -0.51 1.18
N ILE A 19 1.74 0.71 1.71
CA ILE A 19 0.56 1.40 2.19
C ILE A 19 0.01 2.35 1.12
N VAL A 20 -1.31 2.31 0.93
CA VAL A 20 -1.95 3.16 -0.06
C VAL A 20 -2.75 4.27 0.61
N LEU A 21 -2.57 5.50 0.14
CA LEU A 21 -3.27 6.65 0.71
C LEU A 21 -4.19 7.28 -0.34
N GLY A 22 -5.34 7.77 0.12
CA GLY A 22 -6.28 8.39 -0.80
C GLY A 22 -7.21 7.40 -1.45
N LEU A 23 -7.60 6.37 -0.70
CA LEU A 23 -8.49 5.34 -1.21
C LEU A 23 -9.94 5.66 -0.88
N PRO A 24 -10.85 5.36 -1.83
CA PRO A 24 -12.29 5.61 -1.66
C PRO A 24 -12.92 4.67 -0.63
N TRP A 25 -14.15 4.98 -0.25
CA TRP A 25 -14.87 4.17 0.74
C TRP A 25 -15.48 2.94 0.09
N LYS A 26 -16.11 3.14 -1.06
CA LYS A 26 -16.75 2.05 -1.79
C LYS A 26 -15.78 0.90 -2.00
N THR A 27 -14.53 1.23 -2.31
CA THR A 27 -13.50 0.22 -2.52
C THR A 27 -13.14 -0.50 -1.23
N THR A 28 -13.27 -1.82 -1.23
CA THR A 28 -12.96 -2.62 -0.05
C THR A 28 -11.78 -3.55 -0.31
N GLU A 29 -11.47 -4.39 0.67
CA GLU A 29 -10.36 -5.33 0.55
C GLU A 29 -10.57 -6.26 -0.63
N GLN A 30 -11.79 -6.74 -0.79
CA GLN A 30 -12.13 -7.65 -1.88
C GLN A 30 -11.99 -6.96 -3.23
N ASP A 31 -12.44 -5.71 -3.30
CA ASP A 31 -12.36 -4.94 -4.53
C ASP A 31 -10.91 -4.58 -4.86
N LEU A 32 -10.14 -4.23 -3.85
CA LEU A 32 -8.73 -3.88 -4.02
C LEU A 32 -7.96 -5.04 -4.63
N LYS A 33 -8.28 -6.25 -4.20
CA LYS A 33 -7.62 -7.45 -4.70
C LYS A 33 -7.82 -7.59 -6.20
N GLU A 34 -9.03 -7.32 -6.66
CA GLU A 34 -9.35 -7.42 -8.08
C GLU A 34 -8.68 -6.31 -8.87
N TYR A 35 -8.72 -5.09 -8.32
CA TYR A 35 -8.11 -3.94 -8.98
C TYR A 35 -6.60 -4.11 -9.08
N PHE A 36 -5.95 -4.31 -7.94
CA PHE A 36 -4.51 -4.49 -7.90
C PHE A 36 -4.08 -5.67 -8.75
N SER A 37 -4.93 -6.68 -8.84
CA SER A 37 -4.65 -7.87 -9.62
C SER A 37 -4.40 -7.51 -11.09
N THR A 38 -4.89 -6.34 -11.49
CA THR A 38 -4.73 -5.88 -12.86
C THR A 38 -3.26 -5.70 -13.22
N PHE A 39 -2.45 -5.31 -12.23
CA PHE A 39 -1.03 -5.11 -12.44
C PHE A 39 -0.29 -6.44 -12.56
N GLY A 40 -0.90 -7.49 -11.99
CA GLY A 40 -0.29 -8.80 -12.04
C GLY A 40 -1.00 -9.80 -11.14
N GLU A 41 -0.55 -9.89 -9.89
CA GLU A 41 -1.15 -10.82 -8.94
C GLU A 41 -1.04 -10.28 -7.51
N VAL A 42 -2.18 -10.07 -6.88
CA VAL A 42 -2.21 -9.56 -5.51
C VAL A 42 -1.77 -10.63 -4.51
N LEU A 43 -0.77 -10.31 -3.71
CA LEU A 43 -0.26 -11.24 -2.70
C LEU A 43 -0.88 -10.96 -1.34
N MET A 44 -1.16 -9.68 -1.07
CA MET A 44 -1.76 -9.28 0.20
C MET A 44 -2.66 -8.07 0.02
N VAL A 45 -3.83 -8.11 0.65
CA VAL A 45 -4.78 -7.01 0.55
C VAL A 45 -5.45 -6.75 1.90
N GLN A 46 -5.56 -5.48 2.26
CA GLN A 46 -6.19 -5.10 3.52
C GLN A 46 -6.66 -3.64 3.48
N VAL A 47 -7.75 -3.37 4.18
CA VAL A 47 -8.31 -2.01 4.21
C VAL A 47 -8.60 -1.58 5.65
N LYS A 48 -7.94 -0.52 6.09
CA LYS A 48 -8.12 0.00 7.43
C LYS A 48 -9.42 0.82 7.53
N LYS A 49 -10.16 0.62 8.63
CA LYS A 49 -11.40 1.33 8.85
C LYS A 49 -11.47 1.90 10.26
N ASP A 50 -12.16 3.03 10.41
CA ASP A 50 -12.30 3.67 11.71
C ASP A 50 -13.37 2.99 12.54
N LEU A 51 -13.37 3.26 13.84
CA LEU A 51 -14.35 2.67 14.76
C LEU A 51 -15.25 3.73 15.34
N LYS A 52 -14.94 5.00 15.06
CA LYS A 52 -15.73 6.12 15.56
C LYS A 52 -16.89 6.43 14.61
N THR A 53 -16.65 6.30 13.32
CA THR A 53 -17.67 6.57 12.32
C THR A 53 -17.99 5.31 11.51
N GLY A 54 -17.02 4.39 11.45
CA GLY A 54 -17.23 3.16 10.71
C GLY A 54 -16.81 3.28 9.25
N HIS A 55 -16.48 4.51 8.84
CA HIS A 55 -16.06 4.75 7.47
C HIS A 55 -14.57 4.47 7.29
N SER A 56 -14.22 3.86 6.16
CA SER A 56 -12.83 3.53 5.87
C SER A 56 -11.91 4.71 6.18
N LYS A 57 -10.71 4.41 6.63
CA LYS A 57 -9.74 5.45 6.96
C LYS A 57 -9.17 6.09 5.69
N GLY A 58 -9.43 5.45 4.55
CA GLY A 58 -8.95 5.98 3.29
C GLY A 58 -7.57 5.44 2.92
N PHE A 59 -7.10 4.48 3.70
CA PHE A 59 -5.78 3.88 3.45
C PHE A 59 -5.77 2.41 3.87
N GLY A 60 -4.84 1.65 3.31
CA GLY A 60 -4.73 0.24 3.64
C GLY A 60 -3.38 -0.33 3.30
N PHE A 61 -3.26 -1.66 3.37
CA PHE A 61 -2.00 -2.33 3.07
C PHE A 61 -2.16 -3.31 1.92
N VAL A 62 -1.15 -3.41 1.07
CA VAL A 62 -1.18 -4.31 -0.07
C VAL A 62 0.22 -4.77 -0.44
N ARG A 63 0.32 -5.98 -1.00
CA ARG A 63 1.60 -6.54 -1.39
C ARG A 63 1.46 -7.37 -2.67
N PHE A 64 2.39 -7.19 -3.59
CA PHE A 64 2.38 -7.91 -4.86
C PHE A 64 3.26 -9.16 -4.78
N THR A 65 3.13 -10.02 -5.79
CA THR A 65 3.91 -11.25 -5.84
C THR A 65 5.32 -10.99 -6.33
N GLU A 66 5.47 -10.05 -7.25
CA GLU A 66 6.77 -9.71 -7.80
C GLU A 66 7.24 -8.35 -7.29
N TYR A 67 8.50 -8.29 -6.86
CA TYR A 67 9.06 -7.05 -6.34
C TYR A 67 9.04 -5.95 -7.40
N GLU A 68 9.23 -6.34 -8.66
CA GLU A 68 9.22 -5.39 -9.75
C GLU A 68 7.85 -4.74 -9.91
N THR A 69 6.81 -5.51 -9.64
CA THR A 69 5.43 -5.01 -9.76
C THR A 69 5.13 -3.99 -8.66
N GLN A 70 5.47 -4.34 -7.42
CA GLN A 70 5.23 -3.45 -6.29
C GLN A 70 6.06 -2.18 -6.41
N VAL A 71 7.31 -2.33 -6.88
CA VAL A 71 8.20 -1.19 -7.04
C VAL A 71 7.69 -0.24 -8.12
N LYS A 72 7.30 -0.79 -9.25
CA LYS A 72 6.79 0.02 -10.36
C LYS A 72 5.48 0.70 -9.97
N VAL A 73 4.75 0.09 -9.05
CA VAL A 73 3.48 0.64 -8.59
C VAL A 73 3.70 1.92 -7.80
N MET A 74 4.66 1.90 -6.89
CA MET A 74 4.97 3.07 -6.07
C MET A 74 5.54 4.19 -6.92
N SER A 75 6.12 3.83 -8.06
CA SER A 75 6.72 4.82 -8.95
C SER A 75 5.64 5.73 -9.54
N GLN A 76 4.63 5.12 -10.15
CA GLN A 76 3.54 5.87 -10.75
C GLN A 76 2.27 5.79 -9.91
N ARG A 77 1.36 6.74 -10.10
CA ARG A 77 0.12 6.77 -9.35
C ARG A 77 -0.95 5.91 -10.03
N HIS A 78 -2.13 5.84 -9.42
CA HIS A 78 -3.23 5.07 -9.96
C HIS A 78 -4.58 5.66 -9.56
N MET A 79 -5.51 5.69 -10.51
CA MET A 79 -6.84 6.24 -10.25
C MET A 79 -7.84 5.12 -10.00
N ILE A 80 -8.27 5.00 -8.74
CA ILE A 80 -9.24 3.97 -8.37
C ILE A 80 -10.63 4.56 -8.21
N ASP A 81 -11.56 4.10 -9.05
CA ASP A 81 -12.93 4.58 -9.00
C ASP A 81 -12.99 6.10 -9.17
N GLY A 82 -12.03 6.64 -9.92
CA GLY A 82 -11.99 8.07 -10.14
C GLY A 82 -11.33 8.82 -9.00
N ARG A 83 -10.86 8.08 -8.00
CA ARG A 83 -10.20 8.68 -6.85
C ARG A 83 -8.69 8.58 -6.97
N TRP A 84 -7.99 9.56 -6.40
CA TRP A 84 -6.54 9.59 -6.44
C TRP A 84 -5.94 8.74 -5.33
N CYS A 85 -5.10 7.78 -5.71
CA CYS A 85 -4.46 6.89 -4.74
C CYS A 85 -2.96 6.79 -5.01
N ASP A 86 -2.19 6.73 -3.93
CA ASP A 86 -0.73 6.63 -4.05
C ASP A 86 -0.19 5.50 -3.17
N CYS A 87 0.82 4.81 -3.67
CA CYS A 87 1.42 3.70 -2.94
C CYS A 87 2.79 4.10 -2.39
N LYS A 88 2.98 3.95 -1.09
CA LYS A 88 4.25 4.28 -0.45
C LYS A 88 4.61 3.26 0.62
N LEU A 89 5.88 3.20 0.98
CA LEU A 89 6.36 2.26 1.99
C LEU A 89 6.11 2.81 3.39
N PRO A 90 5.76 1.90 4.32
CA PRO A 90 5.48 2.26 5.71
C PRO A 90 6.75 2.69 6.46
N ASN A 91 6.70 3.87 7.05
CA ASN A 91 7.83 4.41 7.80
C ASN A 91 7.58 4.34 9.30
N SER A 92 8.59 4.72 10.09
CA SER A 92 8.47 4.69 11.54
C SER A 92 7.23 5.46 12.00
N LYS A 93 6.97 6.59 11.35
CA LYS A 93 5.81 7.42 11.68
C LYS A 93 4.59 6.55 11.98
N GLN A 94 4.20 5.74 10.99
CA GLN A 94 3.05 4.86 11.14
C GLN A 94 3.48 3.43 11.43
N SER A 95 3.26 2.99 12.67
CA SER A 95 3.63 1.64 13.08
C SER A 95 2.42 0.88 13.60
N GLN A 96 1.67 0.27 12.69
CA GLN A 96 0.48 -0.49 13.06
C GLN A 96 0.82 -1.54 14.11
N ASP A 97 0.04 -1.56 15.19
CA ASP A 97 0.25 -2.51 16.27
C ASP A 97 -0.29 -3.89 15.89
N SER A 98 0.18 -4.92 16.59
CA SER A 98 -0.26 -6.29 16.33
C SER A 98 -0.02 -7.17 17.55
N GLY A 99 -0.57 -8.38 17.51
CA GLY A 99 -0.40 -9.31 18.61
C GLY A 99 -0.34 -8.61 19.95
N PRO A 100 0.87 -8.36 20.44
CA PRO A 100 1.09 -7.69 21.73
C PRO A 100 0.71 -6.21 21.69
N SER A 101 -0.46 -5.90 22.24
CA SER A 101 -0.96 -4.53 22.27
C SER A 101 -1.25 -4.08 23.69
N SER A 102 -0.51 -3.08 24.15
CA SER A 102 -0.68 -2.55 25.50
C SER A 102 -2.04 -1.89 25.66
N GLY A 103 -2.96 -2.59 26.32
CA GLY A 103 -4.30 -2.05 26.53
C GLY A 103 -5.34 -3.15 26.64
N GLY A 1 32.53 1.82 -27.20
CA GLY A 1 31.56 2.75 -26.64
C GLY A 1 32.18 4.08 -26.25
N SER A 2 32.25 5.00 -27.22
CA SER A 2 32.83 6.31 -26.97
C SER A 2 32.04 7.07 -25.92
N SER A 3 30.73 7.19 -26.15
CA SER A 3 29.86 7.90 -25.21
C SER A 3 28.94 6.93 -24.49
N GLY A 4 29.18 6.73 -23.20
CA GLY A 4 28.37 5.83 -22.41
C GLY A 4 29.05 5.42 -21.12
N SER A 5 28.44 4.47 -20.41
CA SER A 5 28.98 3.99 -19.15
C SER A 5 28.30 2.70 -18.71
N SER A 6 29.10 1.75 -18.21
CA SER A 6 28.58 0.47 -17.76
C SER A 6 27.71 0.64 -16.52
N GLY A 7 28.25 1.34 -15.52
CA GLY A 7 27.51 1.57 -14.29
C GLY A 7 27.28 0.28 -13.51
N VAL A 8 28.17 0.01 -12.56
CA VAL A 8 28.06 -1.19 -11.75
C VAL A 8 27.33 -0.91 -10.44
N LYS A 9 26.01 -0.88 -10.51
CA LYS A 9 25.18 -0.63 -9.34
C LYS A 9 23.74 -1.07 -9.57
N ARG A 10 23.09 -1.53 -8.51
CA ARG A 10 21.71 -1.99 -8.60
C ARG A 10 21.01 -1.90 -7.24
N ALA A 11 19.68 -1.88 -7.26
CA ALA A 11 18.90 -1.80 -6.03
C ALA A 11 18.08 -3.06 -5.82
N VAL A 12 18.42 -3.83 -4.80
CA VAL A 12 17.71 -5.06 -4.49
C VAL A 12 17.07 -4.99 -3.11
N GLN A 13 15.89 -5.58 -2.98
CA GLN A 13 15.17 -5.58 -1.71
C GLN A 13 13.97 -6.52 -1.77
N LYS A 14 13.79 -7.30 -0.71
CA LYS A 14 12.68 -8.24 -0.64
C LYS A 14 11.34 -7.50 -0.51
N THR A 15 10.32 -8.02 -1.19
CA THR A 15 9.00 -7.40 -1.16
C THR A 15 8.61 -7.01 0.26
N SER A 16 7.75 -6.00 0.38
CA SER A 16 7.31 -5.53 1.68
C SER A 16 5.89 -4.98 1.60
N ASP A 17 5.22 -4.90 2.75
CA ASP A 17 3.86 -4.39 2.81
C ASP A 17 3.80 -2.93 2.37
N LEU A 18 3.02 -2.66 1.33
CA LEU A 18 2.88 -1.30 0.82
C LEU A 18 1.58 -0.67 1.32
N ILE A 19 1.67 0.59 1.74
CA ILE A 19 0.51 1.32 2.23
C ILE A 19 -0.02 2.30 1.19
N VAL A 20 -1.32 2.24 0.92
CA VAL A 20 -1.94 3.12 -0.06
C VAL A 20 -2.77 4.19 0.64
N LEU A 21 -2.60 5.43 0.20
CA LEU A 21 -3.33 6.56 0.78
C LEU A 21 -4.23 7.22 -0.27
N GLY A 22 -5.31 7.83 0.18
CA GLY A 22 -6.23 8.50 -0.73
C GLY A 22 -7.22 7.54 -1.35
N LEU A 23 -7.52 6.45 -0.65
CA LEU A 23 -8.46 5.46 -1.14
C LEU A 23 -9.88 5.82 -0.77
N PRO A 24 -10.83 5.56 -1.68
CA PRO A 24 -12.24 5.84 -1.47
C PRO A 24 -12.88 4.93 -0.41
N TRP A 25 -14.18 5.06 -0.22
CA TRP A 25 -14.90 4.24 0.76
C TRP A 25 -15.50 3.01 0.08
N LYS A 26 -16.13 3.21 -1.06
CA LYS A 26 -16.74 2.11 -1.81
C LYS A 26 -15.74 0.99 -2.05
N THR A 27 -14.49 1.36 -2.28
CA THR A 27 -13.43 0.38 -2.53
C THR A 27 -13.13 -0.42 -1.28
N THR A 28 -13.30 -1.74 -1.36
CA THR A 28 -13.04 -2.61 -0.23
C THR A 28 -11.86 -3.54 -0.51
N GLU A 29 -11.59 -4.44 0.42
CA GLU A 29 -10.48 -5.38 0.28
C GLU A 29 -10.71 -6.31 -0.92
N GLN A 30 -11.97 -6.65 -1.16
CA GLN A 30 -12.33 -7.52 -2.27
C GLN A 30 -12.09 -6.83 -3.61
N ASP A 31 -12.52 -5.58 -3.71
CA ASP A 31 -12.35 -4.80 -4.93
C ASP A 31 -10.89 -4.45 -5.16
N LEU A 32 -10.18 -4.17 -4.07
CA LEU A 32 -8.76 -3.82 -4.14
C LEU A 32 -7.94 -4.99 -4.68
N LYS A 33 -8.32 -6.20 -4.28
CA LYS A 33 -7.61 -7.39 -4.73
C LYS A 33 -7.80 -7.61 -6.22
N GLU A 34 -9.02 -7.39 -6.71
CA GLU A 34 -9.32 -7.56 -8.12
C GLU A 34 -8.62 -6.49 -8.96
N TYR A 35 -8.66 -5.26 -8.49
CA TYR A 35 -8.04 -4.15 -9.19
C TYR A 35 -6.52 -4.32 -9.23
N PHE A 36 -5.93 -4.54 -8.06
CA PHE A 36 -4.49 -4.72 -7.95
C PHE A 36 -4.01 -5.88 -8.83
N SER A 37 -4.87 -6.89 -8.98
CA SER A 37 -4.54 -8.05 -9.78
C SER A 37 -4.27 -7.66 -11.23
N THR A 38 -4.82 -6.52 -11.64
CA THR A 38 -4.65 -6.03 -12.99
C THR A 38 -3.18 -5.76 -13.30
N PHE A 39 -2.40 -5.48 -12.26
CA PHE A 39 -0.98 -5.20 -12.41
C PHE A 39 -0.18 -6.49 -12.46
N GLY A 40 -0.67 -7.52 -11.77
CA GLY A 40 0.01 -8.81 -11.76
C GLY A 40 -0.72 -9.84 -10.92
N GLU A 41 -0.20 -10.11 -9.73
CA GLU A 41 -0.80 -11.08 -8.83
C GLU A 41 -0.80 -10.58 -7.39
N VAL A 42 -1.98 -10.23 -6.89
CA VAL A 42 -2.11 -9.73 -5.53
C VAL A 42 -1.58 -10.74 -4.52
N LEU A 43 -0.81 -10.27 -3.55
CA LEU A 43 -0.25 -11.12 -2.52
C LEU A 43 -0.93 -10.89 -1.17
N MET A 44 -1.33 -9.65 -0.93
CA MET A 44 -2.00 -9.29 0.32
C MET A 44 -2.90 -8.07 0.12
N VAL A 45 -4.08 -8.11 0.73
CA VAL A 45 -5.03 -7.00 0.62
C VAL A 45 -5.73 -6.75 1.95
N GLN A 46 -5.84 -5.49 2.32
CA GLN A 46 -6.49 -5.11 3.58
C GLN A 46 -6.95 -3.65 3.53
N VAL A 47 -8.02 -3.36 4.26
CA VAL A 47 -8.56 -2.00 4.30
C VAL A 47 -8.83 -1.57 5.74
N LYS A 48 -8.13 -0.53 6.18
CA LYS A 48 -8.29 -0.01 7.52
C LYS A 48 -9.57 0.81 7.65
N LYS A 49 -10.30 0.60 8.75
CA LYS A 49 -11.55 1.31 8.99
C LYS A 49 -11.51 2.02 10.33
N ASP A 50 -12.39 3.00 10.50
CA ASP A 50 -12.46 3.75 11.75
C ASP A 50 -13.42 3.08 12.74
N LEU A 51 -13.27 3.40 14.02
CA LEU A 51 -14.11 2.82 15.06
C LEU A 51 -15.00 3.89 15.69
N LYS A 52 -14.71 5.16 15.38
CA LYS A 52 -15.49 6.27 15.91
C LYS A 52 -16.76 6.48 15.11
N THR A 53 -16.70 6.18 13.82
CA THR A 53 -17.85 6.33 12.93
C THR A 53 -18.18 5.02 12.23
N GLY A 54 -17.15 4.32 11.76
CA GLY A 54 -17.35 3.06 11.08
C GLY A 54 -17.15 3.18 9.58
N HIS A 55 -16.29 4.11 9.17
CA HIS A 55 -16.01 4.32 7.75
C HIS A 55 -14.53 4.13 7.46
N SER A 56 -14.24 3.61 6.27
CA SER A 56 -12.86 3.37 5.86
C SER A 56 -11.98 4.57 6.20
N LYS A 57 -10.76 4.29 6.67
CA LYS A 57 -9.82 5.35 7.02
C LYS A 57 -9.26 6.03 5.78
N GLY A 58 -9.54 5.44 4.62
CA GLY A 58 -9.07 6.01 3.36
C GLY A 58 -7.72 5.46 2.95
N PHE A 59 -7.26 4.44 3.67
CA PHE A 59 -5.97 3.83 3.38
C PHE A 59 -5.97 2.35 3.76
N GLY A 60 -4.99 1.61 3.25
CA GLY A 60 -4.90 0.19 3.55
C GLY A 60 -3.52 -0.37 3.26
N PHE A 61 -3.39 -1.69 3.37
CA PHE A 61 -2.12 -2.36 3.12
C PHE A 61 -2.25 -3.36 1.97
N VAL A 62 -1.21 -3.44 1.15
CA VAL A 62 -1.19 -4.36 0.01
C VAL A 62 0.23 -4.81 -0.32
N ARG A 63 0.35 -6.00 -0.87
CA ARG A 63 1.65 -6.54 -1.25
C ARG A 63 1.56 -7.31 -2.56
N PHE A 64 2.57 -7.14 -3.41
CA PHE A 64 2.62 -7.82 -4.70
C PHE A 64 3.58 -9.00 -4.65
N THR A 65 3.27 -10.05 -5.43
CA THR A 65 4.11 -11.23 -5.48
C THR A 65 5.49 -10.90 -6.03
N GLU A 66 5.53 -10.05 -7.05
CA GLU A 66 6.79 -9.65 -7.66
C GLU A 66 7.24 -8.28 -7.14
N TYR A 67 8.49 -8.22 -6.67
CA TYR A 67 9.04 -6.98 -6.15
C TYR A 67 9.03 -5.88 -7.21
N GLU A 68 9.26 -6.28 -8.46
CA GLU A 68 9.27 -5.33 -9.57
C GLU A 68 7.89 -4.69 -9.75
N THR A 69 6.84 -5.47 -9.49
CA THR A 69 5.48 -4.98 -9.63
C THR A 69 5.19 -3.86 -8.64
N GLN A 70 5.55 -4.08 -7.38
CA GLN A 70 5.33 -3.10 -6.34
C GLN A 70 6.14 -1.84 -6.59
N VAL A 71 7.38 -2.03 -7.05
CA VAL A 71 8.27 -0.91 -7.33
C VAL A 71 7.70 -0.01 -8.43
N LYS A 72 7.30 -0.63 -9.54
CA LYS A 72 6.73 0.11 -10.66
C LYS A 72 5.39 0.75 -10.27
N VAL A 73 4.63 0.05 -9.43
CA VAL A 73 3.34 0.55 -8.98
C VAL A 73 3.50 1.78 -8.08
N MET A 74 4.45 1.69 -7.15
CA MET A 74 4.72 2.79 -6.23
C MET A 74 5.29 3.99 -6.97
N SER A 75 5.78 3.76 -8.18
CA SER A 75 6.36 4.82 -8.98
C SER A 75 5.28 5.70 -9.58
N GLN A 76 4.55 5.18 -10.56
CA GLN A 76 3.49 5.92 -11.22
C GLN A 76 2.21 5.87 -10.39
N ARG A 77 1.42 6.93 -10.47
CA ARG A 77 0.16 7.01 -9.73
C ARG A 77 -0.90 6.12 -10.38
N HIS A 78 -2.07 6.04 -9.73
CA HIS A 78 -3.16 5.23 -10.24
C HIS A 78 -4.50 5.81 -9.80
N MET A 79 -5.50 5.71 -10.68
CA MET A 79 -6.83 6.22 -10.39
C MET A 79 -7.80 5.08 -10.08
N ILE A 80 -8.34 5.09 -8.86
CA ILE A 80 -9.27 4.06 -8.43
C ILE A 80 -10.65 4.65 -8.16
N ASP A 81 -11.63 4.27 -8.98
CA ASP A 81 -12.99 4.76 -8.82
C ASP A 81 -13.05 6.27 -8.94
N GLY A 82 -12.14 6.83 -9.75
CA GLY A 82 -12.11 8.27 -9.93
C GLY A 82 -11.42 8.98 -8.78
N ARG A 83 -10.54 8.28 -8.09
CA ARG A 83 -9.82 8.85 -6.96
C ARG A 83 -8.31 8.68 -7.13
N TRP A 84 -7.55 9.67 -6.68
CA TRP A 84 -6.10 9.63 -6.79
C TRP A 84 -5.49 8.87 -5.61
N CYS A 85 -4.76 7.80 -5.90
CA CYS A 85 -4.13 7.00 -4.87
C CYS A 85 -2.67 6.73 -5.20
N ASP A 86 -1.83 6.69 -4.17
CA ASP A 86 -0.40 6.44 -4.36
C ASP A 86 0.09 5.36 -3.40
N CYS A 87 0.96 4.48 -3.91
CA CYS A 87 1.50 3.40 -3.10
C CYS A 87 2.89 3.75 -2.60
N LYS A 88 3.09 3.64 -1.29
CA LYS A 88 4.38 3.94 -0.67
C LYS A 88 4.71 2.94 0.42
N LEU A 89 5.99 2.83 0.77
CA LEU A 89 6.44 1.92 1.80
C LEU A 89 6.37 2.58 3.19
N PRO A 90 6.01 1.78 4.20
CA PRO A 90 5.90 2.26 5.58
C PRO A 90 7.25 2.59 6.19
N ASN A 91 8.31 2.46 5.38
CA ASN A 91 9.66 2.75 5.85
C ASN A 91 9.68 3.96 6.77
N SER A 92 8.84 4.94 6.46
CA SER A 92 8.75 6.16 7.27
C SER A 92 7.92 5.92 8.53
N LYS A 93 8.20 4.81 9.21
CA LYS A 93 7.47 4.47 10.43
C LYS A 93 6.00 4.84 10.32
N GLN A 94 5.44 4.66 9.13
CA GLN A 94 4.03 4.98 8.89
C GLN A 94 3.15 3.78 9.16
N SER A 95 3.49 3.01 10.20
CA SER A 95 2.73 1.83 10.56
C SER A 95 2.26 1.90 12.01
N GLN A 96 1.16 2.61 12.22
CA GLN A 96 0.60 2.76 13.58
C GLN A 96 -0.14 1.49 14.00
N ASP A 97 -0.09 1.20 15.30
CA ASP A 97 -0.76 0.02 15.83
C ASP A 97 -1.84 0.41 16.84
N SER A 98 -1.46 1.23 17.81
CA SER A 98 -2.40 1.68 18.84
C SER A 98 -2.75 3.14 18.64
N GLY A 99 -4.05 3.44 18.61
CA GLY A 99 -4.50 4.80 18.42
C GLY A 99 -4.04 5.72 19.54
N PRO A 100 -3.64 6.95 19.18
CA PRO A 100 -3.17 7.94 20.16
C PRO A 100 -4.29 8.47 21.04
N SER A 101 -3.92 9.07 22.16
CA SER A 101 -4.91 9.61 23.10
C SER A 101 -5.25 11.06 22.74
N SER A 102 -6.09 11.24 21.73
CA SER A 102 -6.49 12.56 21.29
C SER A 102 -7.34 13.25 22.36
N GLY A 103 -8.32 12.52 22.88
CA GLY A 103 -9.19 13.08 23.91
C GLY A 103 -9.72 14.44 23.53
N GLY A 1 15.38 19.61 -30.54
CA GLY A 1 14.69 18.63 -29.71
C GLY A 1 14.75 18.97 -28.24
N SER A 2 14.99 17.96 -27.41
CA SER A 2 15.06 18.15 -25.96
C SER A 2 16.05 17.17 -25.34
N SER A 3 17.22 17.68 -24.94
CA SER A 3 18.24 16.84 -24.33
C SER A 3 17.67 16.07 -23.14
N GLY A 4 16.95 16.77 -22.28
CA GLY A 4 16.37 16.14 -21.12
C GLY A 4 17.39 15.38 -20.30
N SER A 5 16.96 14.84 -19.17
CA SER A 5 17.85 14.09 -18.29
C SER A 5 17.10 12.97 -17.58
N SER A 6 17.55 11.74 -17.77
CA SER A 6 16.92 10.58 -17.15
C SER A 6 17.95 9.73 -16.41
N GLY A 7 17.67 9.45 -15.14
CA GLY A 7 18.58 8.65 -14.34
C GLY A 7 18.03 8.34 -12.96
N VAL A 8 17.25 7.26 -12.87
CA VAL A 8 16.66 6.87 -11.60
C VAL A 8 17.58 5.93 -10.83
N LYS A 9 17.29 5.73 -9.54
CA LYS A 9 18.09 4.86 -8.70
C LYS A 9 17.43 3.48 -8.55
N ARG A 10 18.23 2.43 -8.64
CA ARG A 10 17.73 1.07 -8.51
C ARG A 10 18.22 0.43 -7.23
N ALA A 11 17.43 -0.51 -6.70
CA ALA A 11 17.79 -1.21 -5.46
C ALA A 11 17.20 -2.61 -5.44
N VAL A 12 17.74 -3.46 -4.56
CA VAL A 12 17.26 -4.83 -4.44
C VAL A 12 16.78 -5.12 -3.02
N GLN A 13 15.59 -5.69 -2.91
CA GLN A 13 15.03 -6.02 -1.61
C GLN A 13 13.72 -6.78 -1.76
N LYS A 14 13.58 -7.88 -1.02
CA LYS A 14 12.37 -8.69 -1.08
C LYS A 14 11.13 -7.83 -0.94
N THR A 15 10.05 -8.24 -1.60
CA THR A 15 8.80 -7.50 -1.55
C THR A 15 8.41 -7.16 -0.11
N SER A 16 7.71 -6.04 0.06
CA SER A 16 7.30 -5.59 1.38
C SER A 16 5.89 -5.01 1.33
N ASP A 17 5.27 -4.88 2.50
CA ASP A 17 3.92 -4.33 2.60
C ASP A 17 3.90 -2.86 2.22
N LEU A 18 3.06 -2.50 1.26
CA LEU A 18 2.94 -1.12 0.81
C LEU A 18 1.60 -0.52 1.22
N ILE A 19 1.64 0.66 1.82
CA ILE A 19 0.43 1.34 2.24
C ILE A 19 -0.04 2.36 1.21
N VAL A 20 -1.34 2.38 0.95
CA VAL A 20 -1.91 3.31 -0.03
C VAL A 20 -2.72 4.40 0.66
N LEU A 21 -2.48 5.65 0.26
CA LEU A 21 -3.18 6.78 0.84
C LEU A 21 -4.09 7.44 -0.20
N GLY A 22 -5.27 7.87 0.25
CA GLY A 22 -6.20 8.53 -0.65
C GLY A 22 -7.18 7.55 -1.28
N LEU A 23 -7.54 6.51 -0.53
CA LEU A 23 -8.47 5.51 -1.02
C LEU A 23 -9.90 5.83 -0.59
N PRO A 24 -10.85 5.63 -1.51
CA PRO A 24 -12.27 5.88 -1.25
C PRO A 24 -12.88 4.89 -0.27
N TRP A 25 -14.15 5.08 0.06
CA TRP A 25 -14.84 4.19 0.98
C TRP A 25 -15.40 2.98 0.25
N LYS A 26 -16.08 3.22 -0.87
CA LYS A 26 -16.67 2.14 -1.65
C LYS A 26 -15.68 0.99 -1.83
N THR A 27 -14.40 1.33 -2.00
CA THR A 27 -13.37 0.33 -2.17
C THR A 27 -13.22 -0.53 -0.92
N THR A 28 -12.91 -1.82 -1.13
CA THR A 28 -12.74 -2.75 -0.01
C THR A 28 -11.61 -3.73 -0.28
N GLU A 29 -11.37 -4.62 0.67
CA GLU A 29 -10.31 -5.62 0.53
C GLU A 29 -10.58 -6.54 -0.65
N GLN A 30 -11.84 -6.97 -0.79
CA GLN A 30 -12.23 -7.85 -1.87
C GLN A 30 -12.10 -7.16 -3.21
N ASP A 31 -12.55 -5.91 -3.27
CA ASP A 31 -12.49 -5.13 -4.51
C ASP A 31 -11.05 -4.75 -4.84
N LEU A 32 -10.27 -4.47 -3.80
CA LEU A 32 -8.87 -4.09 -3.98
C LEU A 32 -8.06 -5.26 -4.55
N LYS A 33 -8.38 -6.47 -4.11
CA LYS A 33 -7.69 -7.66 -4.57
C LYS A 33 -7.88 -7.86 -6.07
N GLU A 34 -9.10 -7.63 -6.55
CA GLU A 34 -9.41 -7.78 -7.96
C GLU A 34 -8.78 -6.66 -8.78
N TYR A 35 -8.84 -5.44 -8.25
CA TYR A 35 -8.28 -4.28 -8.92
C TYR A 35 -6.76 -4.39 -9.03
N PHE A 36 -6.11 -4.55 -7.87
CA PHE A 36 -4.66 -4.67 -7.83
C PHE A 36 -4.18 -5.86 -8.64
N SER A 37 -5.01 -6.91 -8.69
CA SER A 37 -4.67 -8.12 -9.43
C SER A 37 -4.48 -7.81 -10.91
N THR A 38 -5.01 -6.67 -11.34
CA THR A 38 -4.91 -6.25 -12.74
C THR A 38 -3.46 -6.07 -13.15
N PHE A 39 -2.62 -5.69 -12.20
CA PHE A 39 -1.20 -5.49 -12.47
C PHE A 39 -0.47 -6.81 -12.60
N GLY A 40 -0.93 -7.81 -11.86
CA GLY A 40 -0.31 -9.13 -11.91
C GLY A 40 -0.97 -10.13 -10.98
N GLU A 41 -0.48 -10.18 -9.75
CA GLU A 41 -1.03 -11.10 -8.75
C GLU A 41 -0.91 -10.51 -7.35
N VAL A 42 -2.07 -10.20 -6.75
CA VAL A 42 -2.10 -9.64 -5.41
C VAL A 42 -1.55 -10.61 -4.37
N LEU A 43 -0.60 -10.16 -3.57
CA LEU A 43 0.00 -10.99 -2.55
C LEU A 43 -0.63 -10.73 -1.18
N MET A 44 -1.09 -9.50 -0.97
CA MET A 44 -1.71 -9.13 0.29
C MET A 44 -2.64 -7.92 0.10
N VAL A 45 -3.81 -7.97 0.73
CA VAL A 45 -4.78 -6.89 0.63
C VAL A 45 -5.44 -6.61 1.98
N GLN A 46 -5.58 -5.35 2.32
CA GLN A 46 -6.20 -4.95 3.58
C GLN A 46 -6.69 -3.51 3.52
N VAL A 47 -7.80 -3.25 4.21
CA VAL A 47 -8.39 -1.91 4.23
C VAL A 47 -8.69 -1.47 5.65
N LYS A 48 -7.98 -0.46 6.12
CA LYS A 48 -8.19 0.07 7.47
C LYS A 48 -9.45 0.93 7.54
N LYS A 49 -10.18 0.80 8.65
CA LYS A 49 -11.40 1.57 8.84
C LYS A 49 -11.51 2.08 10.27
N ASP A 50 -12.41 3.01 10.50
CA ASP A 50 -12.62 3.59 11.83
C ASP A 50 -13.78 2.91 12.54
N LEU A 51 -13.79 3.00 13.86
CA LEU A 51 -14.85 2.40 14.67
C LEU A 51 -15.80 3.46 15.20
N LYS A 52 -15.53 4.72 14.87
CA LYS A 52 -16.36 5.83 15.32
C LYS A 52 -17.61 5.96 14.46
N THR A 53 -17.43 6.06 13.16
CA THR A 53 -18.54 6.19 12.23
C THR A 53 -18.67 4.95 11.35
N GLY A 54 -17.58 4.20 11.23
CA GLY A 54 -17.59 3.00 10.42
C GLY A 54 -17.25 3.28 8.97
N HIS A 55 -16.38 4.26 8.75
CA HIS A 55 -15.97 4.63 7.40
C HIS A 55 -14.47 4.42 7.22
N SER A 56 -14.10 3.74 6.13
CA SER A 56 -12.70 3.47 5.84
C SER A 56 -11.83 4.68 6.19
N LYS A 57 -10.64 4.40 6.73
CA LYS A 57 -9.71 5.46 7.12
C LYS A 57 -9.12 6.14 5.88
N GLY A 58 -9.42 5.58 4.70
CA GLY A 58 -8.92 6.16 3.47
C GLY A 58 -7.53 5.64 3.12
N PHE A 59 -7.08 4.61 3.83
CA PHE A 59 -5.77 4.04 3.60
C PHE A 59 -5.77 2.54 3.93
N GLY A 60 -4.86 1.80 3.29
CA GLY A 60 -4.78 0.38 3.52
C GLY A 60 -3.41 -0.19 3.18
N PHE A 61 -3.24 -1.49 3.38
CA PHE A 61 -1.97 -2.15 3.09
C PHE A 61 -2.12 -3.17 1.97
N VAL A 62 -1.11 -3.25 1.11
CA VAL A 62 -1.15 -4.18 -0.02
C VAL A 62 0.27 -4.62 -0.40
N ARG A 63 0.39 -5.83 -0.92
CA ARG A 63 1.68 -6.37 -1.32
C ARG A 63 1.56 -7.16 -2.62
N PHE A 64 2.60 -7.10 -3.46
CA PHE A 64 2.59 -7.82 -4.73
C PHE A 64 3.53 -9.02 -4.68
N THR A 65 3.32 -9.97 -5.58
CA THR A 65 4.14 -11.18 -5.63
C THR A 65 5.51 -10.87 -6.21
N GLU A 66 5.53 -10.20 -7.36
CA GLU A 66 6.78 -9.86 -8.02
C GLU A 66 7.27 -8.48 -7.59
N TYR A 67 8.55 -8.38 -7.25
CA TYR A 67 9.13 -7.12 -6.81
C TYR A 67 9.04 -6.07 -7.90
N GLU A 68 9.14 -6.50 -9.15
CA GLU A 68 9.07 -5.60 -10.29
C GLU A 68 7.70 -4.94 -10.36
N THR A 69 6.67 -5.66 -9.94
CA THR A 69 5.30 -5.15 -9.97
C THR A 69 5.11 -4.05 -8.92
N GLN A 70 5.56 -4.32 -7.70
CA GLN A 70 5.44 -3.36 -6.61
C GLN A 70 6.27 -2.12 -6.89
N VAL A 71 7.45 -2.31 -7.48
CA VAL A 71 8.34 -1.20 -7.81
C VAL A 71 7.72 -0.30 -8.89
N LYS A 72 7.16 -0.93 -9.91
CA LYS A 72 6.53 -0.20 -11.00
C LYS A 72 5.29 0.57 -10.52
N VAL A 73 4.53 -0.08 -9.64
CA VAL A 73 3.31 0.53 -9.10
C VAL A 73 3.65 1.74 -8.24
N MET A 74 4.69 1.60 -7.41
CA MET A 74 5.11 2.69 -6.53
C MET A 74 5.72 3.83 -7.33
N SER A 75 6.24 3.51 -8.51
CA SER A 75 6.85 4.52 -9.37
C SER A 75 5.86 5.63 -9.70
N GLN A 76 4.75 5.27 -10.33
CA GLN A 76 3.72 6.24 -10.70
C GLN A 76 2.49 6.08 -9.84
N ARG A 77 1.57 7.03 -9.94
CA ARG A 77 0.34 6.99 -9.17
C ARG A 77 -0.71 6.10 -9.84
N HIS A 78 -1.91 6.07 -9.27
CA HIS A 78 -2.99 5.26 -9.81
C HIS A 78 -4.35 5.85 -9.46
N MET A 79 -5.27 5.81 -10.42
CA MET A 79 -6.62 6.35 -10.20
C MET A 79 -7.62 5.23 -9.92
N ILE A 80 -8.20 5.25 -8.73
CA ILE A 80 -9.17 4.24 -8.34
C ILE A 80 -10.57 4.84 -8.21
N ASP A 81 -11.48 4.43 -9.08
CA ASP A 81 -12.84 4.92 -9.06
C ASP A 81 -12.88 6.44 -9.24
N GLY A 82 -11.87 6.96 -9.93
CA GLY A 82 -11.81 8.40 -10.16
C GLY A 82 -11.18 9.14 -8.99
N ARG A 83 -10.61 8.39 -8.06
CA ARG A 83 -9.97 8.98 -6.88
C ARG A 83 -8.46 8.86 -6.97
N TRP A 84 -7.75 9.87 -6.49
CA TRP A 84 -6.29 9.87 -6.51
C TRP A 84 -5.73 9.07 -5.32
N CYS A 85 -4.90 8.09 -5.63
CA CYS A 85 -4.29 7.26 -4.59
C CYS A 85 -2.80 7.11 -4.82
N ASP A 86 -2.03 7.09 -3.73
CA ASP A 86 -0.59 6.96 -3.80
C ASP A 86 -0.10 5.80 -2.93
N CYS A 87 0.92 5.11 -3.40
CA CYS A 87 1.49 3.97 -2.67
C CYS A 87 2.83 4.34 -2.04
N LYS A 88 2.95 4.12 -0.74
CA LYS A 88 4.19 4.42 -0.03
C LYS A 88 4.51 3.33 0.99
N LEU A 89 5.78 3.25 1.38
CA LEU A 89 6.22 2.25 2.34
C LEU A 89 5.97 2.72 3.78
N PRO A 90 5.60 1.78 4.65
CA PRO A 90 5.33 2.07 6.06
C PRO A 90 6.58 2.43 6.84
N ASN A 91 7.71 2.49 6.13
CA ASN A 91 8.99 2.83 6.75
C ASN A 91 8.80 3.83 7.87
N SER A 92 7.89 4.78 7.66
CA SER A 92 7.61 5.82 8.66
C SER A 92 6.41 5.45 9.51
N LYS A 93 6.57 5.55 10.82
CA LYS A 93 5.49 5.22 11.75
C LYS A 93 4.37 6.25 11.67
N GLN A 94 3.29 5.89 10.99
CA GLN A 94 2.15 6.78 10.83
C GLN A 94 1.37 6.89 12.15
N SER A 95 0.78 5.78 12.58
CA SER A 95 0.01 5.75 13.81
C SER A 95 0.84 5.18 14.95
N GLN A 96 0.46 5.54 16.18
CA GLN A 96 1.16 5.06 17.37
C GLN A 96 0.24 5.05 18.58
N ASP A 97 0.74 4.52 19.69
CA ASP A 97 -0.04 4.45 20.93
C ASP A 97 0.41 5.52 21.92
N SER A 98 -0.53 6.34 22.37
CA SER A 98 -0.23 7.41 23.32
C SER A 98 -1.24 7.42 24.47
N GLY A 99 -0.82 7.96 25.61
CA GLY A 99 -1.69 8.03 26.76
C GLY A 99 -1.16 7.23 27.94
N PRO A 100 -2.06 6.85 28.85
CA PRO A 100 -1.70 6.08 30.04
C PRO A 100 -1.30 4.65 29.71
N SER A 101 -0.38 4.09 30.50
CA SER A 101 0.10 2.74 30.27
C SER A 101 -1.08 1.77 30.12
N SER A 102 -1.10 1.05 29.00
CA SER A 102 -2.17 0.10 28.72
C SER A 102 -1.60 -1.24 28.30
N GLY A 103 -2.30 -2.31 28.65
CA GLY A 103 -1.84 -3.65 28.29
C GLY A 103 -2.85 -4.40 27.46
N GLY A 1 14.16 22.88 -3.01
CA GLY A 1 14.73 21.75 -3.71
C GLY A 1 15.78 21.03 -2.90
N SER A 2 15.44 19.83 -2.42
CA SER A 2 16.37 19.04 -1.61
C SER A 2 17.07 17.99 -2.46
N SER A 3 18.19 17.50 -1.96
CA SER A 3 18.97 16.49 -2.68
C SER A 3 18.57 15.08 -2.23
N GLY A 4 18.34 14.20 -3.20
CA GLY A 4 17.96 12.84 -2.88
C GLY A 4 16.64 12.76 -2.14
N SER A 5 15.80 11.81 -2.52
CA SER A 5 14.50 11.64 -1.89
C SER A 5 14.50 10.42 -0.96
N SER A 6 14.96 9.29 -1.48
CA SER A 6 15.03 8.06 -0.70
C SER A 6 16.46 7.59 -0.53
N GLY A 7 16.86 7.36 0.72
CA GLY A 7 18.22 6.91 0.99
C GLY A 7 18.28 5.42 1.29
N VAL A 8 18.36 5.08 2.57
CA VAL A 8 18.43 3.69 2.99
C VAL A 8 17.09 3.21 3.54
N LYS A 9 16.50 2.21 2.88
CA LYS A 9 15.22 1.67 3.30
C LYS A 9 15.41 0.31 3.99
N ARG A 10 14.46 -0.05 4.85
CA ARG A 10 14.53 -1.31 5.58
C ARG A 10 13.93 -2.44 4.74
N ALA A 11 14.80 -3.20 4.07
CA ALA A 11 14.36 -4.31 3.23
C ALA A 11 15.30 -5.50 3.38
N VAL A 12 14.74 -6.70 3.28
CA VAL A 12 15.52 -7.93 3.40
C VAL A 12 15.58 -8.68 2.08
N GLN A 13 15.78 -7.94 0.99
CA GLN A 13 15.86 -8.53 -0.34
C GLN A 13 14.61 -9.36 -0.63
N LYS A 14 13.46 -8.86 -0.19
CA LYS A 14 12.20 -9.55 -0.41
C LYS A 14 11.03 -8.57 -0.43
N THR A 15 9.97 -8.92 -1.15
CA THR A 15 8.79 -8.06 -1.25
C THR A 15 8.37 -7.55 0.11
N SER A 16 7.91 -6.30 0.15
CA SER A 16 7.47 -5.68 1.40
C SER A 16 6.09 -5.06 1.25
N ASP A 17 5.31 -5.10 2.32
CA ASP A 17 3.97 -4.53 2.31
C ASP A 17 4.01 -3.03 2.08
N LEU A 18 3.21 -2.57 1.12
CA LEU A 18 3.16 -1.14 0.79
C LEU A 18 1.84 -0.52 1.27
N ILE A 19 1.93 0.70 1.80
CA ILE A 19 0.75 1.39 2.28
C ILE A 19 0.18 2.33 1.22
N VAL A 20 -1.14 2.35 1.09
CA VAL A 20 -1.80 3.19 0.12
C VAL A 20 -2.54 4.34 0.79
N LEU A 21 -2.33 5.56 0.29
CA LEU A 21 -2.98 6.74 0.86
C LEU A 21 -3.88 7.41 -0.17
N GLY A 22 -5.07 7.82 0.25
CA GLY A 22 -5.99 8.48 -0.64
C GLY A 22 -6.91 7.49 -1.34
N LEU A 23 -7.33 6.45 -0.62
CA LEU A 23 -8.22 5.44 -1.18
C LEU A 23 -9.67 5.76 -0.89
N PRO A 24 -10.54 5.55 -1.89
CA PRO A 24 -11.98 5.81 -1.76
C PRO A 24 -12.66 4.82 -0.83
N TRP A 25 -13.76 5.26 -0.22
CA TRP A 25 -14.52 4.41 0.70
C TRP A 25 -15.16 3.23 -0.04
N LYS A 26 -15.96 3.56 -1.06
CA LYS A 26 -16.64 2.54 -1.85
C LYS A 26 -15.72 1.36 -2.11
N THR A 27 -14.42 1.61 -2.11
CA THR A 27 -13.43 0.56 -2.35
C THR A 27 -13.16 -0.24 -1.09
N THR A 28 -13.06 -1.56 -1.24
CA THR A 28 -12.81 -2.44 -0.10
C THR A 28 -11.68 -3.41 -0.41
N GLU A 29 -11.35 -4.25 0.57
CA GLU A 29 -10.27 -5.22 0.41
C GLU A 29 -10.57 -6.18 -0.74
N GLN A 30 -11.82 -6.63 -0.82
CA GLN A 30 -12.23 -7.55 -1.88
C GLN A 30 -12.08 -6.91 -3.25
N ASP A 31 -12.47 -5.65 -3.36
CA ASP A 31 -12.37 -4.92 -4.62
C ASP A 31 -10.92 -4.62 -4.96
N LEU A 32 -10.16 -4.19 -3.95
CA LEU A 32 -8.74 -3.87 -4.14
C LEU A 32 -7.98 -5.07 -4.68
N LYS A 33 -8.31 -6.25 -4.18
CA LYS A 33 -7.66 -7.48 -4.61
C LYS A 33 -7.87 -7.72 -6.10
N GLU A 34 -9.09 -7.47 -6.57
CA GLU A 34 -9.43 -7.65 -7.98
C GLU A 34 -8.77 -6.58 -8.83
N TYR A 35 -8.82 -5.33 -8.37
CA TYR A 35 -8.24 -4.22 -9.10
C TYR A 35 -6.72 -4.38 -9.20
N PHE A 36 -6.07 -4.62 -8.07
CA PHE A 36 -4.63 -4.79 -8.04
C PHE A 36 -4.20 -6.01 -8.86
N SER A 37 -5.06 -7.02 -8.90
CA SER A 37 -4.78 -8.24 -9.66
C SER A 37 -4.56 -7.93 -11.13
N THR A 38 -5.05 -6.77 -11.57
CA THR A 38 -4.90 -6.36 -12.96
C THR A 38 -3.44 -6.18 -13.33
N PHE A 39 -2.63 -5.75 -12.36
CA PHE A 39 -1.21 -5.53 -12.59
C PHE A 39 -0.47 -6.87 -12.67
N GLY A 40 -0.96 -7.85 -11.92
CA GLY A 40 -0.33 -9.17 -11.92
C GLY A 40 -1.04 -10.15 -11.01
N GLU A 41 -0.57 -10.25 -9.77
CA GLU A 41 -1.17 -11.15 -8.79
C GLU A 41 -1.02 -10.61 -7.38
N VAL A 42 -2.13 -10.20 -6.79
CA VAL A 42 -2.13 -9.67 -5.44
C VAL A 42 -1.65 -10.70 -4.43
N LEU A 43 -0.70 -10.30 -3.58
CA LEU A 43 -0.16 -11.19 -2.57
C LEU A 43 -0.75 -10.91 -1.20
N MET A 44 -1.12 -9.65 -0.98
CA MET A 44 -1.71 -9.24 0.29
C MET A 44 -2.60 -8.01 0.11
N VAL A 45 -3.78 -8.05 0.73
CA VAL A 45 -4.72 -6.93 0.63
C VAL A 45 -5.39 -6.67 1.97
N GLN A 46 -5.50 -5.39 2.34
CA GLN A 46 -6.12 -5.01 3.60
C GLN A 46 -6.58 -3.55 3.55
N VAL A 47 -7.67 -3.26 4.27
CA VAL A 47 -8.20 -1.90 4.31
C VAL A 47 -8.47 -1.47 5.74
N LYS A 48 -7.84 -0.36 6.15
CA LYS A 48 -8.02 0.17 7.49
C LYS A 48 -9.32 0.96 7.61
N LYS A 49 -10.18 0.55 8.54
CA LYS A 49 -11.45 1.22 8.76
C LYS A 49 -11.52 1.84 10.15
N ASP A 50 -12.53 2.67 10.38
CA ASP A 50 -12.71 3.30 11.67
C ASP A 50 -13.68 2.51 12.55
N LEU A 51 -13.84 2.95 13.79
CA LEU A 51 -14.73 2.29 14.72
C LEU A 51 -15.69 3.29 15.38
N LYS A 52 -15.54 4.56 15.01
CA LYS A 52 -16.39 5.60 15.56
C LYS A 52 -17.57 5.90 14.63
N THR A 53 -17.32 5.82 13.33
CA THR A 53 -18.36 6.08 12.33
C THR A 53 -18.45 4.94 11.33
N GLY A 54 -17.50 4.00 11.42
CA GLY A 54 -17.49 2.88 10.50
C GLY A 54 -16.92 3.23 9.15
N HIS A 55 -16.61 4.50 8.96
CA HIS A 55 -16.04 4.97 7.69
C HIS A 55 -14.61 4.48 7.53
N SER A 56 -14.21 4.26 6.28
CA SER A 56 -12.87 3.78 5.98
C SER A 56 -11.83 4.88 6.25
N LYS A 57 -10.64 4.46 6.66
CA LYS A 57 -9.56 5.40 6.95
C LYS A 57 -9.00 6.00 5.66
N GLY A 58 -9.31 5.38 4.54
CA GLY A 58 -8.83 5.86 3.25
C GLY A 58 -7.43 5.38 2.94
N PHE A 59 -6.95 4.42 3.73
CA PHE A 59 -5.61 3.88 3.53
C PHE A 59 -5.55 2.41 3.93
N GLY A 60 -4.69 1.65 3.25
CA GLY A 60 -4.56 0.24 3.54
C GLY A 60 -3.19 -0.31 3.15
N PHE A 61 -3.00 -1.61 3.34
CA PHE A 61 -1.74 -2.26 3.01
C PHE A 61 -1.92 -3.25 1.88
N VAL A 62 -0.92 -3.32 0.99
CA VAL A 62 -0.97 -4.24 -0.15
C VAL A 62 0.43 -4.68 -0.54
N ARG A 63 0.54 -5.93 -1.00
CA ARG A 63 1.82 -6.47 -1.41
C ARG A 63 1.66 -7.32 -2.68
N PHE A 64 2.55 -7.10 -3.65
CA PHE A 64 2.51 -7.84 -4.91
C PHE A 64 3.46 -9.03 -4.86
N THR A 65 3.15 -10.05 -5.65
CA THR A 65 3.96 -11.26 -5.71
C THR A 65 5.38 -10.94 -6.16
N GLU A 66 5.49 -10.09 -7.18
CA GLU A 66 6.79 -9.71 -7.72
C GLU A 66 7.22 -8.34 -7.19
N TYR A 67 8.43 -8.26 -6.65
CA TYR A 67 8.95 -7.02 -6.11
C TYR A 67 8.95 -5.91 -7.18
N GLU A 68 9.19 -6.31 -8.42
CA GLU A 68 9.23 -5.36 -9.53
C GLU A 68 7.85 -4.74 -9.76
N THR A 69 6.81 -5.53 -9.51
CA THR A 69 5.44 -5.05 -9.68
C THR A 69 5.08 -4.00 -8.65
N GLN A 70 5.39 -4.28 -7.39
CA GLN A 70 5.10 -3.35 -6.30
C GLN A 70 5.93 -2.08 -6.45
N VAL A 71 7.16 -2.22 -6.90
CA VAL A 71 8.06 -1.08 -7.09
C VAL A 71 7.55 -0.17 -8.21
N LYS A 72 7.17 -0.78 -9.32
CA LYS A 72 6.67 -0.04 -10.47
C LYS A 72 5.35 0.66 -10.13
N VAL A 73 4.60 0.08 -9.20
CA VAL A 73 3.32 0.64 -8.79
C VAL A 73 3.53 1.94 -8.01
N MET A 74 4.47 1.92 -7.08
CA MET A 74 4.76 3.10 -6.27
C MET A 74 5.29 4.25 -7.13
N SER A 75 5.90 3.90 -8.26
CA SER A 75 6.45 4.89 -9.17
C SER A 75 5.34 5.75 -9.77
N GLN A 76 4.45 5.10 -10.53
CA GLN A 76 3.34 5.81 -11.16
C GLN A 76 2.11 5.81 -10.25
N ARG A 77 1.21 6.75 -10.50
CA ARG A 77 -0.01 6.87 -9.70
C ARG A 77 -1.10 5.93 -10.24
N HIS A 78 -2.25 5.94 -9.57
CA HIS A 78 -3.37 5.10 -9.98
C HIS A 78 -4.70 5.72 -9.57
N MET A 79 -5.66 5.70 -10.49
CA MET A 79 -6.98 6.26 -10.23
C MET A 79 -7.98 5.15 -9.92
N ILE A 80 -8.40 5.07 -8.66
CA ILE A 80 -9.36 4.06 -8.25
C ILE A 80 -10.73 4.69 -7.98
N ASP A 81 -11.71 4.33 -8.79
CA ASP A 81 -13.07 4.85 -8.64
C ASP A 81 -13.08 6.37 -8.81
N GLY A 82 -12.17 6.88 -9.63
CA GLY A 82 -12.10 8.30 -9.87
C GLY A 82 -11.44 9.05 -8.72
N ARG A 83 -10.66 8.33 -7.93
CA ARG A 83 -9.96 8.93 -6.79
C ARG A 83 -8.45 8.83 -6.95
N TRP A 84 -7.74 9.86 -6.53
CA TRP A 84 -6.28 9.88 -6.62
C TRP A 84 -5.65 9.14 -5.45
N CYS A 85 -4.89 8.10 -5.76
CA CYS A 85 -4.23 7.30 -4.74
C CYS A 85 -2.77 7.05 -5.11
N ASP A 86 -1.92 6.96 -4.09
CA ASP A 86 -0.49 6.71 -4.31
C ASP A 86 0.03 5.66 -3.34
N CYS A 87 0.88 4.78 -3.84
CA CYS A 87 1.46 3.71 -3.02
C CYS A 87 2.82 4.13 -2.46
N LYS A 88 2.98 3.99 -1.15
CA LYS A 88 4.24 4.36 -0.50
C LYS A 88 4.62 3.32 0.56
N LEU A 89 5.89 3.30 0.92
CA LEU A 89 6.38 2.35 1.92
C LEU A 89 6.08 2.86 3.33
N PRO A 90 5.81 1.91 4.25
CA PRO A 90 5.51 2.24 5.64
C PRO A 90 6.73 2.75 6.40
N ASN A 91 7.85 2.89 5.69
CA ASN A 91 9.08 3.37 6.29
C ASN A 91 8.79 4.48 7.31
N SER A 92 7.85 5.35 6.97
CA SER A 92 7.48 6.45 7.85
C SER A 92 6.76 5.94 9.09
N LYS A 93 6.75 6.77 10.14
CA LYS A 93 6.11 6.41 11.39
C LYS A 93 4.59 6.56 11.29
N GLN A 94 4.12 6.85 10.08
CA GLN A 94 2.69 7.02 9.85
C GLN A 94 1.88 6.05 10.70
N SER A 95 2.31 4.80 10.73
CA SER A 95 1.61 3.77 11.50
C SER A 95 1.63 4.11 12.99
N GLN A 96 0.44 4.23 13.58
CA GLN A 96 0.32 4.54 15.00
C GLN A 96 0.57 3.31 15.86
N ASP A 97 1.80 3.16 16.34
CA ASP A 97 2.17 2.03 17.18
C ASP A 97 1.10 1.77 18.24
N SER A 98 0.72 0.50 18.39
CA SER A 98 -0.29 0.11 19.37
C SER A 98 0.32 -0.73 20.47
N GLY A 99 0.41 -0.15 21.67
CA GLY A 99 0.97 -0.87 22.79
C GLY A 99 0.17 -0.66 24.07
N PRO A 100 -0.98 -1.33 24.16
CA PRO A 100 -1.87 -1.23 25.32
C PRO A 100 -1.27 -1.91 26.55
N SER A 101 -0.11 -2.53 26.38
CA SER A 101 0.55 -3.22 27.49
C SER A 101 1.87 -2.53 27.83
N SER A 102 1.82 -1.60 28.76
CA SER A 102 3.01 -0.87 29.19
C SER A 102 3.38 -1.20 30.63
N GLY A 103 4.60 -1.67 30.82
CA GLY A 103 5.05 -2.02 32.17
C GLY A 103 5.76 -0.87 32.85
N GLY A 1 7.05 -5.17 -35.59
CA GLY A 1 7.71 -6.08 -34.68
C GLY A 1 9.18 -5.75 -34.49
N SER A 2 9.51 -5.14 -33.35
CA SER A 2 10.88 -4.77 -33.06
C SER A 2 11.16 -4.84 -31.56
N SER A 3 12.11 -5.70 -31.18
CA SER A 3 12.47 -5.87 -29.78
C SER A 3 12.66 -4.52 -29.10
N GLY A 4 11.80 -4.21 -28.13
CA GLY A 4 11.90 -2.95 -27.42
C GLY A 4 11.97 -3.15 -25.92
N SER A 5 13.19 -3.35 -25.42
CA SER A 5 13.39 -3.55 -23.98
C SER A 5 14.78 -3.10 -23.57
N SER A 6 14.87 -2.44 -22.42
CA SER A 6 16.15 -1.96 -21.90
C SER A 6 16.03 -1.56 -20.43
N GLY A 7 17.18 -1.37 -19.79
CA GLY A 7 17.19 -1.00 -18.38
C GLY A 7 18.21 -1.77 -17.58
N VAL A 8 19.19 -1.05 -17.03
CA VAL A 8 20.24 -1.67 -16.23
C VAL A 8 19.90 -1.63 -14.75
N LYS A 9 18.63 -1.86 -14.42
CA LYS A 9 18.18 -1.85 -13.04
C LYS A 9 18.44 -3.19 -12.36
N ARG A 10 19.55 -3.27 -11.62
CA ARG A 10 19.91 -4.50 -10.93
C ARG A 10 19.79 -4.32 -9.42
N ALA A 11 18.77 -4.93 -8.84
CA ALA A 11 18.54 -4.85 -7.40
C ALA A 11 17.91 -6.13 -6.87
N VAL A 12 18.26 -6.47 -5.63
CA VAL A 12 17.74 -7.68 -5.00
C VAL A 12 17.05 -7.36 -3.67
N GLN A 13 15.80 -7.77 -3.53
CA GLN A 13 15.04 -7.52 -2.31
C GLN A 13 13.70 -8.24 -2.36
N LYS A 14 13.16 -8.53 -1.18
CA LYS A 14 11.87 -9.22 -1.08
C LYS A 14 10.71 -8.22 -1.05
N THR A 15 9.53 -8.68 -1.42
CA THR A 15 8.35 -7.83 -1.44
C THR A 15 7.94 -7.43 -0.02
N SER A 16 7.69 -6.14 0.17
CA SER A 16 7.30 -5.62 1.48
C SER A 16 5.90 -5.02 1.43
N ASP A 17 5.24 -4.95 2.57
CA ASP A 17 3.90 -4.40 2.67
C ASP A 17 3.90 -2.92 2.31
N LEU A 18 3.04 -2.53 1.36
CA LEU A 18 2.95 -1.15 0.94
C LEU A 18 1.61 -0.54 1.35
N ILE A 19 1.68 0.61 2.01
CA ILE A 19 0.47 1.30 2.47
C ILE A 19 -0.01 2.30 1.43
N VAL A 20 -1.27 2.19 1.03
CA VAL A 20 -1.86 3.09 0.06
C VAL A 20 -2.83 4.06 0.72
N LEU A 21 -2.68 5.35 0.39
CA LEU A 21 -3.54 6.38 0.95
C LEU A 21 -4.44 6.98 -0.12
N GLY A 22 -5.59 7.51 0.30
CA GLY A 22 -6.52 8.10 -0.64
C GLY A 22 -7.42 7.07 -1.30
N LEU A 23 -7.80 6.04 -0.54
CA LEU A 23 -8.65 4.99 -1.06
C LEU A 23 -10.12 5.26 -0.73
N PRO A 24 -11.00 5.04 -1.72
CA PRO A 24 -12.44 5.26 -1.56
C PRO A 24 -13.09 4.24 -0.63
N TRP A 25 -14.24 4.59 -0.08
CA TRP A 25 -14.95 3.70 0.83
C TRP A 25 -15.56 2.53 0.08
N LYS A 26 -16.12 2.80 -1.09
CA LYS A 26 -16.73 1.76 -1.91
C LYS A 26 -15.73 0.64 -2.21
N THR A 27 -14.45 0.98 -2.15
CA THR A 27 -13.40 0.01 -2.42
C THR A 27 -13.07 -0.81 -1.17
N THR A 28 -12.92 -2.12 -1.34
CA THR A 28 -12.62 -3.00 -0.23
C THR A 28 -11.48 -3.95 -0.58
N GLU A 29 -11.17 -4.87 0.34
CA GLU A 29 -10.11 -5.83 0.11
C GLU A 29 -10.43 -6.76 -1.07
N GLN A 30 -11.70 -7.12 -1.19
CA GLN A 30 -12.14 -8.00 -2.26
C GLN A 30 -11.97 -7.32 -3.62
N ASP A 31 -12.40 -6.06 -3.71
CA ASP A 31 -12.29 -5.30 -4.95
C ASP A 31 -10.84 -4.94 -5.23
N LEU A 32 -10.08 -4.62 -4.19
CA LEU A 32 -8.68 -4.26 -4.33
C LEU A 32 -7.87 -5.42 -4.89
N LYS A 33 -8.21 -6.63 -4.45
CA LYS A 33 -7.51 -7.83 -4.91
C LYS A 33 -7.72 -8.05 -6.40
N GLU A 34 -8.96 -7.83 -6.86
CA GLU A 34 -9.28 -8.00 -8.27
C GLU A 34 -8.65 -6.90 -9.11
N TYR A 35 -8.79 -5.66 -8.65
CA TYR A 35 -8.24 -4.51 -9.36
C TYR A 35 -6.71 -4.58 -9.41
N PHE A 36 -6.10 -4.79 -8.25
CA PHE A 36 -4.65 -4.87 -8.15
C PHE A 36 -4.11 -5.99 -9.05
N SER A 37 -4.91 -7.04 -9.19
CA SER A 37 -4.51 -8.19 -10.02
C SER A 37 -4.26 -7.75 -11.46
N THR A 38 -4.82 -6.61 -11.83
CA THR A 38 -4.67 -6.09 -13.18
C THR A 38 -3.20 -5.84 -13.52
N PHE A 39 -2.41 -5.58 -12.49
CA PHE A 39 -0.98 -5.33 -12.67
C PHE A 39 -0.21 -6.63 -12.80
N GLY A 40 -0.70 -7.68 -12.14
CA GLY A 40 -0.04 -8.97 -12.19
C GLY A 40 -0.69 -10.00 -11.27
N GLU A 41 -0.29 -9.97 -10.00
CA GLU A 41 -0.84 -10.90 -9.02
C GLU A 41 -0.71 -10.34 -7.60
N VAL A 42 -1.84 -10.10 -6.96
CA VAL A 42 -1.86 -9.56 -5.61
C VAL A 42 -1.24 -10.54 -4.62
N LEU A 43 -0.69 -10.00 -3.54
CA LEU A 43 -0.06 -10.84 -2.51
C LEU A 43 -0.72 -10.62 -1.16
N MET A 44 -1.23 -9.41 -0.94
CA MET A 44 -1.90 -9.07 0.31
C MET A 44 -2.82 -7.87 0.13
N VAL A 45 -3.96 -7.89 0.83
CA VAL A 45 -4.92 -6.80 0.75
C VAL A 45 -5.51 -6.50 2.12
N GLN A 46 -5.62 -5.21 2.43
CA GLN A 46 -6.17 -4.78 3.72
C GLN A 46 -6.67 -3.33 3.64
N VAL A 47 -7.76 -3.05 4.32
CA VAL A 47 -8.34 -1.71 4.34
C VAL A 47 -8.64 -1.25 5.77
N LYS A 48 -8.04 -0.13 6.15
CA LYS A 48 -8.25 0.42 7.49
C LYS A 48 -9.54 1.22 7.56
N LYS A 49 -10.27 1.07 8.65
CA LYS A 49 -11.53 1.78 8.84
C LYS A 49 -11.50 2.60 10.13
N ASP A 50 -12.54 3.40 10.34
CA ASP A 50 -12.64 4.23 11.53
C ASP A 50 -13.12 3.41 12.73
N LEU A 51 -13.10 4.04 13.91
CA LEU A 51 -13.53 3.36 15.13
C LEU A 51 -14.52 4.22 15.90
N LYS A 52 -15.01 5.28 15.26
CA LYS A 52 -15.96 6.19 15.88
C LYS A 52 -17.25 6.26 15.09
N THR A 53 -17.13 6.21 13.77
CA THR A 53 -18.29 6.27 12.88
C THR A 53 -18.46 4.97 12.11
N GLY A 54 -17.42 4.60 11.34
CA GLY A 54 -17.49 3.38 10.57
C GLY A 54 -17.02 3.59 9.13
N HIS A 55 -16.70 4.83 8.79
CA HIS A 55 -16.24 5.16 7.44
C HIS A 55 -14.77 4.80 7.27
N SER A 56 -14.44 4.24 6.10
CA SER A 56 -13.07 3.85 5.81
C SER A 56 -12.10 4.99 6.09
N LYS A 57 -10.94 4.67 6.63
CA LYS A 57 -9.92 5.67 6.95
C LYS A 57 -9.32 6.26 5.67
N GLY A 58 -9.54 5.57 4.55
CA GLY A 58 -9.02 6.04 3.28
C GLY A 58 -7.60 5.56 3.03
N PHE A 59 -7.17 4.55 3.77
CA PHE A 59 -5.84 4.00 3.62
C PHE A 59 -5.79 2.53 4.02
N GLY A 60 -4.91 1.78 3.38
CA GLY A 60 -4.79 0.36 3.69
C GLY A 60 -3.43 -0.20 3.33
N PHE A 61 -3.27 -1.51 3.49
CA PHE A 61 -2.00 -2.16 3.19
C PHE A 61 -2.16 -3.15 2.03
N VAL A 62 -1.15 -3.21 1.17
CA VAL A 62 -1.19 -4.11 0.01
C VAL A 62 0.21 -4.54 -0.39
N ARG A 63 0.32 -5.73 -0.96
CA ARG A 63 1.61 -6.26 -1.39
C ARG A 63 1.46 -7.07 -2.68
N PHE A 64 2.47 -6.99 -3.54
CA PHE A 64 2.46 -7.71 -4.81
C PHE A 64 3.44 -8.88 -4.79
N THR A 65 3.10 -9.96 -5.48
CA THR A 65 3.95 -11.14 -5.54
C THR A 65 5.30 -10.80 -6.14
N GLU A 66 5.29 -10.13 -7.29
CA GLU A 66 6.52 -9.75 -7.96
C GLU A 66 7.03 -8.41 -7.46
N TYR A 67 8.29 -8.39 -7.01
CA TYR A 67 8.90 -7.17 -6.49
C TYR A 67 8.97 -6.09 -7.56
N GLU A 68 9.16 -6.52 -8.81
CA GLU A 68 9.24 -5.58 -9.93
C GLU A 68 7.91 -4.88 -10.15
N THR A 69 6.82 -5.60 -9.88
CA THR A 69 5.48 -5.05 -10.05
C THR A 69 5.18 -3.99 -9.00
N GLN A 70 5.46 -4.32 -7.75
CA GLN A 70 5.22 -3.40 -6.64
C GLN A 70 6.07 -2.13 -6.80
N VAL A 71 7.33 -2.32 -7.19
CA VAL A 71 8.24 -1.20 -7.38
C VAL A 71 7.71 -0.22 -8.42
N LYS A 72 7.14 -0.75 -9.49
CA LYS A 72 6.58 0.07 -10.56
C LYS A 72 5.33 0.80 -10.09
N VAL A 73 4.49 0.10 -9.34
CA VAL A 73 3.26 0.68 -8.82
C VAL A 73 3.54 1.82 -7.86
N MET A 74 4.54 1.62 -7.00
CA MET A 74 4.92 2.64 -6.02
C MET A 74 5.35 3.93 -6.72
N SER A 75 5.96 3.79 -7.89
CA SER A 75 6.42 4.94 -8.65
C SER A 75 5.25 5.66 -9.32
N GLN A 76 4.64 4.99 -10.31
CA GLN A 76 3.51 5.56 -11.03
C GLN A 76 2.28 5.64 -10.13
N ARG A 77 1.45 6.65 -10.36
CA ARG A 77 0.23 6.85 -9.56
C ARG A 77 -0.89 5.96 -10.08
N HIS A 78 -2.06 6.06 -9.44
CA HIS A 78 -3.21 5.26 -9.82
C HIS A 78 -4.50 5.91 -9.34
N MET A 79 -5.49 5.97 -10.22
CA MET A 79 -6.78 6.57 -9.88
C MET A 79 -7.85 5.49 -9.69
N ILE A 80 -8.29 5.31 -8.45
CA ILE A 80 -9.29 4.31 -8.14
C ILE A 80 -10.65 4.97 -7.88
N ASP A 81 -11.60 4.71 -8.77
CA ASP A 81 -12.95 5.28 -8.65
C ASP A 81 -12.90 6.80 -8.71
N GLY A 82 -12.00 7.32 -9.54
CA GLY A 82 -11.87 8.76 -9.66
C GLY A 82 -11.16 9.40 -8.48
N ARG A 83 -10.52 8.57 -7.67
CA ARG A 83 -9.80 9.05 -6.50
C ARG A 83 -8.30 8.87 -6.67
N TRP A 84 -7.54 9.85 -6.18
CA TRP A 84 -6.08 9.80 -6.29
C TRP A 84 -5.47 8.94 -5.19
N CYS A 85 -4.80 7.86 -5.59
CA CYS A 85 -4.19 6.95 -4.64
C CYS A 85 -2.72 6.73 -4.98
N ASP A 86 -1.89 6.61 -3.94
CA ASP A 86 -0.46 6.40 -4.12
C ASP A 86 0.06 5.33 -3.18
N CYS A 87 0.93 4.46 -3.69
CA CYS A 87 1.49 3.38 -2.88
C CYS A 87 2.85 3.79 -2.30
N LYS A 88 2.97 3.68 -0.99
CA LYS A 88 4.21 4.03 -0.31
C LYS A 88 4.53 3.03 0.80
N LEU A 89 5.80 3.00 1.21
CA LEU A 89 6.23 2.09 2.27
C LEU A 89 5.90 2.66 3.64
N PRO A 90 5.56 1.76 4.58
CA PRO A 90 5.21 2.15 5.95
C PRO A 90 6.43 2.64 6.74
N ASN A 91 7.56 2.71 6.06
CA ASN A 91 8.80 3.16 6.69
C ASN A 91 8.79 4.69 6.88
N SER A 92 7.85 5.15 7.69
CA SER A 92 7.72 6.59 7.96
C SER A 92 6.65 6.85 9.01
N LYS A 93 6.58 8.10 9.47
CA LYS A 93 5.60 8.49 10.48
C LYS A 93 4.30 8.97 9.83
N GLN A 94 3.25 8.18 9.99
CA GLN A 94 1.94 8.53 9.42
C GLN A 94 0.86 8.51 10.50
N SER A 95 0.52 7.32 10.97
CA SER A 95 -0.50 7.17 12.00
C SER A 95 0.12 6.80 13.34
N GLN A 96 0.27 7.80 14.20
CA GLN A 96 0.84 7.57 15.53
C GLN A 96 -0.20 7.04 16.49
N ASP A 97 -0.14 5.74 16.78
CA ASP A 97 -1.07 5.12 17.70
C ASP A 97 -0.92 5.67 19.11
N SER A 98 -1.80 6.59 19.48
CA SER A 98 -1.76 7.21 20.80
C SER A 98 -1.59 6.16 21.88
N GLY A 99 -2.40 5.10 21.80
CA GLY A 99 -2.32 4.03 22.79
C GLY A 99 -3.62 3.27 22.92
N PRO A 100 -3.52 1.96 23.19
CA PRO A 100 -4.69 1.09 23.34
C PRO A 100 -5.48 1.39 24.62
N SER A 101 -6.74 1.77 24.45
CA SER A 101 -7.59 2.09 25.58
C SER A 101 -8.99 1.48 25.39
N SER A 102 -9.60 1.08 26.50
CA SER A 102 -10.93 0.48 26.46
C SER A 102 -11.80 1.00 27.61
N GLY A 103 -13.10 1.04 27.38
CA GLY A 103 -14.02 1.52 28.40
C GLY A 103 -15.24 2.18 27.80
N GLY A 1 29.59 -0.65 -12.12
CA GLY A 1 30.76 -1.44 -11.78
C GLY A 1 30.40 -2.87 -11.42
N SER A 2 30.83 -3.81 -12.24
CA SER A 2 30.55 -5.22 -12.00
C SER A 2 31.49 -6.10 -12.82
N SER A 3 32.44 -6.75 -12.14
CA SER A 3 33.40 -7.62 -12.80
C SER A 3 34.04 -8.57 -11.80
N GLY A 4 34.02 -9.87 -12.11
CA GLY A 4 34.60 -10.86 -11.24
C GLY A 4 34.71 -12.22 -11.89
N SER A 5 33.58 -12.89 -12.05
CA SER A 5 33.56 -14.21 -12.66
C SER A 5 32.15 -14.56 -13.16
N SER A 6 32.09 -15.31 -14.25
CA SER A 6 30.81 -15.70 -14.84
C SER A 6 29.97 -16.48 -13.83
N GLY A 7 28.66 -16.27 -13.87
CA GLY A 7 27.76 -16.95 -12.96
C GLY A 7 27.60 -16.21 -11.64
N VAL A 8 27.09 -14.99 -11.72
CA VAL A 8 26.88 -14.18 -10.52
C VAL A 8 25.41 -14.15 -10.12
N LYS A 9 25.15 -13.84 -8.86
CA LYS A 9 23.79 -13.77 -8.35
C LYS A 9 23.45 -12.38 -7.83
N ARG A 10 24.03 -11.36 -8.47
CA ARG A 10 23.80 -9.99 -8.07
C ARG A 10 22.31 -9.71 -7.91
N ALA A 11 21.52 -10.07 -8.92
CA ALA A 11 20.08 -9.87 -8.88
C ALA A 11 19.54 -10.06 -7.46
N VAL A 12 18.60 -9.20 -7.07
CA VAL A 12 18.00 -9.27 -5.75
C VAL A 12 16.50 -9.51 -5.84
N GLN A 13 15.92 -10.04 -4.77
CA GLN A 13 14.49 -10.32 -4.73
C GLN A 13 13.94 -10.13 -3.32
N LYS A 14 13.01 -9.20 -3.17
CA LYS A 14 12.40 -8.91 -1.88
C LYS A 14 11.13 -8.09 -2.05
N THR A 15 10.15 -8.33 -1.18
CA THR A 15 8.88 -7.62 -1.23
C THR A 15 8.38 -7.31 0.17
N SER A 16 7.81 -6.11 0.33
CA SER A 16 7.29 -5.68 1.63
C SER A 16 5.87 -5.13 1.48
N ASP A 17 5.22 -4.91 2.62
CA ASP A 17 3.85 -4.39 2.62
C ASP A 17 3.83 -2.91 2.24
N LEU A 18 2.93 -2.56 1.34
CA LEU A 18 2.81 -1.18 0.88
C LEU A 18 1.47 -0.57 1.31
N ILE A 19 1.52 0.62 1.87
CA ILE A 19 0.31 1.31 2.31
C ILE A 19 -0.21 2.27 1.25
N VAL A 20 -1.50 2.23 0.99
CA VAL A 20 -2.12 3.10 0.00
C VAL A 20 -2.91 4.22 0.67
N LEU A 21 -2.65 5.45 0.25
CA LEU A 21 -3.34 6.62 0.81
C LEU A 21 -4.19 7.31 -0.24
N GLY A 22 -5.25 7.96 0.19
CA GLY A 22 -6.13 8.66 -0.74
C GLY A 22 -7.14 7.74 -1.38
N LEU A 23 -7.58 6.72 -0.64
CA LEU A 23 -8.55 5.76 -1.16
C LEU A 23 -9.97 6.16 -0.75
N PRO A 24 -10.90 6.05 -1.71
CA PRO A 24 -12.32 6.38 -1.47
C PRO A 24 -13.00 5.39 -0.55
N TRP A 25 -14.28 5.60 -0.30
CA TRP A 25 -15.06 4.72 0.56
C TRP A 25 -15.53 3.49 -0.19
N LYS A 26 -15.80 3.66 -1.48
CA LYS A 26 -16.27 2.56 -2.32
C LYS A 26 -15.25 1.42 -2.33
N THR A 27 -13.97 1.78 -2.28
CA THR A 27 -12.89 0.79 -2.29
C THR A 27 -13.06 -0.21 -1.16
N THR A 28 -12.70 -1.46 -1.42
CA THR A 28 -12.82 -2.52 -0.42
C THR A 28 -11.77 -3.61 -0.64
N GLU A 29 -11.70 -4.55 0.28
CA GLU A 29 -10.74 -5.65 0.17
C GLU A 29 -10.95 -6.43 -1.11
N GLN A 30 -12.21 -6.68 -1.45
CA GLN A 30 -12.55 -7.42 -2.67
C GLN A 30 -12.19 -6.62 -3.91
N ASP A 31 -12.53 -5.34 -3.90
CA ASP A 31 -12.25 -4.46 -5.03
C ASP A 31 -10.74 -4.27 -5.21
N LEU A 32 -10.02 -4.18 -4.09
CA LEU A 32 -8.58 -3.99 -4.12
C LEU A 32 -7.89 -5.22 -4.69
N LYS A 33 -8.36 -6.40 -4.30
CA LYS A 33 -7.78 -7.65 -4.78
C LYS A 33 -7.93 -7.77 -6.29
N GLU A 34 -9.11 -7.40 -6.81
CA GLU A 34 -9.37 -7.46 -8.23
C GLU A 34 -8.58 -6.39 -8.98
N TYR A 35 -8.62 -5.17 -8.46
CA TYR A 35 -7.92 -4.05 -9.08
C TYR A 35 -6.41 -4.31 -9.10
N PHE A 36 -5.87 -4.74 -7.97
CA PHE A 36 -4.44 -5.02 -7.86
C PHE A 36 -4.06 -6.25 -8.67
N SER A 37 -4.99 -7.20 -8.77
CA SER A 37 -4.75 -8.43 -9.51
C SER A 37 -4.43 -8.13 -10.97
N THR A 38 -4.89 -6.98 -11.45
CA THR A 38 -4.65 -6.57 -12.83
C THR A 38 -3.18 -6.23 -13.05
N PHE A 39 -2.53 -5.74 -12.00
CA PHE A 39 -1.12 -5.37 -12.09
C PHE A 39 -0.24 -6.61 -12.14
N GLY A 40 -0.71 -7.70 -11.54
CA GLY A 40 0.05 -8.94 -11.55
C GLY A 40 -0.59 -10.01 -10.69
N GLU A 41 0.03 -10.33 -9.56
CA GLU A 41 -0.48 -11.34 -8.65
C GLU A 41 -0.56 -10.81 -7.23
N VAL A 42 -1.75 -10.39 -6.82
CA VAL A 42 -1.95 -9.86 -5.47
C VAL A 42 -1.38 -10.81 -4.42
N LEU A 43 -0.44 -10.30 -3.63
CA LEU A 43 0.19 -11.09 -2.58
C LEU A 43 -0.52 -10.89 -1.25
N MET A 44 -1.13 -9.73 -1.08
CA MET A 44 -1.85 -9.41 0.15
C MET A 44 -2.76 -8.20 -0.04
N VAL A 45 -3.96 -8.27 0.53
CA VAL A 45 -4.92 -7.17 0.43
C VAL A 45 -5.65 -6.95 1.75
N GLN A 46 -5.78 -5.68 2.13
CA GLN A 46 -6.46 -5.32 3.37
C GLN A 46 -6.93 -3.88 3.34
N VAL A 47 -7.97 -3.58 4.11
CA VAL A 47 -8.52 -2.23 4.17
C VAL A 47 -8.72 -1.79 5.62
N LYS A 48 -8.15 -0.64 5.95
CA LYS A 48 -8.25 -0.09 7.31
C LYS A 48 -9.48 0.80 7.44
N LYS A 49 -10.21 0.64 8.54
CA LYS A 49 -11.42 1.42 8.79
C LYS A 49 -11.39 2.02 10.20
N ASP A 50 -12.17 3.07 10.40
CA ASP A 50 -12.24 3.73 11.69
C ASP A 50 -13.55 3.39 12.40
N LEU A 51 -13.44 2.89 13.63
CA LEU A 51 -14.61 2.51 14.40
C LEU A 51 -15.29 3.75 15.01
N LYS A 52 -14.47 4.67 15.49
CA LYS A 52 -14.98 5.90 16.09
C LYS A 52 -16.19 6.42 15.32
N THR A 53 -16.19 6.22 14.01
CA THR A 53 -17.28 6.67 13.15
C THR A 53 -17.81 5.52 12.31
N GLY A 54 -16.96 4.54 12.06
CA GLY A 54 -17.37 3.40 11.25
C GLY A 54 -17.27 3.67 9.76
N HIS A 55 -16.20 4.33 9.35
CA HIS A 55 -15.99 4.65 7.94
C HIS A 55 -14.57 4.32 7.51
N SER A 56 -14.42 3.94 6.24
CA SER A 56 -13.11 3.59 5.70
C SER A 56 -12.10 4.69 5.97
N LYS A 57 -10.93 4.31 6.49
CA LYS A 57 -9.88 5.27 6.79
C LYS A 57 -9.27 5.83 5.51
N GLY A 58 -9.75 5.33 4.37
CA GLY A 58 -9.23 5.79 3.09
C GLY A 58 -7.84 5.25 2.79
N PHE A 59 -7.41 4.28 3.58
CA PHE A 59 -6.09 3.69 3.40
C PHE A 59 -6.09 2.23 3.84
N GLY A 60 -5.20 1.44 3.24
CA GLY A 60 -5.11 0.03 3.58
C GLY A 60 -3.72 -0.54 3.35
N PHE A 61 -3.62 -1.87 3.37
CA PHE A 61 -2.34 -2.53 3.18
C PHE A 61 -2.41 -3.52 2.01
N VAL A 62 -1.34 -3.60 1.23
CA VAL A 62 -1.29 -4.49 0.09
C VAL A 62 0.14 -4.94 -0.19
N ARG A 63 0.28 -6.14 -0.75
CA ARG A 63 1.60 -6.68 -1.07
C ARG A 63 1.59 -7.35 -2.45
N PHE A 64 2.68 -7.19 -3.19
CA PHE A 64 2.79 -7.79 -4.52
C PHE A 64 3.86 -8.88 -4.52
N THR A 65 3.62 -9.92 -5.33
CA THR A 65 4.55 -11.04 -5.42
C THR A 65 5.85 -10.60 -6.08
N GLU A 66 5.75 -10.04 -7.28
CA GLU A 66 6.93 -9.58 -8.00
C GLU A 66 7.38 -8.21 -7.50
N TYR A 67 8.66 -8.12 -7.12
CA TYR A 67 9.22 -6.87 -6.61
C TYR A 67 9.13 -5.77 -7.65
N GLU A 68 9.27 -6.15 -8.92
CA GLU A 68 9.20 -5.19 -10.02
C GLU A 68 7.82 -4.57 -10.12
N THR A 69 6.79 -5.36 -9.79
CA THR A 69 5.41 -4.89 -9.83
C THR A 69 5.14 -3.85 -8.75
N GLN A 70 5.55 -4.16 -7.52
CA GLN A 70 5.36 -3.25 -6.41
C GLN A 70 6.15 -1.96 -6.60
N VAL A 71 7.39 -2.10 -7.10
CA VAL A 71 8.25 -0.95 -7.34
C VAL A 71 7.66 -0.04 -8.41
N LYS A 72 7.25 -0.63 -9.52
CA LYS A 72 6.67 0.12 -10.63
C LYS A 72 5.31 0.70 -10.24
N VAL A 73 4.64 0.04 -9.30
CA VAL A 73 3.32 0.49 -8.85
C VAL A 73 3.44 1.74 -8.00
N MET A 74 4.42 1.74 -7.09
CA MET A 74 4.65 2.89 -6.21
C MET A 74 5.23 4.07 -6.98
N SER A 75 6.02 3.76 -8.00
CA SER A 75 6.64 4.79 -8.82
C SER A 75 5.59 5.72 -9.41
N GLN A 76 4.65 5.15 -10.15
CA GLN A 76 3.59 5.93 -10.78
C GLN A 76 2.37 6.01 -9.86
N ARG A 77 1.31 6.63 -10.36
CA ARG A 77 0.07 6.78 -9.60
C ARG A 77 -1.00 5.81 -10.09
N HIS A 78 -2.16 5.83 -9.44
CA HIS A 78 -3.27 4.96 -9.82
C HIS A 78 -4.61 5.59 -9.42
N MET A 79 -5.60 5.44 -10.30
CA MET A 79 -6.92 5.99 -10.04
C MET A 79 -7.90 4.89 -9.66
N ILE A 80 -8.53 5.04 -8.49
CA ILE A 80 -9.49 4.06 -8.01
C ILE A 80 -10.86 4.69 -7.77
N ASP A 81 -11.84 4.29 -8.56
CA ASP A 81 -13.19 4.83 -8.42
C ASP A 81 -13.22 6.32 -8.72
N GLY A 82 -12.37 6.75 -9.65
CA GLY A 82 -12.32 8.15 -10.01
C GLY A 82 -11.64 9.00 -8.95
N ARG A 83 -10.74 8.38 -8.19
CA ARG A 83 -10.02 9.08 -7.13
C ARG A 83 -8.51 8.90 -7.28
N TRP A 84 -7.75 9.86 -6.77
CA TRP A 84 -6.30 9.80 -6.86
C TRP A 84 -5.72 9.05 -5.66
N CYS A 85 -4.97 7.99 -5.94
CA CYS A 85 -4.37 7.18 -4.89
C CYS A 85 -2.89 6.92 -5.18
N ASP A 86 -2.09 6.79 -4.12
CA ASP A 86 -0.66 6.54 -4.26
C ASP A 86 -0.19 5.47 -3.29
N CYS A 87 0.69 4.60 -3.74
CA CYS A 87 1.22 3.53 -2.91
C CYS A 87 2.58 3.92 -2.31
N LYS A 88 2.70 3.79 -1.00
CA LYS A 88 3.93 4.13 -0.31
C LYS A 88 4.26 3.08 0.75
N LEU A 89 5.53 3.04 1.15
CA LEU A 89 5.98 2.08 2.16
C LEU A 89 5.66 2.57 3.56
N PRO A 90 5.30 1.63 4.45
CA PRO A 90 4.96 1.95 5.83
C PRO A 90 6.18 2.39 6.64
N ASN A 91 7.33 2.48 5.99
CA ASN A 91 8.56 2.88 6.64
C ASN A 91 8.32 4.13 7.50
N SER A 92 9.31 4.47 8.33
CA SER A 92 9.21 5.63 9.20
C SER A 92 8.21 5.38 10.32
N LYS A 93 8.20 4.16 10.84
CA LYS A 93 7.29 3.79 11.91
C LYS A 93 5.90 4.38 11.68
N GLN A 94 5.37 4.16 10.47
CA GLN A 94 4.05 4.67 10.12
C GLN A 94 2.98 3.63 10.39
N SER A 95 3.38 2.36 10.43
CA SER A 95 2.44 1.27 10.68
C SER A 95 2.80 0.55 11.98
N GLN A 96 1.86 -0.25 12.48
CA GLN A 96 2.07 -1.00 13.72
C GLN A 96 1.78 -2.49 13.51
N ASP A 97 2.83 -3.29 13.53
CA ASP A 97 2.69 -4.74 13.34
C ASP A 97 2.88 -5.47 14.66
N SER A 98 2.39 -4.88 15.74
CA SER A 98 2.50 -5.48 17.07
C SER A 98 1.17 -6.09 17.50
N GLY A 99 1.24 -6.95 18.52
CA GLY A 99 0.04 -7.59 19.01
C GLY A 99 0.15 -8.00 20.47
N PRO A 100 -0.99 -8.28 21.11
CA PRO A 100 -1.04 -8.68 22.51
C PRO A 100 -0.47 -10.08 22.73
N SER A 101 0.81 -10.15 23.08
CA SER A 101 1.48 -11.42 23.32
C SER A 101 2.84 -11.21 23.98
N SER A 102 3.38 -12.28 24.56
CA SER A 102 4.67 -12.22 25.23
C SER A 102 5.70 -11.49 24.36
N GLY A 103 6.43 -10.57 24.97
CA GLY A 103 7.43 -9.81 24.24
C GLY A 103 8.09 -8.75 25.09
N GLY A 1 16.35 18.16 -24.33
CA GLY A 1 15.59 17.64 -23.21
C GLY A 1 16.08 18.16 -21.88
N SER A 2 16.40 17.25 -20.96
CA SER A 2 16.88 17.62 -19.65
C SER A 2 18.28 17.07 -19.40
N SER A 3 19.28 17.89 -19.67
CA SER A 3 20.67 17.49 -19.48
C SER A 3 20.95 17.13 -18.02
N GLY A 4 20.87 15.83 -17.71
CA GLY A 4 21.11 15.38 -16.36
C GLY A 4 21.19 13.87 -16.26
N SER A 5 20.07 13.24 -15.92
CA SER A 5 20.02 11.78 -15.79
C SER A 5 21.04 11.30 -14.76
N SER A 6 21.12 12.00 -13.64
CA SER A 6 22.06 11.65 -12.58
C SER A 6 21.31 11.14 -11.34
N GLY A 7 21.94 10.22 -10.63
CA GLY A 7 21.33 9.66 -9.43
C GLY A 7 20.96 8.21 -9.58
N VAL A 8 21.88 7.32 -9.22
CA VAL A 8 21.64 5.88 -9.32
C VAL A 8 21.79 5.20 -7.97
N LYS A 9 21.04 4.13 -7.76
CA LYS A 9 21.08 3.39 -6.52
C LYS A 9 21.13 1.88 -6.77
N ARG A 10 21.87 1.16 -5.94
CA ARG A 10 22.00 -0.28 -6.09
C ARG A 10 21.76 -0.98 -4.75
N ALA A 11 20.61 -1.63 -4.63
CA ALA A 11 20.26 -2.35 -3.41
C ALA A 11 19.04 -3.24 -3.63
N VAL A 12 19.15 -4.50 -3.21
CA VAL A 12 18.07 -5.46 -3.36
C VAL A 12 17.42 -5.77 -2.01
N GLN A 13 16.09 -5.91 -2.02
CA GLN A 13 15.36 -6.20 -0.80
C GLN A 13 14.20 -7.16 -1.09
N LYS A 14 13.58 -7.66 -0.02
CA LYS A 14 12.46 -8.59 -0.15
C LYS A 14 11.13 -7.83 -0.16
N THR A 15 10.19 -8.30 -0.97
CA THR A 15 8.88 -7.66 -1.06
C THR A 15 8.39 -7.23 0.31
N SER A 16 7.79 -6.05 0.37
CA SER A 16 7.27 -5.50 1.63
C SER A 16 5.85 -4.99 1.45
N ASP A 17 5.16 -4.79 2.57
CA ASP A 17 3.79 -4.28 2.54
C ASP A 17 3.75 -2.80 2.20
N LEU A 18 2.94 -2.45 1.21
CA LEU A 18 2.82 -1.06 0.77
C LEU A 18 1.48 -0.48 1.21
N ILE A 19 1.50 0.77 1.66
CA ILE A 19 0.29 1.46 2.10
C ILE A 19 -0.23 2.41 1.03
N VAL A 20 -1.54 2.39 0.81
CA VAL A 20 -2.16 3.25 -0.19
C VAL A 20 -2.97 4.36 0.47
N LEU A 21 -2.78 5.59 0.00
CA LEU A 21 -3.50 6.73 0.55
C LEU A 21 -4.45 7.33 -0.48
N GLY A 22 -5.47 8.03 0.00
CA GLY A 22 -6.43 8.64 -0.90
C GLY A 22 -7.43 7.64 -1.45
N LEU A 23 -7.75 6.63 -0.66
CA LEU A 23 -8.71 5.60 -1.07
C LEU A 23 -10.12 5.97 -0.66
N PRO A 24 -11.09 5.66 -1.54
CA PRO A 24 -12.51 5.95 -1.30
C PRO A 24 -13.10 5.08 -0.19
N TRP A 25 -14.42 5.05 -0.11
CA TRP A 25 -15.10 4.26 0.91
C TRP A 25 -15.69 2.99 0.30
N LYS A 26 -16.42 3.15 -0.80
CA LYS A 26 -17.03 2.02 -1.47
C LYS A 26 -16.00 0.93 -1.76
N THR A 27 -14.76 1.34 -2.01
CA THR A 27 -13.70 0.40 -2.29
C THR A 27 -13.46 -0.54 -1.11
N THR A 28 -13.53 -1.84 -1.37
CA THR A 28 -13.32 -2.84 -0.33
C THR A 28 -12.16 -3.78 -0.68
N GLU A 29 -11.80 -4.64 0.26
CA GLU A 29 -10.71 -5.59 0.04
C GLU A 29 -10.93 -6.38 -1.25
N GLN A 30 -12.18 -6.80 -1.48
CA GLN A 30 -12.51 -7.56 -2.67
C GLN A 30 -12.24 -6.76 -3.94
N ASP A 31 -12.61 -5.48 -3.91
CA ASP A 31 -12.40 -4.60 -5.05
C ASP A 31 -10.92 -4.31 -5.25
N LEU A 32 -10.21 -4.12 -4.15
CA LEU A 32 -8.77 -3.83 -4.20
C LEU A 32 -7.99 -5.02 -4.75
N LYS A 33 -8.41 -6.23 -4.36
CA LYS A 33 -7.75 -7.45 -4.81
C LYS A 33 -7.86 -7.59 -6.32
N GLU A 34 -9.04 -7.28 -6.87
CA GLU A 34 -9.27 -7.37 -8.31
C GLU A 34 -8.53 -6.27 -9.04
N TYR A 35 -8.63 -5.05 -8.54
CA TYR A 35 -7.96 -3.91 -9.15
C TYR A 35 -6.45 -4.11 -9.21
N PHE A 36 -5.87 -4.47 -8.06
CA PHE A 36 -4.44 -4.71 -7.98
C PHE A 36 -4.03 -5.91 -8.83
N SER A 37 -4.92 -6.88 -8.93
CA SER A 37 -4.66 -8.08 -9.72
C SER A 37 -4.35 -7.73 -11.17
N THR A 38 -4.76 -6.54 -11.58
CA THR A 38 -4.54 -6.08 -12.94
C THR A 38 -3.05 -5.83 -13.21
N PHE A 39 -2.31 -5.47 -12.16
CA PHE A 39 -0.89 -5.22 -12.28
C PHE A 39 -0.11 -6.52 -12.43
N GLY A 40 -0.63 -7.58 -11.82
CA GLY A 40 0.02 -8.87 -11.90
C GLY A 40 -0.66 -9.93 -11.04
N GLU A 41 -0.22 -10.03 -9.79
CA GLU A 41 -0.79 -11.01 -8.86
C GLU A 41 -0.79 -10.46 -7.44
N VAL A 42 -1.98 -10.16 -6.93
CA VAL A 42 -2.13 -9.62 -5.58
C VAL A 42 -1.57 -10.60 -4.55
N LEU A 43 -0.76 -10.08 -3.62
CA LEU A 43 -0.16 -10.90 -2.58
C LEU A 43 -0.89 -10.70 -1.25
N MET A 44 -1.35 -9.48 -1.01
CA MET A 44 -2.05 -9.16 0.23
C MET A 44 -2.95 -7.94 0.04
N VAL A 45 -4.13 -7.97 0.64
CA VAL A 45 -5.08 -6.87 0.53
C VAL A 45 -5.78 -6.62 1.86
N GLN A 46 -5.89 -5.35 2.23
CA GLN A 46 -6.54 -4.98 3.49
C GLN A 46 -7.00 -3.52 3.46
N VAL A 47 -8.02 -3.22 4.24
CA VAL A 47 -8.56 -1.86 4.30
C VAL A 47 -8.71 -1.39 5.74
N LYS A 48 -8.15 -0.22 6.04
CA LYS A 48 -8.23 0.35 7.39
C LYS A 48 -9.55 1.07 7.60
N LYS A 49 -10.16 0.84 8.75
CA LYS A 49 -11.43 1.48 9.09
C LYS A 49 -11.42 2.04 10.50
N ASP A 50 -12.25 3.05 10.75
CA ASP A 50 -12.33 3.66 12.07
C ASP A 50 -13.28 2.89 12.98
N LEU A 51 -13.06 3.00 14.29
CA LEU A 51 -13.89 2.31 15.26
C LEU A 51 -14.79 3.29 16.01
N LYS A 52 -14.42 4.57 15.97
CA LYS A 52 -15.19 5.61 16.63
C LYS A 52 -16.52 5.84 15.92
N THR A 53 -16.53 5.65 14.61
CA THR A 53 -17.74 5.84 13.82
C THR A 53 -18.02 4.63 12.95
N GLY A 54 -17.02 4.20 12.19
CA GLY A 54 -17.17 3.05 11.32
C GLY A 54 -16.98 3.40 9.85
N HIS A 55 -16.18 4.43 9.59
CA HIS A 55 -15.92 4.86 8.22
C HIS A 55 -14.46 4.59 7.84
N SER A 56 -14.27 4.02 6.65
CA SER A 56 -12.93 3.72 6.17
C SER A 56 -11.99 4.90 6.36
N LYS A 57 -10.75 4.62 6.75
CA LYS A 57 -9.76 5.66 6.97
C LYS A 57 -9.27 6.23 5.65
N GLY A 58 -9.56 5.52 4.55
CA GLY A 58 -9.14 5.97 3.24
C GLY A 58 -7.76 5.47 2.87
N PHE A 59 -7.27 4.50 3.61
CA PHE A 59 -5.95 3.92 3.36
C PHE A 59 -5.89 2.46 3.80
N GLY A 60 -5.06 1.68 3.12
CA GLY A 60 -4.93 0.27 3.46
C GLY A 60 -3.56 -0.29 3.12
N PHE A 61 -3.37 -1.58 3.33
CA PHE A 61 -2.10 -2.23 3.05
C PHE A 61 -2.25 -3.24 1.91
N VAL A 62 -1.23 -3.30 1.06
CA VAL A 62 -1.24 -4.22 -0.08
C VAL A 62 0.17 -4.63 -0.46
N ARG A 63 0.30 -5.85 -0.99
CA ARG A 63 1.60 -6.37 -1.39
C ARG A 63 1.48 -7.16 -2.69
N PHE A 64 2.54 -7.14 -3.50
CA PHE A 64 2.56 -7.85 -4.76
C PHE A 64 3.56 -9.01 -4.73
N THR A 65 3.25 -10.07 -5.46
CA THR A 65 4.12 -11.24 -5.51
C THR A 65 5.49 -10.88 -6.07
N GLU A 66 5.49 -10.15 -7.18
CA GLU A 66 6.74 -9.74 -7.82
C GLU A 66 7.23 -8.41 -7.25
N TYR A 67 8.46 -8.41 -6.76
CA TYR A 67 9.05 -7.20 -6.18
C TYR A 67 9.11 -6.08 -7.21
N GLU A 68 9.33 -6.46 -8.47
CA GLU A 68 9.41 -5.48 -9.55
C GLU A 68 8.06 -4.80 -9.78
N THR A 69 6.98 -5.53 -9.54
CA THR A 69 5.64 -5.00 -9.71
C THR A 69 5.32 -3.97 -8.63
N GLN A 70 5.60 -4.31 -7.38
CA GLN A 70 5.34 -3.42 -6.27
C GLN A 70 6.21 -2.17 -6.36
N VAL A 71 7.45 -2.34 -6.80
CA VAL A 71 8.38 -1.23 -6.94
C VAL A 71 7.87 -0.22 -7.94
N LYS A 72 7.50 -0.70 -9.13
CA LYS A 72 6.99 0.18 -10.19
C LYS A 72 5.65 0.77 -9.80
N VAL A 73 4.90 0.06 -8.96
CA VAL A 73 3.60 0.52 -8.52
C VAL A 73 3.72 1.81 -7.71
N MET A 74 4.71 1.86 -6.83
CA MET A 74 4.93 3.03 -5.99
C MET A 74 5.52 4.18 -6.81
N SER A 75 6.24 3.82 -7.87
CA SER A 75 6.87 4.82 -8.74
C SER A 75 5.82 5.68 -9.41
N GLN A 76 4.88 5.03 -10.11
CA GLN A 76 3.81 5.74 -10.81
C GLN A 76 2.57 5.86 -9.93
N ARG A 77 1.50 6.40 -10.50
CA ARG A 77 0.25 6.56 -9.77
C ARG A 77 -0.83 5.64 -10.33
N HIS A 78 -2.02 5.72 -9.75
CA HIS A 78 -3.15 4.89 -10.20
C HIS A 78 -4.48 5.55 -9.85
N MET A 79 -5.45 5.43 -10.74
CA MET A 79 -6.77 6.00 -10.53
C MET A 79 -7.80 4.92 -10.20
N ILE A 80 -8.28 4.93 -8.96
CA ILE A 80 -9.26 3.95 -8.52
C ILE A 80 -10.67 4.56 -8.49
N ASP A 81 -11.54 4.05 -9.35
CA ASP A 81 -12.92 4.53 -9.42
C ASP A 81 -12.94 6.04 -9.70
N GLY A 82 -11.91 6.53 -10.38
CA GLY A 82 -11.84 7.95 -10.68
C GLY A 82 -11.23 8.75 -9.56
N ARG A 83 -10.54 8.09 -8.66
CA ARG A 83 -9.90 8.74 -7.52
C ARG A 83 -8.39 8.62 -7.60
N TRP A 84 -7.69 9.68 -7.19
CA TRP A 84 -6.23 9.69 -7.22
C TRP A 84 -5.66 8.93 -6.01
N CYS A 85 -4.87 7.91 -6.29
CA CYS A 85 -4.26 7.11 -5.22
C CYS A 85 -2.79 6.86 -5.50
N ASP A 86 -2.00 6.74 -4.44
CA ASP A 86 -0.57 6.50 -4.57
C ASP A 86 -0.09 5.46 -3.57
N CYS A 87 0.80 4.58 -4.00
CA CYS A 87 1.34 3.54 -3.14
C CYS A 87 2.68 3.96 -2.54
N LYS A 88 2.76 3.91 -1.21
CA LYS A 88 3.99 4.29 -0.51
C LYS A 88 4.32 3.28 0.58
N LEU A 89 5.58 3.26 1.00
CA LEU A 89 6.02 2.35 2.05
C LEU A 89 5.68 2.89 3.43
N PRO A 90 5.32 1.98 4.35
CA PRO A 90 4.96 2.34 5.73
C PRO A 90 6.16 2.82 6.53
N ASN A 91 7.34 2.72 5.94
CA ASN A 91 8.58 3.16 6.60
C ASN A 91 8.55 4.66 6.85
N SER A 92 7.77 5.38 6.05
CA SER A 92 7.67 6.83 6.18
C SER A 92 6.82 7.21 7.40
N LYS A 93 7.33 6.90 8.58
CA LYS A 93 6.63 7.21 9.82
C LYS A 93 5.12 7.08 9.63
N GLN A 94 4.69 5.96 9.04
CA GLN A 94 3.28 5.72 8.80
C GLN A 94 2.69 4.85 9.91
N SER A 95 3.42 3.81 10.29
CA SER A 95 2.97 2.90 11.33
C SER A 95 3.48 3.34 12.70
N GLN A 96 3.40 4.64 12.95
CA GLN A 96 3.85 5.19 14.22
C GLN A 96 3.02 4.64 15.38
N ASP A 97 3.68 4.43 16.52
CA ASP A 97 3.01 3.90 17.70
C ASP A 97 2.34 5.03 18.49
N SER A 98 1.48 5.78 17.81
CA SER A 98 0.77 6.89 18.46
C SER A 98 -0.49 7.25 17.68
N GLY A 99 -1.23 8.23 18.19
CA GLY A 99 -2.45 8.65 17.53
C GLY A 99 -3.67 8.52 18.43
N PRO A 100 -3.82 9.46 19.37
CA PRO A 100 -4.94 9.46 20.32
C PRO A 100 -6.27 9.79 19.64
N SER A 101 -6.20 10.57 18.56
CA SER A 101 -7.40 10.96 17.82
C SER A 101 -8.36 9.79 17.70
N SER A 102 -7.83 8.62 17.37
CA SER A 102 -8.64 7.42 17.21
C SER A 102 -8.54 6.53 18.44
N GLY A 103 -7.32 6.08 18.74
CA GLY A 103 -7.10 5.22 19.89
C GLY A 103 -7.63 3.80 19.66
N GLY A 1 40.22 15.59 -6.97
CA GLY A 1 41.16 15.34 -8.04
C GLY A 1 40.63 14.33 -9.05
N SER A 2 41.41 13.28 -9.28
CA SER A 2 41.02 12.24 -10.23
C SER A 2 40.21 11.15 -9.54
N SER A 3 40.78 10.59 -8.47
CA SER A 3 40.11 9.53 -7.71
C SER A 3 38.86 10.07 -7.01
N GLY A 4 37.72 9.48 -7.35
CA GLY A 4 36.47 9.90 -6.75
C GLY A 4 35.74 8.77 -6.06
N SER A 5 36.50 7.96 -5.31
CA SER A 5 35.91 6.83 -4.59
C SER A 5 35.52 7.23 -3.17
N SER A 6 34.25 7.00 -2.83
CA SER A 6 33.74 7.34 -1.51
C SER A 6 32.97 6.18 -0.91
N GLY A 7 32.14 5.53 -1.73
CA GLY A 7 31.36 4.41 -1.27
C GLY A 7 29.93 4.43 -1.79
N VAL A 8 29.36 3.25 -2.02
CA VAL A 8 28.00 3.14 -2.52
C VAL A 8 26.99 3.08 -1.39
N LYS A 9 25.83 3.67 -1.59
CA LYS A 9 24.78 3.68 -0.59
C LYS A 9 23.49 3.09 -1.14
N ARG A 10 23.35 1.77 -1.05
CA ARG A 10 22.16 1.08 -1.54
C ARG A 10 21.78 -0.06 -0.62
N ALA A 11 20.64 0.08 0.04
CA ALA A 11 20.16 -0.95 0.96
C ALA A 11 19.10 -1.83 0.30
N VAL A 12 19.52 -2.99 -0.20
CA VAL A 12 18.61 -3.91 -0.86
C VAL A 12 17.47 -4.32 0.08
N GLN A 13 16.27 -4.47 -0.50
CA GLN A 13 15.10 -4.85 0.28
C GLN A 13 14.31 -5.94 -0.43
N LYS A 14 13.30 -6.47 0.24
CA LYS A 14 12.45 -7.51 -0.32
C LYS A 14 10.98 -7.09 -0.33
N THR A 15 10.15 -7.87 -1.00
CA THR A 15 8.73 -7.58 -1.08
C THR A 15 8.16 -7.21 0.29
N SER A 16 7.84 -5.94 0.47
CA SER A 16 7.30 -5.45 1.72
C SER A 16 5.89 -4.90 1.54
N ASP A 17 5.13 -4.81 2.63
CA ASP A 17 3.77 -4.29 2.58
C ASP A 17 3.76 -2.81 2.22
N LEU A 18 2.98 -2.47 1.21
CA LEU A 18 2.88 -1.08 0.77
C LEU A 18 1.55 -0.45 1.22
N ILE A 19 1.65 0.70 1.87
CA ILE A 19 0.46 1.40 2.34
C ILE A 19 -0.04 2.39 1.31
N VAL A 20 -1.34 2.33 1.02
CA VAL A 20 -1.95 3.23 0.05
C VAL A 20 -2.79 4.30 0.75
N LEU A 21 -2.61 5.55 0.33
CA LEU A 21 -3.35 6.66 0.91
C LEU A 21 -4.25 7.32 -0.14
N GLY A 22 -5.28 8.03 0.33
CA GLY A 22 -6.19 8.70 -0.57
C GLY A 22 -7.15 7.74 -1.25
N LEU A 23 -7.48 6.66 -0.56
CA LEU A 23 -8.40 5.66 -1.10
C LEU A 23 -9.84 5.97 -0.71
N PRO A 24 -10.75 5.83 -1.67
CA PRO A 24 -12.18 6.09 -1.45
C PRO A 24 -12.83 5.04 -0.54
N TRP A 25 -13.86 5.45 0.18
CA TRP A 25 -14.56 4.54 1.09
C TRP A 25 -15.14 3.36 0.32
N LYS A 26 -15.62 3.61 -0.89
CA LYS A 26 -16.20 2.57 -1.72
C LYS A 26 -15.25 1.38 -1.84
N THR A 27 -13.98 1.67 -2.10
CA THR A 27 -12.97 0.63 -2.25
C THR A 27 -12.99 -0.31 -1.05
N THR A 28 -12.71 -1.59 -1.31
CA THR A 28 -12.69 -2.60 -0.26
C THR A 28 -11.56 -3.59 -0.46
N GLU A 29 -11.33 -4.44 0.54
CA GLU A 29 -10.27 -5.43 0.47
C GLU A 29 -10.50 -6.39 -0.71
N GLN A 30 -11.74 -6.83 -0.88
CA GLN A 30 -12.09 -7.74 -1.95
C GLN A 30 -11.94 -7.06 -3.31
N ASP A 31 -12.34 -5.79 -3.37
CA ASP A 31 -12.27 -5.03 -4.61
C ASP A 31 -10.82 -4.70 -4.95
N LEU A 32 -10.03 -4.40 -3.93
CA LEU A 32 -8.63 -4.07 -4.12
C LEU A 32 -7.83 -5.27 -4.62
N LYS A 33 -8.19 -6.45 -4.13
CA LYS A 33 -7.53 -7.68 -4.54
C LYS A 33 -7.71 -7.94 -6.03
N GLU A 34 -8.93 -7.71 -6.52
CA GLU A 34 -9.23 -7.91 -7.93
C GLU A 34 -8.58 -6.83 -8.79
N TYR A 35 -8.66 -5.59 -8.33
CA TYR A 35 -8.07 -4.47 -9.05
C TYR A 35 -6.55 -4.59 -9.12
N PHE A 36 -5.92 -4.74 -7.97
CA PHE A 36 -4.47 -4.87 -7.89
C PHE A 36 -4.00 -6.08 -8.71
N SER A 37 -4.83 -7.11 -8.77
CA SER A 37 -4.49 -8.32 -9.50
C SER A 37 -4.32 -8.02 -10.99
N THR A 38 -4.88 -6.90 -11.42
CA THR A 38 -4.80 -6.51 -12.82
C THR A 38 -3.35 -6.24 -13.23
N PHE A 39 -2.53 -5.86 -12.27
CA PHE A 39 -1.12 -5.59 -12.52
C PHE A 39 -0.31 -6.87 -12.54
N GLY A 40 -0.80 -7.89 -11.87
CA GLY A 40 -0.12 -9.17 -11.82
C GLY A 40 -0.80 -10.17 -10.91
N GLU A 41 -0.45 -10.16 -9.64
CA GLU A 41 -1.04 -11.07 -8.67
C GLU A 41 -0.92 -10.51 -7.25
N VAL A 42 -2.05 -10.21 -6.64
CA VAL A 42 -2.08 -9.68 -5.28
C VAL A 42 -1.62 -10.73 -4.27
N LEU A 43 -0.71 -10.34 -3.40
CA LEU A 43 -0.20 -11.23 -2.37
C LEU A 43 -0.78 -10.91 -1.00
N MET A 44 -1.08 -9.63 -0.78
CA MET A 44 -1.64 -9.19 0.48
C MET A 44 -2.55 -7.97 0.27
N VAL A 45 -3.70 -7.99 0.91
CA VAL A 45 -4.66 -6.90 0.81
C VAL A 45 -5.30 -6.59 2.15
N GLN A 46 -5.42 -5.31 2.47
CA GLN A 46 -6.02 -4.87 3.73
C GLN A 46 -6.49 -3.43 3.65
N VAL A 47 -7.61 -3.14 4.30
CA VAL A 47 -8.17 -1.79 4.30
C VAL A 47 -8.51 -1.34 5.72
N LYS A 48 -7.87 -0.25 6.15
CA LYS A 48 -8.11 0.29 7.48
C LYS A 48 -9.43 1.03 7.55
N LYS A 49 -10.17 0.81 8.62
CA LYS A 49 -11.47 1.47 8.81
C LYS A 49 -11.59 2.05 10.22
N ASP A 50 -12.66 2.81 10.44
CA ASP A 50 -12.90 3.41 11.75
C ASP A 50 -14.24 2.95 12.33
N LEU A 51 -14.18 2.32 13.49
CA LEU A 51 -15.38 1.82 14.16
C LEU A 51 -16.18 2.97 14.76
N LYS A 52 -15.47 3.92 15.37
CA LYS A 52 -16.11 5.07 16.00
C LYS A 52 -17.34 5.50 15.21
N THR A 53 -17.23 5.48 13.88
CA THR A 53 -18.34 5.87 13.01
C THR A 53 -18.70 4.74 12.05
N GLY A 54 -17.68 4.03 11.57
CA GLY A 54 -17.92 2.93 10.65
C GLY A 54 -17.60 3.30 9.21
N HIS A 55 -16.63 4.20 9.04
CA HIS A 55 -16.24 4.63 7.71
C HIS A 55 -14.76 4.34 7.46
N SER A 56 -14.44 3.87 6.26
CA SER A 56 -13.07 3.54 5.90
C SER A 56 -12.16 4.75 6.09
N LYS A 57 -10.96 4.50 6.62
CA LYS A 57 -9.99 5.56 6.86
C LYS A 57 -9.45 6.12 5.54
N GLY A 58 -9.61 5.34 4.48
CA GLY A 58 -9.14 5.78 3.18
C GLY A 58 -7.72 5.34 2.90
N PHE A 59 -7.23 4.37 3.68
CA PHE A 59 -5.87 3.87 3.52
C PHE A 59 -5.78 2.41 3.95
N GLY A 60 -4.87 1.67 3.32
CA GLY A 60 -4.70 0.27 3.65
C GLY A 60 -3.34 -0.26 3.25
N PHE A 61 -3.11 -1.55 3.47
CA PHE A 61 -1.84 -2.17 3.13
C PHE A 61 -2.02 -3.20 2.00
N VAL A 62 -1.05 -3.25 1.10
CA VAL A 62 -1.09 -4.18 -0.02
C VAL A 62 0.31 -4.58 -0.46
N ARG A 63 0.46 -5.84 -0.86
CA ARG A 63 1.76 -6.35 -1.32
C ARG A 63 1.60 -7.17 -2.59
N PHE A 64 2.61 -7.11 -3.44
CA PHE A 64 2.60 -7.85 -4.70
C PHE A 64 3.52 -9.06 -4.64
N THR A 65 3.20 -10.08 -5.43
CA THR A 65 4.00 -11.30 -5.46
C THR A 65 5.39 -11.03 -6.00
N GLU A 66 5.48 -10.15 -7.00
CA GLU A 66 6.75 -9.80 -7.61
C GLU A 66 7.21 -8.42 -7.15
N TYR A 67 8.45 -8.35 -6.65
CA TYR A 67 9.01 -7.08 -6.18
C TYR A 67 8.99 -6.04 -7.29
N GLU A 68 9.20 -6.48 -8.53
CA GLU A 68 9.22 -5.58 -9.67
C GLU A 68 7.84 -4.98 -9.90
N THR A 69 6.80 -5.77 -9.65
CA THR A 69 5.43 -5.32 -9.84
C THR A 69 5.09 -4.18 -8.89
N GLN A 70 5.44 -4.34 -7.62
CA GLN A 70 5.17 -3.32 -6.61
C GLN A 70 5.96 -2.05 -6.91
N VAL A 71 7.18 -2.21 -7.39
CA VAL A 71 8.03 -1.07 -7.72
C VAL A 71 7.43 -0.24 -8.85
N LYS A 72 7.04 -0.92 -9.93
CA LYS A 72 6.45 -0.25 -11.07
C LYS A 72 5.16 0.46 -10.69
N VAL A 73 4.41 -0.14 -9.76
CA VAL A 73 3.16 0.44 -9.30
C VAL A 73 3.40 1.71 -8.48
N MET A 74 4.39 1.64 -7.59
CA MET A 74 4.73 2.79 -6.75
C MET A 74 5.17 3.97 -7.60
N SER A 75 5.90 3.69 -8.67
CA SER A 75 6.39 4.73 -9.56
C SER A 75 5.24 5.59 -10.09
N GLN A 76 4.47 5.01 -11.03
CA GLN A 76 3.35 5.72 -11.62
C GLN A 76 2.14 5.70 -10.69
N ARG A 77 1.38 6.79 -10.69
CA ARG A 77 0.20 6.90 -9.83
C ARG A 77 -0.95 6.07 -10.40
N HIS A 78 -2.03 5.99 -9.63
CA HIS A 78 -3.21 5.23 -10.04
C HIS A 78 -4.49 5.95 -9.64
N MET A 79 -5.49 5.88 -10.52
CA MET A 79 -6.78 6.52 -10.25
C MET A 79 -7.84 5.49 -9.89
N ILE A 80 -8.31 5.53 -8.65
CA ILE A 80 -9.33 4.60 -8.19
C ILE A 80 -10.65 5.32 -7.93
N ASP A 81 -11.67 4.98 -8.71
CA ASP A 81 -12.99 5.59 -8.56
C ASP A 81 -12.91 7.10 -8.71
N GLY A 82 -12.07 7.56 -9.64
CA GLY A 82 -11.93 8.98 -9.86
C GLY A 82 -11.19 9.67 -8.72
N ARG A 83 -10.42 8.90 -7.97
CA ARG A 83 -9.66 9.44 -6.84
C ARG A 83 -8.17 9.19 -7.02
N TRP A 84 -7.36 10.20 -6.68
CA TRP A 84 -5.92 10.08 -6.80
C TRP A 84 -5.33 9.29 -5.64
N CYS A 85 -4.69 8.17 -5.95
CA CYS A 85 -4.09 7.32 -4.93
C CYS A 85 -2.62 7.06 -5.24
N ASP A 86 -1.82 6.92 -4.19
CA ASP A 86 -0.39 6.66 -4.34
C ASP A 86 0.07 5.54 -3.41
N CYS A 87 1.10 4.81 -3.84
CA CYS A 87 1.63 3.71 -3.05
C CYS A 87 2.94 4.10 -2.37
N LYS A 88 3.00 3.95 -1.06
CA LYS A 88 4.19 4.29 -0.29
C LYS A 88 4.53 3.19 0.71
N LEU A 89 5.79 3.15 1.14
CA LEU A 89 6.24 2.15 2.09
C LEU A 89 6.06 2.64 3.52
N PRO A 90 5.72 1.72 4.43
CA PRO A 90 5.51 2.05 5.86
C PRO A 90 6.83 2.38 6.56
N ASN A 91 6.73 3.18 7.61
CA ASN A 91 7.91 3.59 8.38
C ASN A 91 7.85 3.03 9.80
N SER A 92 9.01 2.97 10.45
CA SER A 92 9.09 2.45 11.81
C SER A 92 7.85 2.83 12.61
N LYS A 93 7.48 4.11 12.54
CA LYS A 93 6.31 4.60 13.26
C LYS A 93 5.05 3.84 12.83
N GLN A 94 4.72 3.93 11.55
CA GLN A 94 3.54 3.24 11.02
C GLN A 94 3.62 1.75 11.26
N SER A 95 2.85 1.26 12.23
CA SER A 95 2.83 -0.16 12.55
C SER A 95 1.52 -0.55 13.24
N GLN A 96 0.79 -1.48 12.62
CA GLN A 96 -0.48 -1.94 13.17
C GLN A 96 -0.33 -3.31 13.81
N ASP A 97 0.03 -3.33 15.09
CA ASP A 97 0.21 -4.58 15.82
C ASP A 97 -1.09 -5.00 16.50
N SER A 98 -1.24 -6.30 16.73
CA SER A 98 -2.44 -6.83 17.37
C SER A 98 -2.10 -7.49 18.70
N GLY A 99 -2.87 -7.17 19.73
CA GLY A 99 -2.63 -7.74 21.05
C GLY A 99 -1.61 -6.95 21.84
N PRO A 100 -1.69 -7.07 23.18
CA PRO A 100 -0.76 -6.38 24.08
C PRO A 100 0.66 -6.93 24.01
N SER A 101 1.57 -6.16 23.44
CA SER A 101 2.95 -6.58 23.31
C SER A 101 3.58 -6.84 24.68
N SER A 102 4.62 -7.66 24.70
CA SER A 102 5.30 -8.00 25.94
C SER A 102 6.80 -7.76 25.83
N GLY A 103 7.40 -8.29 24.76
CA GLY A 103 8.82 -8.14 24.55
C GLY A 103 9.14 -7.08 23.51
N GLY A 1 1.58 15.74 -4.37
CA GLY A 1 1.88 15.03 -5.60
C GLY A 1 3.21 15.46 -6.19
N SER A 2 4.15 14.53 -6.27
CA SER A 2 5.47 14.81 -6.81
C SER A 2 5.93 13.69 -7.74
N SER A 3 6.99 13.95 -8.49
CA SER A 3 7.53 12.96 -9.42
C SER A 3 9.01 12.71 -9.16
N GLY A 4 9.43 11.45 -9.28
CA GLY A 4 10.81 11.10 -9.04
C GLY A 4 11.02 10.41 -7.71
N SER A 5 10.96 9.09 -7.72
CA SER A 5 11.13 8.30 -6.50
C SER A 5 12.52 8.52 -5.91
N SER A 6 13.54 8.33 -6.75
CA SER A 6 14.92 8.50 -6.31
C SER A 6 15.27 7.50 -5.23
N GLY A 7 14.84 6.26 -5.41
CA GLY A 7 15.12 5.21 -4.44
C GLY A 7 16.50 4.62 -4.61
N VAL A 8 16.74 3.48 -3.96
CA VAL A 8 18.04 2.82 -4.03
C VAL A 8 17.99 1.66 -5.02
N LYS A 9 17.31 1.86 -6.14
CA LYS A 9 17.19 0.84 -7.17
C LYS A 9 18.50 0.04 -7.29
N ARG A 10 19.62 0.75 -7.23
CA ARG A 10 20.92 0.11 -7.33
C ARG A 10 21.02 -1.08 -6.39
N ALA A 11 20.79 -0.84 -5.11
CA ALA A 11 20.85 -1.89 -4.10
C ALA A 11 19.62 -2.80 -4.18
N VAL A 12 19.77 -4.03 -3.70
CA VAL A 12 18.67 -4.98 -3.71
C VAL A 12 17.91 -4.97 -2.39
N GLN A 13 16.64 -5.33 -2.45
CA GLN A 13 15.80 -5.35 -1.25
C GLN A 13 14.61 -6.29 -1.44
N LYS A 14 14.19 -6.93 -0.36
CA LYS A 14 13.06 -7.85 -0.41
C LYS A 14 11.74 -7.09 -0.43
N THR A 15 10.67 -7.78 -0.82
CA THR A 15 9.35 -7.17 -0.89
C THR A 15 8.82 -6.85 0.51
N SER A 16 8.07 -5.76 0.61
CA SER A 16 7.51 -5.34 1.88
C SER A 16 6.11 -4.77 1.70
N ASP A 17 5.32 -4.78 2.77
CA ASP A 17 3.96 -4.27 2.73
C ASP A 17 3.92 -2.87 2.12
N LEU A 18 2.90 -2.60 1.31
CA LEU A 18 2.75 -1.31 0.67
C LEU A 18 1.48 -0.61 1.14
N ILE A 19 1.64 0.59 1.68
CA ILE A 19 0.50 1.37 2.17
C ILE A 19 -0.02 2.31 1.09
N VAL A 20 -1.34 2.33 0.91
CA VAL A 20 -1.96 3.18 -0.09
C VAL A 20 -2.78 4.29 0.57
N LEU A 21 -2.61 5.51 0.09
CA LEU A 21 -3.33 6.65 0.63
C LEU A 21 -4.31 7.22 -0.39
N GLY A 22 -5.15 8.14 0.05
CA GLY A 22 -6.14 8.74 -0.84
C GLY A 22 -7.10 7.72 -1.41
N LEU A 23 -7.51 6.77 -0.58
CA LEU A 23 -8.44 5.72 -1.00
C LEU A 23 -9.87 6.11 -0.63
N PRO A 24 -10.81 5.78 -1.53
CA PRO A 24 -12.23 6.06 -1.33
C PRO A 24 -12.85 5.21 -0.22
N TRP A 25 -14.18 5.20 -0.14
CA TRP A 25 -14.87 4.42 0.87
C TRP A 25 -15.49 3.17 0.26
N LYS A 26 -16.18 3.34 -0.86
CA LYS A 26 -16.82 2.22 -1.54
C LYS A 26 -15.84 1.07 -1.75
N THR A 27 -14.58 1.41 -2.04
CA THR A 27 -13.55 0.41 -2.25
C THR A 27 -13.37 -0.46 -1.02
N THR A 28 -13.25 -1.77 -1.24
CA THR A 28 -13.07 -2.72 -0.14
C THR A 28 -11.89 -3.64 -0.41
N GLU A 29 -11.68 -4.59 0.50
CA GLU A 29 -10.59 -5.54 0.37
C GLU A 29 -10.81 -6.48 -0.82
N GLN A 30 -12.07 -6.87 -1.02
CA GLN A 30 -12.42 -7.76 -2.12
C GLN A 30 -12.26 -7.06 -3.47
N ASP A 31 -12.69 -5.81 -3.53
CA ASP A 31 -12.59 -5.03 -4.76
C ASP A 31 -11.14 -4.67 -5.06
N LEU A 32 -10.39 -4.35 -4.01
CA LEU A 32 -8.99 -3.98 -4.16
C LEU A 32 -8.17 -5.14 -4.73
N LYS A 33 -8.52 -6.35 -4.32
CA LYS A 33 -7.82 -7.55 -4.79
C LYS A 33 -8.02 -7.72 -6.29
N GLU A 34 -9.23 -7.48 -6.75
CA GLU A 34 -9.55 -7.62 -8.18
C GLU A 34 -8.88 -6.51 -8.99
N TYR A 35 -8.98 -5.28 -8.50
CA TYR A 35 -8.41 -4.13 -9.18
C TYR A 35 -6.87 -4.23 -9.19
N PHE A 36 -6.31 -4.61 -8.05
CA PHE A 36 -4.87 -4.73 -7.92
C PHE A 36 -4.33 -5.84 -8.83
N SER A 37 -5.15 -6.86 -9.03
CA SER A 37 -4.77 -8.00 -9.88
C SER A 37 -4.44 -7.53 -11.29
N THR A 38 -5.04 -6.42 -11.69
CA THR A 38 -4.82 -5.86 -13.02
C THR A 38 -3.36 -5.47 -13.22
N PHE A 39 -2.68 -5.17 -12.11
CA PHE A 39 -1.28 -4.77 -12.16
C PHE A 39 -0.37 -6.00 -12.30
N GLY A 40 -0.85 -7.14 -11.84
CA GLY A 40 -0.09 -8.37 -11.92
C GLY A 40 -0.67 -9.48 -11.07
N GLU A 41 -0.03 -9.74 -9.93
CA GLU A 41 -0.50 -10.79 -9.03
C GLU A 41 -0.54 -10.28 -7.59
N VAL A 42 -1.75 -10.22 -7.04
CA VAL A 42 -1.94 -9.76 -5.67
C VAL A 42 -1.33 -10.73 -4.67
N LEU A 43 -0.62 -10.20 -3.68
CA LEU A 43 0.01 -11.02 -2.65
C LEU A 43 -0.64 -10.79 -1.29
N MET A 44 -1.19 -9.60 -1.11
CA MET A 44 -1.84 -9.25 0.15
C MET A 44 -2.74 -8.02 -0.02
N VAL A 45 -3.90 -8.05 0.63
CA VAL A 45 -4.83 -6.93 0.55
C VAL A 45 -5.49 -6.65 1.91
N GLN A 46 -5.56 -5.39 2.28
CA GLN A 46 -6.15 -4.99 3.55
C GLN A 46 -6.71 -3.57 3.48
N VAL A 47 -7.74 -3.30 4.26
CA VAL A 47 -8.36 -1.98 4.28
C VAL A 47 -8.55 -1.50 5.72
N LYS A 48 -7.98 -0.33 6.02
CA LYS A 48 -8.09 0.25 7.35
C LYS A 48 -9.43 0.94 7.54
N LYS A 49 -10.08 0.67 8.66
CA LYS A 49 -11.37 1.27 8.97
C LYS A 49 -11.43 1.73 10.42
N ASP A 50 -12.16 2.81 10.67
CA ASP A 50 -12.31 3.35 12.02
C ASP A 50 -13.59 2.86 12.66
N LEU A 51 -13.81 3.25 13.91
CA LEU A 51 -15.01 2.85 14.64
C LEU A 51 -15.88 4.05 14.96
N LYS A 52 -15.27 5.09 15.54
CA LYS A 52 -15.99 6.31 15.89
C LYS A 52 -17.10 6.60 14.88
N THR A 53 -16.84 6.30 13.62
CA THR A 53 -17.81 6.53 12.55
C THR A 53 -18.11 5.24 11.80
N GLY A 54 -17.11 4.37 11.70
CA GLY A 54 -17.29 3.12 11.00
C GLY A 54 -17.07 3.25 9.50
N HIS A 55 -16.06 4.02 9.11
CA HIS A 55 -15.75 4.23 7.71
C HIS A 55 -14.26 4.06 7.45
N SER A 56 -13.92 3.59 6.26
CA SER A 56 -12.52 3.37 5.88
C SER A 56 -11.68 4.61 6.19
N LYS A 57 -10.49 4.39 6.72
CA LYS A 57 -9.59 5.48 7.06
C LYS A 57 -9.02 6.13 5.80
N GLY A 58 -9.33 5.55 4.65
CA GLY A 58 -8.85 6.09 3.38
C GLY A 58 -7.49 5.53 3.00
N PHE A 59 -7.06 4.50 3.72
CA PHE A 59 -5.77 3.88 3.46
C PHE A 59 -5.76 2.42 3.89
N GLY A 60 -4.92 1.61 3.26
CA GLY A 60 -4.83 0.21 3.61
C GLY A 60 -3.47 -0.38 3.31
N PHE A 61 -3.35 -1.70 3.42
CA PHE A 61 -2.09 -2.38 3.17
C PHE A 61 -2.22 -3.37 2.01
N VAL A 62 -1.19 -3.46 1.19
CA VAL A 62 -1.18 -4.36 0.04
C VAL A 62 0.23 -4.81 -0.30
N ARG A 63 0.35 -6.03 -0.81
CA ARG A 63 1.64 -6.58 -1.18
C ARG A 63 1.57 -7.30 -2.53
N PHE A 64 2.65 -7.24 -3.29
CA PHE A 64 2.70 -7.89 -4.60
C PHE A 64 3.73 -9.00 -4.61
N THR A 65 3.48 -10.03 -5.41
CA THR A 65 4.39 -11.16 -5.52
C THR A 65 5.75 -10.74 -6.04
N GLU A 66 5.77 -10.10 -7.21
CA GLU A 66 7.01 -9.63 -7.81
C GLU A 66 7.41 -8.28 -7.25
N TYR A 67 8.65 -8.19 -6.77
CA TYR A 67 9.16 -6.95 -6.20
C TYR A 67 9.13 -5.82 -7.23
N GLU A 68 9.37 -6.18 -8.49
CA GLU A 68 9.38 -5.20 -9.57
C GLU A 68 7.99 -4.60 -9.78
N THR A 69 6.97 -5.44 -9.63
CA THR A 69 5.60 -5.00 -9.80
C THR A 69 5.22 -3.93 -8.78
N GLN A 70 5.56 -4.19 -7.53
CA GLN A 70 5.27 -3.23 -6.45
C GLN A 70 6.03 -1.93 -6.65
N VAL A 71 7.30 -2.05 -7.03
CA VAL A 71 8.14 -0.88 -7.26
C VAL A 71 7.57 0.00 -8.36
N LYS A 72 7.20 -0.62 -9.47
CA LYS A 72 6.63 0.09 -10.61
C LYS A 72 5.30 0.75 -10.23
N VAL A 73 4.56 0.09 -9.36
CA VAL A 73 3.26 0.62 -8.92
C VAL A 73 3.45 1.78 -7.96
N MET A 74 4.39 1.64 -7.03
CA MET A 74 4.65 2.68 -6.05
C MET A 74 5.21 3.94 -6.73
N SER A 75 5.75 3.76 -7.94
CA SER A 75 6.32 4.87 -8.69
C SER A 75 5.24 5.59 -9.49
N GLN A 76 4.38 4.82 -10.15
CA GLN A 76 3.31 5.38 -10.95
C GLN A 76 1.98 5.34 -10.21
N ARG A 77 1.28 6.47 -10.18
CA ARG A 77 0.00 6.55 -9.50
C ARG A 77 -1.05 5.70 -10.20
N HIS A 78 -2.22 5.58 -9.58
CA HIS A 78 -3.31 4.80 -10.14
C HIS A 78 -4.66 5.45 -9.86
N MET A 79 -5.56 5.40 -10.83
CA MET A 79 -6.88 5.99 -10.69
C MET A 79 -7.89 4.95 -10.21
N ILE A 80 -8.27 5.04 -8.95
CA ILE A 80 -9.23 4.11 -8.37
C ILE A 80 -10.62 4.73 -8.28
N ASP A 81 -11.55 4.19 -9.05
CA ASP A 81 -12.93 4.70 -9.07
C ASP A 81 -12.95 6.21 -9.23
N GLY A 82 -11.92 6.74 -9.89
CA GLY A 82 -11.84 8.18 -10.11
C GLY A 82 -11.16 8.90 -8.97
N ARG A 83 -10.40 8.16 -8.17
CA ARG A 83 -9.69 8.74 -7.03
C ARG A 83 -8.19 8.53 -7.17
N TRP A 84 -7.42 9.53 -6.79
CA TRP A 84 -5.96 9.46 -6.87
C TRP A 84 -5.39 8.73 -5.66
N CYS A 85 -4.67 7.65 -5.91
CA CYS A 85 -4.06 6.87 -4.84
C CYS A 85 -2.56 6.70 -5.07
N ASP A 86 -1.80 6.61 -3.99
CA ASP A 86 -0.36 6.43 -4.07
C ASP A 86 0.11 5.34 -3.13
N CYS A 87 0.91 4.41 -3.65
CA CYS A 87 1.43 3.31 -2.86
C CYS A 87 2.86 3.60 -2.39
N LYS A 88 3.07 3.52 -1.08
CA LYS A 88 4.39 3.78 -0.50
C LYS A 88 4.68 2.80 0.62
N LEU A 89 5.96 2.65 0.95
CA LEU A 89 6.38 1.74 2.01
C LEU A 89 6.23 2.39 3.38
N PRO A 90 5.82 1.60 4.38
CA PRO A 90 5.63 2.08 5.75
C PRO A 90 6.96 2.42 6.43
N ASN A 91 7.05 3.65 6.94
CA ASN A 91 8.26 4.10 7.62
C ASN A 91 7.93 4.85 8.91
N SER A 92 8.46 4.38 10.01
CA SER A 92 8.22 4.99 11.32
C SER A 92 6.77 4.78 11.75
N LYS A 93 6.27 3.58 11.53
CA LYS A 93 4.89 3.24 11.90
C LYS A 93 3.94 4.39 11.59
N GLN A 94 4.15 5.03 10.44
CA GLN A 94 3.31 6.15 10.03
C GLN A 94 1.83 5.81 10.19
N SER A 95 1.44 4.63 9.73
CA SER A 95 0.06 4.18 9.82
C SER A 95 -0.55 4.63 11.14
N GLN A 96 -0.06 4.07 12.24
CA GLN A 96 -0.56 4.41 13.57
C GLN A 96 0.58 4.42 14.60
N ASP A 97 0.93 5.61 15.06
CA ASP A 97 1.99 5.76 16.04
C ASP A 97 1.97 4.62 17.05
N SER A 98 0.87 4.51 17.79
CA SER A 98 0.72 3.46 18.79
C SER A 98 0.85 2.08 18.16
N GLY A 99 1.42 1.14 18.90
CA GLY A 99 1.59 -0.21 18.40
C GLY A 99 0.89 -1.24 19.26
N PRO A 100 1.61 -1.78 20.25
CA PRO A 100 1.08 -2.80 21.16
C PRO A 100 0.03 -2.22 22.11
N SER A 101 -0.91 -3.07 22.52
CA SER A 101 -1.97 -2.65 23.43
C SER A 101 -2.01 -3.53 24.68
N SER A 102 -2.67 -3.04 25.72
CA SER A 102 -2.78 -3.78 26.97
C SER A 102 -4.17 -4.37 27.14
N GLY A 103 -5.19 -3.57 26.82
CA GLY A 103 -6.57 -4.04 26.94
C GLY A 103 -7.54 -2.90 27.19
N GLY A 1 12.08 -6.38 13.32
CA GLY A 1 11.73 -7.70 12.85
C GLY A 1 12.57 -8.80 13.48
N SER A 2 12.62 -9.95 12.83
CA SER A 2 13.40 -11.08 13.33
C SER A 2 14.04 -11.85 12.18
N SER A 3 15.37 -11.73 12.07
CA SER A 3 16.11 -12.41 11.01
C SER A 3 17.10 -13.39 11.60
N GLY A 4 17.36 -14.48 10.86
CA GLY A 4 18.30 -15.48 11.33
C GLY A 4 17.66 -16.86 11.44
N SER A 5 17.18 -17.38 10.31
CA SER A 5 16.54 -18.69 10.29
C SER A 5 17.58 -19.81 10.30
N SER A 6 17.11 -21.04 10.35
CA SER A 6 18.00 -22.20 10.35
C SER A 6 17.90 -22.98 9.05
N GLY A 7 18.74 -22.61 8.08
CA GLY A 7 18.72 -23.29 6.79
C GLY A 7 19.04 -22.35 5.64
N VAL A 8 18.61 -22.73 4.45
CA VAL A 8 18.86 -21.92 3.25
C VAL A 8 18.13 -22.49 2.04
N LYS A 9 17.34 -21.65 1.39
CA LYS A 9 16.59 -22.07 0.20
C LYS A 9 16.99 -21.24 -1.02
N ARG A 10 17.20 -21.92 -2.13
CA ARG A 10 17.59 -21.25 -3.37
C ARG A 10 16.60 -20.15 -3.72
N ALA A 11 15.33 -20.52 -3.88
CA ALA A 11 14.29 -19.57 -4.23
C ALA A 11 14.10 -18.54 -3.12
N VAL A 12 14.04 -17.27 -3.50
CA VAL A 12 13.87 -16.19 -2.54
C VAL A 12 13.19 -14.99 -3.17
N GLN A 13 12.64 -14.11 -2.33
CA GLN A 13 11.96 -12.92 -2.81
C GLN A 13 12.04 -11.79 -1.79
N LYS A 14 12.34 -10.58 -2.26
CA LYS A 14 12.44 -9.42 -1.38
C LYS A 14 11.28 -8.47 -1.61
N THR A 15 10.26 -8.56 -0.77
CA THR A 15 9.08 -7.71 -0.88
C THR A 15 8.63 -7.22 0.49
N SER A 16 7.87 -6.12 0.49
CA SER A 16 7.37 -5.55 1.74
C SER A 16 5.99 -4.95 1.55
N ASP A 17 5.21 -4.91 2.62
CA ASP A 17 3.85 -4.36 2.57
C ASP A 17 3.88 -2.90 2.14
N LEU A 18 3.00 -2.54 1.22
CA LEU A 18 2.92 -1.17 0.72
C LEU A 18 1.63 -0.50 1.17
N ILE A 19 1.75 0.70 1.72
CA ILE A 19 0.60 1.45 2.18
C ILE A 19 0.04 2.35 1.09
N VAL A 20 -1.27 2.25 0.86
CA VAL A 20 -1.93 3.04 -0.17
C VAL A 20 -2.81 4.13 0.45
N LEU A 21 -2.69 5.34 -0.04
CA LEU A 21 -3.47 6.47 0.47
C LEU A 21 -4.27 7.12 -0.65
N GLY A 22 -5.51 7.50 -0.34
CA GLY A 22 -6.36 8.14 -1.33
C GLY A 22 -7.40 7.19 -1.90
N LEU A 23 -7.88 6.28 -1.06
CA LEU A 23 -8.87 5.31 -1.51
C LEU A 23 -10.29 5.80 -1.19
N PRO A 24 -11.23 5.50 -2.10
CA PRO A 24 -12.64 5.90 -1.96
C PRO A 24 -13.34 5.15 -0.83
N TRP A 25 -14.66 5.22 -0.80
CA TRP A 25 -15.45 4.55 0.21
C TRP A 25 -16.14 3.32 -0.35
N LYS A 26 -16.10 3.18 -1.68
CA LYS A 26 -16.72 2.05 -2.35
C LYS A 26 -15.69 0.96 -2.65
N THR A 27 -14.41 1.31 -2.51
CA THR A 27 -13.33 0.38 -2.77
C THR A 27 -12.94 -0.38 -1.51
N THR A 28 -13.47 -1.59 -1.36
CA THR A 28 -13.17 -2.42 -0.20
C THR A 28 -12.02 -3.38 -0.47
N GLU A 29 -11.74 -4.26 0.48
CA GLU A 29 -10.66 -5.23 0.33
C GLU A 29 -10.86 -6.08 -0.92
N GLN A 30 -12.09 -6.52 -1.14
CA GLN A 30 -12.42 -7.33 -2.30
C GLN A 30 -12.19 -6.56 -3.60
N ASP A 31 -12.53 -5.28 -3.59
CA ASP A 31 -12.36 -4.43 -4.76
C ASP A 31 -10.88 -4.17 -5.02
N LEU A 32 -10.14 -3.86 -3.96
CA LEU A 32 -8.72 -3.59 -4.08
C LEU A 32 -7.97 -4.81 -4.58
N LYS A 33 -8.38 -5.99 -4.12
CA LYS A 33 -7.75 -7.24 -4.53
C LYS A 33 -7.96 -7.49 -6.01
N GLU A 34 -9.18 -7.23 -6.49
CA GLU A 34 -9.51 -7.44 -7.89
C GLU A 34 -8.82 -6.40 -8.77
N TYR A 35 -8.85 -5.15 -8.33
CA TYR A 35 -8.23 -4.06 -9.09
C TYR A 35 -6.71 -4.21 -9.10
N PHE A 36 -6.13 -4.41 -7.93
CA PHE A 36 -4.68 -4.57 -7.81
C PHE A 36 -4.19 -5.74 -8.65
N SER A 37 -5.04 -6.75 -8.79
CA SER A 37 -4.69 -7.94 -9.58
C SER A 37 -4.37 -7.56 -11.02
N THR A 38 -4.83 -6.38 -11.43
CA THR A 38 -4.60 -5.90 -12.79
C THR A 38 -3.11 -5.61 -13.02
N PHE A 39 -2.45 -5.09 -11.99
CA PHE A 39 -1.03 -4.76 -12.09
C PHE A 39 -0.19 -6.02 -12.14
N GLY A 40 -0.71 -7.10 -11.55
CA GLY A 40 0.01 -8.36 -11.54
C GLY A 40 -0.73 -9.45 -10.79
N GLU A 41 -0.17 -9.86 -9.65
CA GLU A 41 -0.79 -10.90 -8.84
C GLU A 41 -0.86 -10.49 -7.37
N VAL A 42 -2.03 -10.01 -6.95
CA VAL A 42 -2.22 -9.57 -5.57
C VAL A 42 -1.75 -10.64 -4.59
N LEU A 43 -0.93 -10.23 -3.62
CA LEU A 43 -0.41 -11.14 -2.62
C LEU A 43 -1.05 -10.87 -1.25
N MET A 44 -1.43 -9.62 -1.03
CA MET A 44 -2.06 -9.24 0.24
C MET A 44 -2.92 -7.98 0.06
N VAL A 45 -4.09 -7.99 0.67
CA VAL A 45 -5.00 -6.86 0.58
C VAL A 45 -5.68 -6.59 1.93
N GLN A 46 -5.75 -5.32 2.30
CA GLN A 46 -6.37 -4.92 3.56
C GLN A 46 -6.78 -3.45 3.53
N VAL A 47 -7.82 -3.12 4.30
CA VAL A 47 -8.30 -1.75 4.36
C VAL A 47 -8.48 -1.28 5.80
N LYS A 48 -7.70 -0.28 6.19
CA LYS A 48 -7.75 0.26 7.55
C LYS A 48 -8.99 1.13 7.73
N LYS A 49 -9.78 0.83 8.75
CA LYS A 49 -10.99 1.59 9.04
C LYS A 49 -11.14 1.83 10.53
N ASP A 50 -12.05 2.73 10.89
CA ASP A 50 -12.30 3.04 12.30
C ASP A 50 -13.55 2.32 12.81
N LEU A 51 -13.60 2.09 14.11
CA LEU A 51 -14.74 1.41 14.71
C LEU A 51 -15.57 2.39 15.54
N LYS A 52 -15.03 3.57 15.78
CA LYS A 52 -15.72 4.59 16.55
C LYS A 52 -16.79 5.28 15.71
N THR A 53 -16.49 5.48 14.43
CA THR A 53 -17.43 6.13 13.52
C THR A 53 -17.89 5.17 12.42
N GLY A 54 -16.95 4.40 11.88
CA GLY A 54 -17.29 3.45 10.84
C GLY A 54 -16.95 3.97 9.45
N HIS A 55 -16.03 4.92 9.38
CA HIS A 55 -15.63 5.51 8.11
C HIS A 55 -14.23 5.05 7.71
N SER A 56 -14.09 4.54 6.49
CA SER A 56 -12.80 4.06 6.01
C SER A 56 -11.73 5.15 6.15
N LYS A 57 -10.54 4.74 6.57
CA LYS A 57 -9.43 5.67 6.74
C LYS A 57 -8.89 6.14 5.39
N GLY A 58 -9.43 5.57 4.31
CA GLY A 58 -8.99 5.94 2.98
C GLY A 58 -7.61 5.40 2.66
N PHE A 59 -7.14 4.44 3.45
CA PHE A 59 -5.83 3.85 3.25
C PHE A 59 -5.81 2.40 3.75
N GLY A 60 -4.88 1.61 3.22
CA GLY A 60 -4.77 0.23 3.62
C GLY A 60 -3.41 -0.37 3.28
N PHE A 61 -3.27 -1.67 3.49
CA PHE A 61 -2.02 -2.36 3.21
C PHE A 61 -2.18 -3.35 2.06
N VAL A 62 -1.16 -3.45 1.22
CA VAL A 62 -1.18 -4.36 0.08
C VAL A 62 0.22 -4.82 -0.28
N ARG A 63 0.32 -6.08 -0.72
CA ARG A 63 1.61 -6.64 -1.11
C ARG A 63 1.52 -7.33 -2.47
N PHE A 64 2.61 -7.30 -3.22
CA PHE A 64 2.65 -7.91 -4.54
C PHE A 64 3.59 -9.12 -4.55
N THR A 65 3.26 -10.12 -5.37
CA THR A 65 4.08 -11.32 -5.47
C THR A 65 5.45 -11.00 -6.04
N GLU A 66 5.50 -10.06 -6.99
CA GLU A 66 6.76 -9.67 -7.61
C GLU A 66 7.24 -8.33 -7.07
N TYR A 67 8.50 -8.29 -6.65
CA TYR A 67 9.07 -7.07 -6.11
C TYR A 67 9.06 -5.94 -7.15
N GLU A 68 9.24 -6.32 -8.41
CA GLU A 68 9.25 -5.35 -9.49
C GLU A 68 7.88 -4.67 -9.64
N THR A 69 6.83 -5.43 -9.36
CA THR A 69 5.47 -4.91 -9.44
C THR A 69 5.23 -3.79 -8.42
N GLN A 70 5.63 -4.05 -7.19
CA GLN A 70 5.48 -3.06 -6.12
C GLN A 70 6.30 -1.81 -6.40
N VAL A 71 7.53 -2.02 -6.85
CA VAL A 71 8.43 -0.91 -7.16
C VAL A 71 7.86 -0.03 -8.26
N LYS A 72 7.47 -0.66 -9.37
CA LYS A 72 6.90 0.07 -10.49
C LYS A 72 5.56 0.70 -10.12
N VAL A 73 4.81 0.03 -9.26
CA VAL A 73 3.51 0.52 -8.82
C VAL A 73 3.66 1.80 -8.00
N MET A 74 4.62 1.80 -7.09
CA MET A 74 4.87 2.96 -6.24
C MET A 74 5.38 4.13 -7.06
N SER A 75 5.85 3.85 -8.27
CA SER A 75 6.38 4.88 -9.16
C SER A 75 5.23 5.68 -9.79
N GLN A 76 4.43 4.99 -10.59
CA GLN A 76 3.30 5.64 -11.27
C GLN A 76 2.01 5.41 -10.49
N ARG A 77 1.36 6.50 -10.10
CA ARG A 77 0.11 6.42 -9.36
C ARG A 77 -0.95 5.67 -10.15
N HIS A 78 -2.16 5.61 -9.59
CA HIS A 78 -3.26 4.92 -10.26
C HIS A 78 -4.60 5.48 -9.80
N MET A 79 -5.52 5.67 -10.76
CA MET A 79 -6.85 6.21 -10.45
C MET A 79 -7.83 5.08 -10.18
N ILE A 80 -8.25 4.94 -8.93
CA ILE A 80 -9.19 3.90 -8.54
C ILE A 80 -10.58 4.49 -8.30
N ASP A 81 -11.53 4.12 -9.14
CA ASP A 81 -12.90 4.61 -9.02
C ASP A 81 -12.95 6.12 -9.18
N GLY A 82 -12.01 6.67 -9.94
CA GLY A 82 -11.96 8.10 -10.15
C GLY A 82 -11.20 8.83 -9.07
N ARG A 83 -10.70 8.08 -8.10
CA ARG A 83 -9.95 8.66 -7.00
C ARG A 83 -8.44 8.47 -7.20
N TRP A 84 -7.66 9.42 -6.70
CA TRP A 84 -6.21 9.36 -6.82
C TRP A 84 -5.60 8.56 -5.67
N CYS A 85 -4.85 7.52 -6.02
CA CYS A 85 -4.21 6.69 -5.01
C CYS A 85 -2.72 6.52 -5.31
N ASP A 86 -1.91 6.46 -4.25
CA ASP A 86 -0.47 6.30 -4.41
C ASP A 86 0.06 5.24 -3.45
N CYS A 87 0.94 4.39 -3.96
CA CYS A 87 1.53 3.32 -3.15
C CYS A 87 2.90 3.73 -2.64
N LYS A 88 3.08 3.66 -1.31
CA LYS A 88 4.34 4.01 -0.69
C LYS A 88 4.68 3.04 0.43
N LEU A 89 5.96 2.99 0.79
CA LEU A 89 6.43 2.10 1.86
C LEU A 89 6.33 2.79 3.22
N PRO A 90 5.99 2.02 4.26
CA PRO A 90 5.85 2.53 5.62
C PRO A 90 7.20 2.90 6.23
N ASN A 91 7.30 4.13 6.72
CA ASN A 91 8.54 4.62 7.33
C ASN A 91 8.24 5.45 8.58
N SER A 92 9.22 5.54 9.47
CA SER A 92 9.07 6.29 10.70
C SER A 92 7.86 5.80 11.50
N LYS A 93 7.65 4.50 11.50
CA LYS A 93 6.55 3.89 12.21
C LYS A 93 5.22 4.55 11.84
N GLN A 94 4.95 4.60 10.54
CA GLN A 94 3.71 5.21 10.04
C GLN A 94 2.52 4.81 10.91
N SER A 95 2.28 3.52 11.02
CA SER A 95 1.17 3.01 11.81
C SER A 95 1.57 2.85 13.27
N GLN A 96 0.59 2.78 14.16
CA GLN A 96 0.84 2.61 15.59
C GLN A 96 0.33 1.26 16.09
N ASP A 97 1.24 0.30 16.20
CA ASP A 97 0.88 -1.03 16.67
C ASP A 97 1.20 -1.19 18.15
N SER A 98 0.31 -1.84 18.89
CA SER A 98 0.50 -2.07 20.31
C SER A 98 0.33 -3.53 20.67
N GLY A 99 0.69 -3.89 21.89
CA GLY A 99 0.56 -5.27 22.34
C GLY A 99 1.55 -5.61 23.44
N PRO A 100 1.18 -5.29 24.69
CA PRO A 100 2.03 -5.56 25.86
C PRO A 100 2.13 -7.05 26.17
N SER A 101 3.23 -7.44 26.80
CA SER A 101 3.45 -8.84 27.16
C SER A 101 2.17 -9.46 27.72
N SER A 102 1.73 -8.96 28.86
CA SER A 102 0.52 -9.47 29.51
C SER A 102 -0.60 -8.45 29.42
N GLY A 103 -1.51 -8.64 28.46
CA GLY A 103 -2.62 -7.74 28.30
C GLY A 103 -3.24 -7.32 29.62
N GLY A 1 14.98 13.78 -14.42
CA GLY A 1 15.87 13.40 -13.35
C GLY A 1 15.44 12.12 -12.65
N SER A 2 16.15 11.04 -12.92
CA SER A 2 15.82 9.75 -12.31
C SER A 2 15.79 9.85 -10.79
N SER A 3 14.94 9.05 -10.17
CA SER A 3 14.80 9.05 -8.71
C SER A 3 16.18 9.12 -8.05
N GLY A 4 17.00 8.11 -8.30
CA GLY A 4 18.33 8.08 -7.72
C GLY A 4 18.30 8.12 -6.20
N SER A 5 17.83 7.03 -5.59
CA SER A 5 17.74 6.95 -4.13
C SER A 5 19.11 6.71 -3.52
N SER A 6 19.36 7.33 -2.38
CA SER A 6 20.64 7.20 -1.70
C SER A 6 20.44 6.72 -0.26
N GLY A 7 21.41 5.96 0.25
CA GLY A 7 21.31 5.46 1.61
C GLY A 7 20.04 4.66 1.85
N VAL A 8 19.80 3.66 1.01
CA VAL A 8 18.62 2.82 1.13
C VAL A 8 18.94 1.36 0.81
N LYS A 9 18.21 0.45 1.44
CA LYS A 9 18.41 -0.97 1.23
C LYS A 9 18.80 -1.25 -0.22
N ARG A 10 19.61 -2.29 -0.42
CA ARG A 10 20.05 -2.66 -1.76
C ARG A 10 20.64 -4.07 -1.77
N ALA A 11 20.58 -4.72 -2.92
CA ALA A 11 21.11 -6.08 -3.05
C ALA A 11 20.22 -7.09 -2.33
N VAL A 12 18.91 -6.87 -2.38
CA VAL A 12 17.97 -7.76 -1.72
C VAL A 12 16.80 -8.10 -2.65
N GLN A 13 16.31 -9.33 -2.54
CA GLN A 13 15.20 -9.79 -3.37
C GLN A 13 14.04 -10.28 -2.51
N LYS A 14 13.12 -9.38 -2.20
CA LYS A 14 11.96 -9.72 -1.38
C LYS A 14 10.93 -8.61 -1.40
N THR A 15 9.65 -8.98 -1.45
CA THR A 15 8.57 -8.00 -1.48
C THR A 15 8.36 -7.38 -0.10
N SER A 16 7.53 -6.34 -0.05
CA SER A 16 7.25 -5.65 1.20
C SER A 16 5.85 -5.03 1.18
N ASP A 17 5.26 -4.90 2.36
CA ASP A 17 3.92 -4.32 2.47
C ASP A 17 3.90 -2.89 1.95
N LEU A 18 2.89 -2.57 1.16
CA LEU A 18 2.75 -1.23 0.59
C LEU A 18 1.49 -0.54 1.11
N ILE A 19 1.66 0.68 1.63
CA ILE A 19 0.54 1.44 2.15
C ILE A 19 -0.01 2.40 1.11
N VAL A 20 -1.33 2.37 0.92
CA VAL A 20 -1.98 3.24 -0.04
C VAL A 20 -2.74 4.37 0.66
N LEU A 21 -2.58 5.59 0.16
CA LEU A 21 -3.26 6.75 0.74
C LEU A 21 -4.21 7.37 -0.27
N GLY A 22 -5.41 7.72 0.19
CA GLY A 22 -6.39 8.33 -0.69
C GLY A 22 -7.30 7.30 -1.34
N LEU A 23 -7.61 6.24 -0.62
CA LEU A 23 -8.47 5.18 -1.13
C LEU A 23 -9.93 5.44 -0.78
N PRO A 24 -10.82 5.23 -1.76
CA PRO A 24 -12.27 5.44 -1.58
C PRO A 24 -12.89 4.39 -0.66
N TRP A 25 -13.64 4.85 0.33
CA TRP A 25 -14.28 3.95 1.28
C TRP A 25 -15.06 2.86 0.55
N LYS A 26 -15.74 3.23 -0.53
CA LYS A 26 -16.51 2.28 -1.32
C LYS A 26 -15.65 1.10 -1.73
N THR A 27 -14.38 1.35 -2.03
CA THR A 27 -13.46 0.30 -2.43
C THR A 27 -13.02 -0.53 -1.24
N THR A 28 -13.17 -1.85 -1.35
CA THR A 28 -12.79 -2.75 -0.29
C THR A 28 -11.64 -3.65 -0.71
N GLU A 29 -11.22 -4.54 0.18
CA GLU A 29 -10.11 -5.45 -0.10
C GLU A 29 -10.43 -6.31 -1.32
N GLN A 30 -11.68 -6.74 -1.44
CA GLN A 30 -12.10 -7.57 -2.56
C GLN A 30 -11.92 -6.84 -3.89
N ASP A 31 -12.34 -5.58 -3.92
CA ASP A 31 -12.21 -4.77 -5.12
C ASP A 31 -10.76 -4.40 -5.39
N LEU A 32 -10.01 -4.17 -4.32
CA LEU A 32 -8.60 -3.80 -4.43
C LEU A 32 -7.79 -4.96 -5.01
N LYS A 33 -8.13 -6.18 -4.61
CA LYS A 33 -7.43 -7.37 -5.10
C LYS A 33 -7.58 -7.50 -6.60
N GLU A 34 -8.77 -7.18 -7.11
CA GLU A 34 -9.04 -7.28 -8.54
C GLU A 34 -8.29 -6.18 -9.31
N TYR A 35 -8.37 -4.96 -8.79
CA TYR A 35 -7.70 -3.82 -9.42
C TYR A 35 -6.19 -4.00 -9.41
N PHE A 36 -5.64 -4.23 -8.22
CA PHE A 36 -4.21 -4.42 -8.06
C PHE A 36 -3.71 -5.58 -8.92
N SER A 37 -4.57 -6.58 -9.09
CA SER A 37 -4.22 -7.76 -9.89
C SER A 37 -3.94 -7.36 -11.33
N THR A 38 -4.44 -6.20 -11.74
CA THR A 38 -4.25 -5.71 -13.10
C THR A 38 -2.77 -5.47 -13.39
N PHE A 39 -2.04 -5.05 -12.36
CA PHE A 39 -0.62 -4.77 -12.51
C PHE A 39 0.19 -6.06 -12.58
N GLY A 40 -0.29 -7.09 -11.89
CA GLY A 40 0.39 -8.38 -11.89
C GLY A 40 -0.38 -9.44 -11.15
N GLU A 41 -0.02 -9.65 -9.88
CA GLU A 41 -0.68 -10.65 -9.06
C GLU A 41 -0.66 -10.24 -7.59
N VAL A 42 -1.83 -9.81 -7.08
CA VAL A 42 -1.95 -9.39 -5.70
C VAL A 42 -1.52 -10.50 -4.74
N LEU A 43 -0.91 -10.11 -3.63
CA LEU A 43 -0.45 -11.07 -2.63
C LEU A 43 -1.11 -10.81 -1.29
N MET A 44 -1.42 -9.55 -1.02
CA MET A 44 -2.06 -9.17 0.24
C MET A 44 -2.93 -7.93 0.06
N VAL A 45 -4.08 -7.92 0.72
CA VAL A 45 -5.00 -6.78 0.64
C VAL A 45 -5.61 -6.47 2.00
N GLN A 46 -5.68 -5.19 2.33
CA GLN A 46 -6.23 -4.74 3.60
C GLN A 46 -6.68 -3.29 3.53
N VAL A 47 -7.76 -2.97 4.24
CA VAL A 47 -8.29 -1.61 4.25
C VAL A 47 -8.54 -1.14 5.68
N LYS A 48 -7.89 -0.05 6.07
CA LYS A 48 -8.04 0.50 7.40
C LYS A 48 -9.34 1.29 7.52
N LYS A 49 -10.04 1.11 8.64
CA LYS A 49 -11.30 1.80 8.88
C LYS A 49 -11.40 2.27 10.33
N ASP A 50 -12.44 3.04 10.63
CA ASP A 50 -12.66 3.54 11.98
C ASP A 50 -13.63 2.64 12.75
N LEU A 51 -13.73 2.89 14.05
CA LEU A 51 -14.62 2.10 14.90
C LEU A 51 -15.63 2.99 15.61
N LYS A 52 -15.31 4.27 15.71
CA LYS A 52 -16.19 5.24 16.36
C LYS A 52 -17.25 5.74 15.39
N THR A 53 -16.87 5.89 14.13
CA THR A 53 -17.81 6.36 13.10
C THR A 53 -18.18 5.24 12.15
N GLY A 54 -17.17 4.50 11.68
CA GLY A 54 -17.42 3.40 10.76
C GLY A 54 -16.97 3.71 9.35
N HIS A 55 -16.44 4.92 9.15
CA HIS A 55 -15.95 5.33 7.84
C HIS A 55 -14.51 4.90 7.63
N SER A 56 -14.20 4.44 6.41
CA SER A 56 -12.86 3.99 6.08
C SER A 56 -11.84 5.10 6.32
N LYS A 57 -10.65 4.72 6.77
CA LYS A 57 -9.59 5.68 7.04
C LYS A 57 -9.05 6.27 5.75
N GLY A 58 -9.33 5.59 4.63
CA GLY A 58 -8.87 6.06 3.34
C GLY A 58 -7.49 5.55 2.99
N PHE A 59 -7.03 4.56 3.75
CA PHE A 59 -5.72 3.97 3.51
C PHE A 59 -5.69 2.51 3.95
N GLY A 60 -4.85 1.71 3.30
CA GLY A 60 -4.74 0.31 3.63
C GLY A 60 -3.38 -0.27 3.30
N PHE A 61 -3.26 -1.59 3.36
CA PHE A 61 -2.00 -2.27 3.08
C PHE A 61 -2.17 -3.28 1.95
N VAL A 62 -1.17 -3.38 1.10
CA VAL A 62 -1.21 -4.32 -0.03
C VAL A 62 0.19 -4.78 -0.41
N ARG A 63 0.30 -6.03 -0.84
CA ARG A 63 1.59 -6.59 -1.24
C ARG A 63 1.46 -7.36 -2.54
N PHE A 64 2.51 -7.31 -3.36
CA PHE A 64 2.52 -8.01 -4.64
C PHE A 64 3.42 -9.23 -4.59
N THR A 65 3.05 -10.26 -5.33
CA THR A 65 3.82 -11.51 -5.37
C THR A 65 5.26 -11.23 -5.79
N GLU A 66 5.43 -10.27 -6.70
CA GLU A 66 6.77 -9.91 -7.19
C GLU A 66 7.19 -8.55 -6.66
N TYR A 67 8.41 -8.47 -6.14
CA TYR A 67 8.94 -7.23 -5.60
C TYR A 67 9.03 -6.16 -6.69
N GLU A 68 9.32 -6.60 -7.91
CA GLU A 68 9.45 -5.68 -9.03
C GLU A 68 8.09 -5.04 -9.36
N THR A 69 7.03 -5.80 -9.15
CA THR A 69 5.68 -5.32 -9.44
C THR A 69 5.30 -4.16 -8.50
N GLN A 70 5.54 -4.36 -7.21
CA GLN A 70 5.23 -3.33 -6.22
C GLN A 70 5.99 -2.05 -6.51
N VAL A 71 7.25 -2.18 -6.92
CA VAL A 71 8.08 -1.02 -7.23
C VAL A 71 7.50 -0.22 -8.39
N LYS A 72 7.17 -0.91 -9.48
CA LYS A 72 6.61 -0.26 -10.65
C LYS A 72 5.24 0.34 -10.33
N VAL A 73 4.47 -0.36 -9.50
CA VAL A 73 3.15 0.11 -9.11
C VAL A 73 3.23 1.36 -8.26
N MET A 74 4.19 1.38 -7.34
CA MET A 74 4.38 2.52 -6.46
C MET A 74 4.80 3.76 -7.24
N SER A 75 5.64 3.55 -8.26
CA SER A 75 6.11 4.66 -9.09
C SER A 75 4.97 5.27 -9.89
N GLN A 76 4.19 4.42 -10.54
CA GLN A 76 3.06 4.88 -11.34
C GLN A 76 1.80 5.02 -10.48
N ARG A 77 1.07 6.11 -10.70
CA ARG A 77 -0.15 6.36 -9.94
C ARG A 77 -1.35 5.63 -10.56
N HIS A 78 -2.45 5.58 -9.82
CA HIS A 78 -3.66 4.92 -10.30
C HIS A 78 -4.90 5.58 -9.73
N MET A 79 -5.97 5.62 -10.54
CA MET A 79 -7.22 6.23 -10.10
C MET A 79 -8.27 5.16 -9.82
N ILE A 80 -8.58 4.97 -8.55
CA ILE A 80 -9.57 3.98 -8.14
C ILE A 80 -10.92 4.64 -7.82
N ASP A 81 -11.93 4.31 -8.60
CA ASP A 81 -13.27 4.86 -8.40
C ASP A 81 -13.25 6.39 -8.54
N GLY A 82 -12.44 6.88 -9.48
CA GLY A 82 -12.35 8.31 -9.69
C GLY A 82 -11.64 9.02 -8.55
N ARG A 83 -10.74 8.32 -7.89
CA ARG A 83 -9.99 8.90 -6.77
C ARG A 83 -8.49 8.71 -6.96
N TRP A 84 -7.73 9.74 -6.61
CA TRP A 84 -6.27 9.69 -6.76
C TRP A 84 -5.65 8.90 -5.61
N CYS A 85 -5.01 7.78 -5.93
CA CYS A 85 -4.37 6.95 -4.93
C CYS A 85 -2.94 6.62 -5.33
N ASP A 86 -2.04 6.64 -4.36
CA ASP A 86 -0.63 6.34 -4.60
C ASP A 86 -0.11 5.29 -3.62
N CYS A 87 0.68 4.36 -4.13
CA CYS A 87 1.24 3.30 -3.30
C CYS A 87 2.65 3.64 -2.86
N LYS A 88 2.89 3.58 -1.55
CA LYS A 88 4.21 3.89 -1.00
C LYS A 88 4.56 2.93 0.13
N LEU A 89 5.86 2.82 0.43
CA LEU A 89 6.33 1.94 1.48
C LEU A 89 6.17 2.59 2.85
N PRO A 90 5.83 1.76 3.85
CA PRO A 90 5.65 2.23 5.23
C PRO A 90 6.96 2.66 5.88
N ASN A 91 7.00 3.90 6.37
CA ASN A 91 8.19 4.42 7.01
C ASN A 91 8.05 4.39 8.54
N SER A 92 9.19 4.49 9.23
CA SER A 92 9.18 4.46 10.68
C SER A 92 8.00 5.25 11.24
N LYS A 93 7.74 6.41 10.65
CA LYS A 93 6.63 7.26 11.09
C LYS A 93 5.29 6.59 10.80
N GLN A 94 5.03 6.32 9.53
CA GLN A 94 3.78 5.69 9.12
C GLN A 94 3.32 4.67 10.16
N SER A 95 4.14 3.64 10.37
CA SER A 95 3.81 2.59 11.33
C SER A 95 3.55 3.19 12.71
N GLN A 96 2.30 3.07 13.16
CA GLN A 96 1.92 3.60 14.47
C GLN A 96 1.75 2.47 15.48
N ASP A 97 2.76 2.28 16.32
CA ASP A 97 2.73 1.25 17.34
C ASP A 97 2.78 1.85 18.74
N SER A 98 2.01 1.27 19.65
CA SER A 98 1.95 1.75 21.03
C SER A 98 2.65 0.78 21.98
N GLY A 99 3.85 1.14 22.42
CA GLY A 99 4.59 0.29 23.32
C GLY A 99 5.70 1.04 24.05
N PRO A 100 6.70 0.30 24.54
CA PRO A 100 7.84 0.88 25.26
C PRO A 100 8.74 1.69 24.36
N SER A 101 8.49 1.63 23.06
CA SER A 101 9.28 2.37 22.08
C SER A 101 9.51 3.82 22.54
N SER A 102 10.68 4.08 23.11
CA SER A 102 11.00 5.41 23.59
C SER A 102 12.49 5.51 23.91
N GLY A 103 13.17 6.46 23.26
CA GLY A 103 14.59 6.65 23.49
C GLY A 103 14.87 7.78 24.46
N GLY A 1 26.12 21.49 7.61
CA GLY A 1 25.11 21.41 6.56
C GLY A 1 24.35 20.10 6.60
N SER A 2 23.13 20.11 6.07
CA SER A 2 22.29 18.92 6.06
C SER A 2 22.36 18.23 4.69
N SER A 3 21.98 18.97 3.65
CA SER A 3 21.98 18.43 2.30
C SER A 3 21.12 17.18 2.20
N GLY A 4 19.96 17.21 2.84
CA GLY A 4 19.06 16.07 2.82
C GLY A 4 19.27 15.15 4.00
N SER A 5 18.20 14.48 4.42
CA SER A 5 18.27 13.56 5.55
C SER A 5 17.91 12.15 5.13
N SER A 6 18.73 11.18 5.55
CA SER A 6 18.49 9.78 5.20
C SER A 6 18.98 8.86 6.32
N GLY A 7 18.10 7.98 6.77
CA GLY A 7 18.45 7.05 7.84
C GLY A 7 17.60 5.80 7.81
N VAL A 8 17.66 5.06 6.71
CA VAL A 8 16.90 3.83 6.56
C VAL A 8 17.80 2.66 6.21
N LYS A 9 17.61 1.54 6.89
CA LYS A 9 18.41 0.35 6.64
C LYS A 9 17.98 -0.33 5.34
N ARG A 10 18.87 -1.15 4.78
CA ARG A 10 18.58 -1.86 3.54
C ARG A 10 17.64 -3.04 3.78
N ALA A 11 16.92 -3.43 2.75
CA ALA A 11 15.99 -4.55 2.85
C ALA A 11 16.62 -5.85 2.37
N VAL A 12 16.01 -6.97 2.71
CA VAL A 12 16.51 -8.28 2.30
C VAL A 12 16.07 -8.63 0.89
N GLN A 13 16.21 -7.67 -0.02
CA GLN A 13 15.83 -7.87 -1.41
C GLN A 13 14.53 -8.66 -1.50
N LYS A 14 13.59 -8.36 -0.60
CA LYS A 14 12.31 -9.05 -0.59
C LYS A 14 11.15 -8.04 -0.65
N THR A 15 9.94 -8.54 -0.85
CA THR A 15 8.76 -7.69 -0.92
C THR A 15 8.32 -7.23 0.46
N SER A 16 7.79 -6.01 0.53
CA SER A 16 7.32 -5.46 1.79
C SER A 16 5.92 -4.87 1.65
N ASP A 17 5.21 -4.77 2.77
CA ASP A 17 3.86 -4.22 2.77
C ASP A 17 3.85 -2.78 2.29
N LEU A 18 2.99 -2.49 1.33
CA LEU A 18 2.90 -1.13 0.77
C LEU A 18 1.61 -0.45 1.23
N ILE A 19 1.72 0.80 1.63
CA ILE A 19 0.57 1.57 2.09
C ILE A 19 0.08 2.54 1.01
N VAL A 20 -1.22 2.51 0.75
CA VAL A 20 -1.81 3.39 -0.25
C VAL A 20 -2.66 4.48 0.39
N LEU A 21 -2.43 5.72 0.00
CA LEU A 21 -3.18 6.85 0.54
C LEU A 21 -4.15 7.40 -0.50
N GLY A 22 -5.14 8.15 -0.02
CA GLY A 22 -6.13 8.73 -0.91
C GLY A 22 -7.10 7.69 -1.45
N LEU A 23 -7.42 6.70 -0.62
CA LEU A 23 -8.34 5.64 -1.02
C LEU A 23 -9.76 5.96 -0.56
N PRO A 24 -10.73 5.78 -1.48
CA PRO A 24 -12.14 6.03 -1.19
C PRO A 24 -12.73 5.02 -0.21
N TRP A 25 -13.83 5.39 0.43
CA TRP A 25 -14.50 4.51 1.39
C TRP A 25 -15.14 3.33 0.68
N LYS A 26 -15.95 3.62 -0.33
CA LYS A 26 -16.63 2.58 -1.09
C LYS A 26 -15.67 1.42 -1.39
N THR A 27 -14.44 1.74 -1.74
CA THR A 27 -13.44 0.72 -2.06
C THR A 27 -13.09 -0.08 -0.82
N THR A 28 -13.27 -1.40 -0.91
CA THR A 28 -12.97 -2.29 0.21
C THR A 28 -11.83 -3.25 -0.14
N GLU A 29 -11.43 -4.06 0.83
CA GLU A 29 -10.35 -5.02 0.62
C GLU A 29 -10.64 -5.91 -0.59
N GLN A 30 -11.92 -6.24 -0.78
CA GLN A 30 -12.33 -7.09 -1.90
C GLN A 30 -12.15 -6.36 -3.23
N ASP A 31 -12.52 -5.09 -3.25
CA ASP A 31 -12.39 -4.28 -4.47
C ASP A 31 -10.92 -4.04 -4.80
N LEU A 32 -10.12 -3.83 -3.77
CA LEU A 32 -8.69 -3.58 -3.95
C LEU A 32 -8.00 -4.80 -4.57
N LYS A 33 -8.38 -5.98 -4.09
CA LYS A 33 -7.80 -7.23 -4.59
C LYS A 33 -8.08 -7.40 -6.08
N GLU A 34 -9.28 -7.02 -6.50
CA GLU A 34 -9.68 -7.13 -7.90
C GLU A 34 -8.94 -6.12 -8.76
N TYR A 35 -8.86 -4.88 -8.28
CA TYR A 35 -8.19 -3.81 -9.00
C TYR A 35 -6.68 -4.08 -9.10
N PHE A 36 -6.06 -4.33 -7.95
CA PHE A 36 -4.63 -4.61 -7.90
C PHE A 36 -4.28 -5.82 -8.76
N SER A 37 -5.21 -6.77 -8.85
CA SER A 37 -5.00 -7.97 -9.64
C SER A 37 -4.72 -7.63 -11.10
N THR A 38 -5.09 -6.42 -11.49
CA THR A 38 -4.88 -5.96 -12.87
C THR A 38 -3.40 -5.77 -13.15
N PHE A 39 -2.66 -5.33 -12.15
CA PHE A 39 -1.21 -5.10 -12.31
C PHE A 39 -0.46 -6.43 -12.29
N GLY A 40 -1.08 -7.45 -11.71
CA GLY A 40 -0.45 -8.76 -11.63
C GLY A 40 -1.19 -9.71 -10.71
N GLU A 41 -0.50 -10.20 -9.69
CA GLU A 41 -1.11 -11.13 -8.74
C GLU A 41 -1.00 -10.59 -7.31
N VAL A 42 -2.12 -10.13 -6.78
CA VAL A 42 -2.16 -9.59 -5.43
C VAL A 42 -1.66 -10.61 -4.41
N LEU A 43 -0.75 -10.17 -3.56
CA LEU A 43 -0.18 -11.05 -2.53
C LEU A 43 -0.80 -10.76 -1.17
N MET A 44 -1.21 -9.52 -0.95
CA MET A 44 -1.81 -9.12 0.31
C MET A 44 -2.72 -7.90 0.11
N VAL A 45 -3.89 -7.92 0.74
CA VAL A 45 -4.84 -6.82 0.63
C VAL A 45 -5.50 -6.55 1.98
N GLN A 46 -5.61 -5.27 2.32
CA GLN A 46 -6.23 -4.87 3.59
C GLN A 46 -6.68 -3.42 3.53
N VAL A 47 -7.76 -3.11 4.24
CA VAL A 47 -8.31 -1.75 4.27
C VAL A 47 -8.58 -1.31 5.70
N LYS A 48 -7.93 -0.22 6.11
CA LYS A 48 -8.10 0.31 7.45
C LYS A 48 -9.43 1.05 7.59
N LYS A 49 -10.12 0.82 8.70
CA LYS A 49 -11.41 1.46 8.94
C LYS A 49 -11.53 1.90 10.40
N ASP A 50 -12.43 2.84 10.66
CA ASP A 50 -12.65 3.33 12.01
C ASP A 50 -13.62 2.44 12.77
N LEU A 51 -13.75 2.68 14.07
CA LEU A 51 -14.66 1.89 14.91
C LEU A 51 -15.78 2.77 15.46
N LYS A 52 -15.85 4.01 14.98
CA LYS A 52 -16.87 4.94 15.42
C LYS A 52 -18.04 4.98 14.44
N THR A 53 -17.72 5.09 13.15
CA THR A 53 -18.73 5.13 12.11
C THR A 53 -18.72 3.85 11.28
N GLY A 54 -17.58 3.57 10.64
CA GLY A 54 -17.47 2.38 9.82
C GLY A 54 -17.03 2.68 8.41
N HIS A 55 -16.21 3.73 8.26
CA HIS A 55 -15.71 4.13 6.95
C HIS A 55 -14.19 4.08 6.91
N SER A 56 -13.65 3.46 5.87
CA SER A 56 -12.20 3.33 5.71
C SER A 56 -11.51 4.63 6.11
N LYS A 57 -10.31 4.50 6.68
CA LYS A 57 -9.54 5.67 7.10
C LYS A 57 -8.91 6.37 5.89
N GLY A 58 -9.12 5.79 4.71
CA GLY A 58 -8.57 6.39 3.51
C GLY A 58 -7.19 5.84 3.17
N PHE A 59 -6.80 4.77 3.85
CA PHE A 59 -5.49 4.17 3.63
C PHE A 59 -5.52 2.68 3.97
N GLY A 60 -4.73 1.89 3.24
CA GLY A 60 -4.68 0.46 3.47
C GLY A 60 -3.32 -0.13 3.16
N PHE A 61 -3.19 -1.44 3.34
CA PHE A 61 -1.94 -2.13 3.07
C PHE A 61 -2.10 -3.14 1.95
N VAL A 62 -1.08 -3.25 1.09
CA VAL A 62 -1.11 -4.18 -0.02
C VAL A 62 0.29 -4.65 -0.39
N ARG A 63 0.39 -5.86 -0.92
CA ARG A 63 1.66 -6.43 -1.31
C ARG A 63 1.52 -7.29 -2.57
N PHE A 64 2.51 -7.20 -3.45
CA PHE A 64 2.49 -7.96 -4.70
C PHE A 64 3.41 -9.18 -4.61
N THR A 65 3.15 -10.16 -5.46
CA THR A 65 3.96 -11.38 -5.48
C THR A 65 5.36 -11.11 -6.02
N GLU A 66 5.46 -10.16 -6.94
CA GLU A 66 6.74 -9.80 -7.54
C GLU A 66 7.17 -8.40 -7.12
N TYR A 67 8.39 -8.29 -6.61
CA TYR A 67 8.91 -7.00 -6.16
C TYR A 67 8.98 -6.01 -7.33
N GLU A 68 9.27 -6.53 -8.51
CA GLU A 68 9.36 -5.70 -9.71
C GLU A 68 8.02 -5.03 -10.02
N THR A 69 6.94 -5.76 -9.75
CA THR A 69 5.59 -5.24 -10.00
C THR A 69 5.23 -4.14 -9.01
N GLN A 70 5.47 -4.41 -7.72
CA GLN A 70 5.17 -3.44 -6.68
C GLN A 70 6.02 -2.18 -6.84
N VAL A 71 7.27 -2.37 -7.24
CA VAL A 71 8.19 -1.25 -7.42
C VAL A 71 7.65 -0.27 -8.46
N LYS A 72 7.23 -0.80 -9.60
CA LYS A 72 6.68 0.04 -10.66
C LYS A 72 5.35 0.66 -10.25
N VAL A 73 4.64 -0.02 -9.36
CA VAL A 73 3.35 0.45 -8.88
C VAL A 73 3.51 1.74 -8.09
N MET A 74 4.50 1.77 -7.20
CA MET A 74 4.76 2.94 -6.37
C MET A 74 5.31 4.09 -7.21
N SER A 75 6.09 3.75 -8.23
CA SER A 75 6.68 4.75 -9.11
C SER A 75 5.61 5.68 -9.67
N GLN A 76 4.76 5.14 -10.54
CA GLN A 76 3.69 5.92 -11.15
C GLN A 76 2.42 5.84 -10.31
N ARG A 77 1.55 6.84 -10.46
CA ARG A 77 0.30 6.88 -9.72
C ARG A 77 -0.75 6.00 -10.38
N HIS A 78 -1.86 5.78 -9.68
CA HIS A 78 -2.94 4.95 -10.20
C HIS A 78 -4.30 5.47 -9.72
N MET A 79 -5.30 5.39 -10.59
CA MET A 79 -6.64 5.84 -10.25
C MET A 79 -7.53 4.67 -9.86
N ILE A 80 -8.18 4.79 -8.70
CA ILE A 80 -9.05 3.74 -8.21
C ILE A 80 -10.47 4.27 -7.96
N ASP A 81 -11.42 3.77 -8.74
CA ASP A 81 -12.81 4.18 -8.60
C ASP A 81 -12.95 5.68 -8.87
N GLY A 82 -12.15 6.19 -9.79
CA GLY A 82 -12.20 7.60 -10.13
C GLY A 82 -11.55 8.47 -9.07
N ARG A 83 -10.69 7.87 -8.25
CA ARG A 83 -10.01 8.59 -7.19
C ARG A 83 -8.50 8.52 -7.37
N TRP A 84 -7.79 9.49 -6.80
CA TRP A 84 -6.34 9.54 -6.90
C TRP A 84 -5.69 8.85 -5.70
N CYS A 85 -4.92 7.80 -5.97
CA CYS A 85 -4.24 7.06 -4.92
C CYS A 85 -2.79 6.78 -5.29
N ASP A 86 -1.93 6.72 -4.29
CA ASP A 86 -0.51 6.46 -4.51
C ASP A 86 0.01 5.40 -3.54
N CYS A 87 0.95 4.60 -4.02
CA CYS A 87 1.53 3.54 -3.19
C CYS A 87 2.91 3.94 -2.66
N LYS A 88 3.07 3.89 -1.34
CA LYS A 88 4.32 4.25 -0.70
C LYS A 88 4.66 3.30 0.44
N LEU A 89 5.93 3.26 0.82
CA LEU A 89 6.38 2.39 1.91
C LEU A 89 6.09 3.02 3.26
N PRO A 90 5.75 2.18 4.24
CA PRO A 90 5.45 2.63 5.60
C PRO A 90 6.69 3.14 6.34
N ASN A 91 6.49 3.76 7.50
CA ASN A 91 7.59 4.28 8.29
C ASN A 91 7.53 3.75 9.72
N SER A 92 8.66 3.82 10.43
CA SER A 92 8.73 3.36 11.80
C SER A 92 7.53 3.82 12.60
N LYS A 93 7.20 5.11 12.47
CA LYS A 93 6.06 5.68 13.17
C LYS A 93 4.75 5.02 12.75
N GLN A 94 4.59 4.80 11.45
CA GLN A 94 3.39 4.17 10.93
C GLN A 94 3.22 2.77 11.49
N SER A 95 4.08 1.85 11.06
CA SER A 95 4.02 0.47 11.53
C SER A 95 4.48 0.36 12.97
N GLN A 96 3.53 0.31 13.89
CA GLN A 96 3.83 0.21 15.31
C GLN A 96 3.62 -1.21 15.83
N ASP A 97 4.68 -2.01 15.80
CA ASP A 97 4.61 -3.40 16.26
C ASP A 97 4.36 -3.46 17.77
N SER A 98 3.09 -3.65 18.14
CA SER A 98 2.72 -3.73 19.54
C SER A 98 3.66 -4.66 20.30
N GLY A 99 4.23 -5.63 19.60
CA GLY A 99 5.13 -6.57 20.23
C GLY A 99 4.41 -7.76 20.83
N PRO A 100 4.10 -8.77 19.99
CA PRO A 100 3.40 -9.98 20.42
C PRO A 100 4.27 -10.85 21.32
N SER A 101 3.92 -10.92 22.60
CA SER A 101 4.66 -11.72 23.55
C SER A 101 4.49 -13.21 23.27
N SER A 102 5.30 -14.03 23.94
CA SER A 102 5.24 -15.48 23.75
C SER A 102 4.89 -15.84 22.31
N GLY A 103 5.50 -15.12 21.37
CA GLY A 103 5.25 -15.37 19.96
C GLY A 103 6.52 -15.43 19.15
N GLY A 1 44.86 -7.48 -10.33
CA GLY A 1 45.50 -6.19 -10.49
C GLY A 1 44.53 -5.03 -10.36
N SER A 2 43.98 -4.59 -11.49
CA SER A 2 43.03 -3.48 -11.49
C SER A 2 41.76 -3.86 -12.24
N SER A 3 40.62 -3.51 -11.66
CA SER A 3 39.33 -3.82 -12.27
C SER A 3 38.32 -2.71 -12.01
N GLY A 4 37.34 -2.57 -12.90
CA GLY A 4 36.33 -1.54 -12.74
C GLY A 4 34.94 -2.05 -13.06
N SER A 5 34.02 -1.88 -12.12
CA SER A 5 32.64 -2.33 -12.31
C SER A 5 31.68 -1.52 -11.45
N SER A 6 30.59 -1.05 -12.06
CA SER A 6 29.60 -0.26 -11.35
C SER A 6 28.54 -1.16 -10.71
N GLY A 7 27.77 -0.58 -9.80
CA GLY A 7 26.73 -1.34 -9.12
C GLY A 7 25.35 -0.97 -9.59
N VAL A 8 24.33 -1.66 -9.06
CA VAL A 8 22.95 -1.40 -9.44
C VAL A 8 22.11 -1.05 -8.22
N LYS A 9 22.04 -1.97 -7.27
CA LYS A 9 21.26 -1.77 -6.05
C LYS A 9 22.17 -1.77 -4.82
N ARG A 10 22.32 -0.61 -4.20
CA ARG A 10 23.16 -0.49 -3.02
C ARG A 10 22.65 -1.38 -1.89
N ALA A 11 21.35 -1.33 -1.64
CA ALA A 11 20.73 -2.13 -0.59
C ALA A 11 19.61 -2.99 -1.16
N VAL A 12 19.93 -4.26 -1.45
CA VAL A 12 18.94 -5.18 -1.98
C VAL A 12 17.90 -5.57 -0.93
N GLN A 13 16.64 -5.57 -1.33
CA GLN A 13 15.55 -5.92 -0.42
C GLN A 13 14.52 -6.80 -1.12
N LYS A 14 13.56 -7.29 -0.34
CA LYS A 14 12.50 -8.15 -0.89
C LYS A 14 11.13 -7.51 -0.70
N THR A 15 10.19 -7.88 -1.54
CA THR A 15 8.83 -7.34 -1.47
C THR A 15 8.42 -7.10 -0.03
N SER A 16 7.71 -6.00 0.20
CA SER A 16 7.24 -5.65 1.55
C SER A 16 5.84 -5.06 1.50
N ASP A 17 5.24 -4.89 2.68
CA ASP A 17 3.90 -4.33 2.78
C ASP A 17 3.87 -2.89 2.25
N LEU A 18 2.93 -2.63 1.35
CA LEU A 18 2.80 -1.30 0.76
C LEU A 18 1.46 -0.66 1.15
N ILE A 19 1.54 0.51 1.79
CA ILE A 19 0.34 1.21 2.21
C ILE A 19 -0.15 2.18 1.13
N VAL A 20 -1.45 2.20 0.91
CA VAL A 20 -2.05 3.09 -0.09
C VAL A 20 -2.98 4.10 0.55
N LEU A 21 -2.85 5.36 0.15
CA LEU A 21 -3.68 6.43 0.69
C LEU A 21 -4.53 7.07 -0.41
N GLY A 22 -5.56 7.79 -0.02
CA GLY A 22 -6.42 8.45 -0.98
C GLY A 22 -7.43 7.51 -1.60
N LEU A 23 -7.81 6.48 -0.86
CA LEU A 23 -8.77 5.49 -1.34
C LEU A 23 -10.19 5.85 -0.90
N PRO A 24 -11.14 5.80 -1.85
CA PRO A 24 -12.54 6.10 -1.59
C PRO A 24 -13.21 5.05 -0.71
N TRP A 25 -14.28 5.45 -0.02
CA TRP A 25 -15.00 4.53 0.85
C TRP A 25 -15.42 3.28 0.09
N LYS A 26 -15.98 3.46 -1.11
CA LYS A 26 -16.42 2.35 -1.93
C LYS A 26 -15.36 1.26 -1.99
N THR A 27 -14.10 1.67 -1.85
CA THR A 27 -12.99 0.71 -1.88
C THR A 27 -13.13 -0.34 -0.79
N THR A 28 -12.64 -1.54 -1.07
CA THR A 28 -12.71 -2.64 -0.12
C THR A 28 -11.60 -3.65 -0.36
N GLU A 29 -11.47 -4.62 0.55
CA GLU A 29 -10.44 -5.64 0.44
C GLU A 29 -10.62 -6.46 -0.85
N GLN A 30 -11.87 -6.81 -1.14
CA GLN A 30 -12.17 -7.60 -2.34
C GLN A 30 -11.95 -6.76 -3.60
N ASP A 31 -12.38 -5.51 -3.56
CA ASP A 31 -12.23 -4.60 -4.69
C ASP A 31 -10.75 -4.31 -4.96
N LEU A 32 -10.00 -4.08 -3.88
CA LEU A 32 -8.58 -3.78 -3.99
C LEU A 32 -7.81 -4.98 -4.53
N LYS A 33 -8.18 -6.17 -4.07
CA LYS A 33 -7.53 -7.40 -4.50
C LYS A 33 -7.80 -7.67 -5.98
N GLU A 34 -9.04 -7.44 -6.40
CA GLU A 34 -9.43 -7.66 -7.79
C GLU A 34 -8.82 -6.61 -8.69
N TYR A 35 -8.87 -5.35 -8.24
CA TYR A 35 -8.32 -4.24 -9.02
C TYR A 35 -6.80 -4.33 -9.10
N PHE A 36 -6.16 -4.54 -7.95
CA PHE A 36 -4.71 -4.65 -7.89
C PHE A 36 -4.21 -5.77 -8.79
N SER A 37 -5.02 -6.82 -8.93
CA SER A 37 -4.66 -7.96 -9.76
C SER A 37 -4.39 -7.52 -11.20
N THR A 38 -4.89 -6.34 -11.56
CA THR A 38 -4.72 -5.81 -12.90
C THR A 38 -3.25 -5.52 -13.19
N PHE A 39 -2.48 -5.32 -12.13
CA PHE A 39 -1.05 -5.03 -12.28
C PHE A 39 -0.24 -6.33 -12.33
N GLY A 40 -0.72 -7.34 -11.61
CA GLY A 40 -0.03 -8.62 -11.58
C GLY A 40 -0.78 -9.67 -10.81
N GLU A 41 -0.19 -10.15 -9.72
CA GLU A 41 -0.81 -11.18 -8.89
C GLU A 41 -0.83 -10.75 -7.43
N VAL A 42 -1.90 -10.06 -7.03
CA VAL A 42 -2.03 -9.60 -5.65
C VAL A 42 -1.52 -10.64 -4.67
N LEU A 43 -0.75 -10.18 -3.68
CA LEU A 43 -0.19 -11.07 -2.67
C LEU A 43 -0.82 -10.82 -1.31
N MET A 44 -1.18 -9.56 -1.05
CA MET A 44 -1.80 -9.19 0.21
C MET A 44 -2.73 -8.00 0.03
N VAL A 45 -3.89 -8.05 0.68
CA VAL A 45 -4.87 -6.98 0.60
C VAL A 45 -5.51 -6.70 1.95
N GLN A 46 -5.64 -5.42 2.29
CA GLN A 46 -6.24 -5.02 3.56
C GLN A 46 -6.76 -3.59 3.49
N VAL A 47 -7.83 -3.31 4.22
CA VAL A 47 -8.42 -1.98 4.25
C VAL A 47 -8.65 -1.51 5.68
N LYS A 48 -8.11 -0.33 6.01
CA LYS A 48 -8.26 0.23 7.35
C LYS A 48 -9.55 1.04 7.45
N LYS A 49 -10.24 0.89 8.57
CA LYS A 49 -11.50 1.60 8.80
C LYS A 49 -11.53 2.21 10.20
N ASP A 50 -12.48 3.09 10.43
CA ASP A 50 -12.62 3.75 11.73
C ASP A 50 -13.59 2.99 12.61
N LEU A 51 -13.44 3.14 13.93
CA LEU A 51 -14.31 2.47 14.89
C LEU A 51 -15.31 3.44 15.50
N LYS A 52 -14.87 4.67 15.74
CA LYS A 52 -15.72 5.69 16.31
C LYS A 52 -16.96 5.92 15.45
N THR A 53 -16.77 5.93 14.14
CA THR A 53 -17.87 6.13 13.21
C THR A 53 -18.15 4.87 12.39
N GLY A 54 -17.08 4.25 11.88
CA GLY A 54 -17.23 3.04 11.10
C GLY A 54 -16.90 3.25 9.63
N HIS A 55 -16.57 4.50 9.28
CA HIS A 55 -16.23 4.83 7.90
C HIS A 55 -14.77 4.48 7.60
N SER A 56 -14.53 4.01 6.38
CA SER A 56 -13.19 3.64 5.96
C SER A 56 -12.22 4.81 6.12
N LYS A 57 -11.00 4.52 6.57
CA LYS A 57 -9.99 5.55 6.77
C LYS A 57 -9.50 6.08 5.43
N GLY A 58 -9.74 5.32 4.36
CA GLY A 58 -9.31 5.74 3.04
C GLY A 58 -7.92 5.24 2.70
N PHE A 59 -7.38 4.37 3.55
CA PHE A 59 -6.05 3.81 3.33
C PHE A 59 -5.99 2.35 3.74
N GLY A 60 -5.06 1.60 3.15
CA GLY A 60 -4.91 0.20 3.47
C GLY A 60 -3.54 -0.34 3.13
N PHE A 61 -3.35 -1.64 3.33
CA PHE A 61 -2.07 -2.27 3.04
C PHE A 61 -2.21 -3.30 1.92
N VAL A 62 -1.19 -3.38 1.06
CA VAL A 62 -1.20 -4.31 -0.05
C VAL A 62 0.21 -4.74 -0.42
N ARG A 63 0.34 -5.96 -0.93
CA ARG A 63 1.64 -6.49 -1.33
C ARG A 63 1.55 -7.21 -2.67
N PHE A 64 2.62 -7.15 -3.45
CA PHE A 64 2.66 -7.79 -4.75
C PHE A 64 3.65 -8.96 -4.75
N THR A 65 3.33 -9.99 -5.54
CA THR A 65 4.19 -11.16 -5.62
C THR A 65 5.57 -10.80 -6.16
N GLU A 66 5.60 -10.06 -7.26
CA GLU A 66 6.86 -9.64 -7.88
C GLU A 66 7.30 -8.29 -7.33
N TYR A 67 8.56 -8.22 -6.90
CA TYR A 67 9.11 -6.99 -6.36
C TYR A 67 9.09 -5.87 -7.40
N GLU A 68 9.30 -6.24 -8.66
CA GLU A 68 9.30 -5.28 -9.75
C GLU A 68 7.92 -4.64 -9.92
N THR A 69 6.88 -5.43 -9.66
CA THR A 69 5.51 -4.95 -9.79
C THR A 69 5.20 -3.88 -8.76
N GLN A 70 5.55 -4.15 -7.51
CA GLN A 70 5.32 -3.20 -6.43
C GLN A 70 6.14 -1.93 -6.62
N VAL A 71 7.40 -2.10 -6.98
CA VAL A 71 8.29 -0.96 -7.21
C VAL A 71 7.75 -0.05 -8.31
N LYS A 72 7.42 -0.65 -9.44
CA LYS A 72 6.90 0.10 -10.57
C LYS A 72 5.53 0.68 -10.26
N VAL A 73 4.77 -0.04 -9.42
CA VAL A 73 3.43 0.40 -9.04
C VAL A 73 3.50 1.60 -8.11
N MET A 74 4.40 1.54 -7.13
CA MET A 74 4.57 2.63 -6.18
C MET A 74 5.03 3.90 -6.87
N SER A 75 5.87 3.75 -7.88
CA SER A 75 6.38 4.89 -8.64
C SER A 75 5.28 5.55 -9.44
N GLN A 76 4.62 4.76 -10.29
CA GLN A 76 3.54 5.27 -11.12
C GLN A 76 2.23 5.35 -10.34
N ARG A 77 1.52 6.47 -10.49
CA ARG A 77 0.26 6.67 -9.79
C ARG A 77 -0.84 5.81 -10.40
N HIS A 78 -2.01 5.82 -9.77
CA HIS A 78 -3.15 5.03 -10.24
C HIS A 78 -4.46 5.65 -9.78
N MET A 79 -5.44 5.66 -10.67
CA MET A 79 -6.75 6.21 -10.35
C MET A 79 -7.76 5.11 -10.06
N ILE A 80 -8.17 5.01 -8.80
CA ILE A 80 -9.14 3.99 -8.40
C ILE A 80 -10.51 4.60 -8.13
N ASP A 81 -11.48 4.23 -8.95
CA ASP A 81 -12.85 4.74 -8.81
C ASP A 81 -12.87 6.26 -8.96
N GLY A 82 -11.99 6.79 -9.80
CA GLY A 82 -11.93 8.22 -10.02
C GLY A 82 -11.29 8.95 -8.85
N ARG A 83 -10.33 8.30 -8.20
CA ARG A 83 -9.64 8.90 -7.07
C ARG A 83 -8.13 8.71 -7.18
N TRP A 84 -7.38 9.73 -6.78
CA TRP A 84 -5.93 9.67 -6.84
C TRP A 84 -5.36 8.89 -5.66
N CYS A 85 -4.67 7.80 -5.97
CA CYS A 85 -4.08 6.95 -4.94
C CYS A 85 -2.59 6.72 -5.21
N ASP A 86 -1.83 6.57 -4.13
CA ASP A 86 -0.39 6.35 -4.25
C ASP A 86 0.07 5.26 -3.29
N CYS A 87 0.85 4.32 -3.81
CA CYS A 87 1.36 3.22 -2.99
C CYS A 87 2.75 3.53 -2.46
N LYS A 88 2.92 3.45 -1.15
CA LYS A 88 4.20 3.73 -0.51
C LYS A 88 4.47 2.74 0.62
N LEU A 89 5.73 2.61 1.01
CA LEU A 89 6.13 1.70 2.08
C LEU A 89 5.88 2.33 3.44
N PRO A 90 5.46 1.51 4.41
CA PRO A 90 5.19 1.98 5.77
C PRO A 90 6.46 2.36 6.52
N ASN A 91 7.45 1.47 6.50
CA ASN A 91 8.72 1.71 7.18
C ASN A 91 8.51 2.52 8.45
N SER A 92 7.44 2.21 9.18
CA SER A 92 7.12 2.91 10.42
C SER A 92 5.93 2.26 11.12
N LYS A 93 5.60 2.77 12.31
CA LYS A 93 4.48 2.24 13.08
C LYS A 93 3.25 3.12 12.92
N GLN A 94 2.40 2.76 11.97
CA GLN A 94 1.17 3.52 11.70
C GLN A 94 -0.06 2.63 11.87
N SER A 95 -0.56 2.54 13.09
CA SER A 95 -1.73 1.71 13.38
C SER A 95 -2.38 2.13 14.70
N GLN A 96 -3.65 1.79 14.85
CA GLN A 96 -4.39 2.13 16.07
C GLN A 96 -5.02 0.89 16.69
N ASP A 97 -4.92 0.79 18.00
CA ASP A 97 -5.49 -0.35 18.73
C ASP A 97 -6.03 0.08 20.09
N SER A 98 -7.10 -0.58 20.52
CA SER A 98 -7.72 -0.26 21.80
C SER A 98 -6.70 -0.36 22.94
N GLY A 99 -6.48 0.75 23.63
CA GLY A 99 -5.54 0.78 24.74
C GLY A 99 -4.10 0.80 24.26
N PRO A 100 -3.22 1.41 25.06
CA PRO A 100 -1.79 1.51 24.74
C PRO A 100 -1.08 0.16 24.81
N SER A 101 -0.09 -0.02 23.94
CA SER A 101 0.67 -1.28 23.91
C SER A 101 1.43 -1.48 25.22
N SER A 102 1.35 -2.70 25.75
CA SER A 102 2.03 -3.02 26.99
C SER A 102 3.53 -3.19 26.76
N GLY A 103 4.31 -2.28 27.33
CA GLY A 103 5.76 -2.34 27.18
C GLY A 103 6.48 -2.40 28.52
N GLY A 1 17.33 -18.06 -35.18
CA GLY A 1 16.49 -18.83 -34.28
C GLY A 1 16.78 -18.52 -32.82
N SER A 2 16.80 -19.56 -31.98
CA SER A 2 17.07 -19.40 -30.56
C SER A 2 17.82 -20.60 -30.01
N SER A 3 19.01 -20.35 -29.48
CA SER A 3 19.83 -21.42 -28.91
C SER A 3 20.35 -21.03 -27.53
N GLY A 4 20.74 -22.03 -26.76
CA GLY A 4 21.26 -21.77 -25.42
C GLY A 4 20.28 -20.97 -24.58
N SER A 5 19.20 -21.61 -24.16
CA SER A 5 18.19 -20.94 -23.34
C SER A 5 18.84 -20.16 -22.21
N SER A 6 18.42 -18.90 -22.06
CA SER A 6 18.96 -18.04 -21.01
C SER A 6 17.95 -17.85 -19.89
N GLY A 7 18.33 -18.24 -18.69
CA GLY A 7 17.45 -18.10 -17.54
C GLY A 7 18.18 -17.61 -16.30
N VAL A 8 17.93 -18.27 -15.18
CA VAL A 8 18.57 -17.89 -13.92
C VAL A 8 18.43 -19.00 -12.88
N LYS A 9 19.53 -19.27 -12.18
CA LYS A 9 19.54 -20.31 -11.15
C LYS A 9 18.66 -19.93 -9.98
N ARG A 10 19.03 -18.85 -9.29
CA ARG A 10 18.27 -18.37 -8.15
C ARG A 10 16.97 -17.71 -8.59
N ALA A 11 15.84 -18.32 -8.21
CA ALA A 11 14.54 -17.78 -8.58
C ALA A 11 13.77 -17.32 -7.34
N VAL A 12 14.49 -16.72 -6.40
CA VAL A 12 13.88 -16.23 -5.17
C VAL A 12 13.21 -14.88 -5.39
N GLN A 13 12.61 -14.34 -4.33
CA GLN A 13 11.92 -13.06 -4.41
C GLN A 13 11.57 -12.55 -3.01
N LYS A 14 11.32 -11.24 -2.92
CA LYS A 14 10.96 -10.63 -1.64
C LYS A 14 10.19 -9.33 -1.87
N THR A 15 9.07 -9.20 -1.16
CA THR A 15 8.23 -8.01 -1.28
C THR A 15 7.77 -7.52 0.09
N SER A 16 7.62 -6.21 0.23
CA SER A 16 7.19 -5.61 1.49
C SER A 16 5.82 -4.96 1.34
N ASP A 17 5.08 -4.89 2.44
CA ASP A 17 3.76 -4.29 2.44
C ASP A 17 3.83 -2.81 2.08
N LEU A 18 2.96 -2.38 1.16
CA LEU A 18 2.93 -0.99 0.73
C LEU A 18 1.68 -0.29 1.22
N ILE A 19 1.85 0.91 1.76
CA ILE A 19 0.73 1.69 2.28
C ILE A 19 0.17 2.63 1.21
N VAL A 20 -1.14 2.55 1.00
CA VAL A 20 -1.80 3.40 0.01
C VAL A 20 -2.63 4.49 0.68
N LEU A 21 -2.49 5.71 0.20
CA LEU A 21 -3.23 6.84 0.75
C LEU A 21 -4.17 7.43 -0.29
N GLY A 22 -5.21 8.12 0.18
CA GLY A 22 -6.17 8.72 -0.72
C GLY A 22 -7.01 7.70 -1.46
N LEU A 23 -7.45 6.68 -0.73
CA LEU A 23 -8.27 5.62 -1.33
C LEU A 23 -9.75 5.95 -1.20
N PRO A 24 -10.52 5.62 -2.25
CA PRO A 24 -11.97 5.86 -2.27
C PRO A 24 -12.73 4.96 -1.31
N TRP A 25 -13.33 5.56 -0.29
CA TRP A 25 -14.09 4.80 0.70
C TRP A 25 -14.96 3.75 0.03
N LYS A 26 -15.27 3.96 -1.25
CA LYS A 26 -16.09 3.03 -2.01
C LYS A 26 -15.38 1.69 -2.20
N THR A 27 -14.10 1.77 -2.58
CA THR A 27 -13.31 0.57 -2.80
C THR A 27 -12.99 -0.14 -1.49
N THR A 28 -13.39 -1.41 -1.39
CA THR A 28 -13.15 -2.19 -0.19
C THR A 28 -11.99 -3.17 -0.39
N GLU A 29 -11.76 -4.00 0.62
CA GLU A 29 -10.68 -4.98 0.56
C GLU A 29 -10.88 -5.94 -0.62
N GLN A 30 -12.14 -6.32 -0.84
CA GLN A 30 -12.47 -7.24 -1.93
C GLN A 30 -12.19 -6.59 -3.29
N ASP A 31 -12.60 -5.34 -3.42
CA ASP A 31 -12.40 -4.60 -4.67
C ASP A 31 -10.91 -4.34 -4.91
N LEU A 32 -10.17 -4.08 -3.84
CA LEU A 32 -8.75 -3.82 -3.93
C LEU A 32 -8.01 -5.02 -4.50
N LYS A 33 -8.37 -6.21 -4.03
CA LYS A 33 -7.74 -7.44 -4.50
C LYS A 33 -7.96 -7.63 -6.00
N GLU A 34 -9.17 -7.33 -6.45
CA GLU A 34 -9.51 -7.47 -7.87
C GLU A 34 -8.80 -6.41 -8.70
N TYR A 35 -8.83 -5.17 -8.22
CA TYR A 35 -8.19 -4.06 -8.92
C TYR A 35 -6.69 -4.27 -9.01
N PHE A 36 -6.05 -4.43 -7.86
CA PHE A 36 -4.60 -4.64 -7.80
C PHE A 36 -4.20 -5.86 -8.62
N SER A 37 -5.09 -6.86 -8.66
CA SER A 37 -4.83 -8.09 -9.39
C SER A 37 -4.57 -7.79 -10.87
N THR A 38 -5.00 -6.62 -11.32
CA THR A 38 -4.83 -6.22 -12.71
C THR A 38 -3.35 -6.06 -13.05
N PHE A 39 -2.58 -5.53 -12.10
CA PHE A 39 -1.15 -5.32 -12.30
C PHE A 39 -0.41 -6.66 -12.32
N GLY A 40 -0.96 -7.65 -11.63
CA GLY A 40 -0.33 -8.95 -11.58
C GLY A 40 -1.07 -9.91 -10.67
N GLU A 41 -0.52 -10.15 -9.49
CA GLU A 41 -1.14 -11.06 -8.53
C GLU A 41 -1.03 -10.50 -7.11
N VAL A 42 -2.14 -10.01 -6.59
CA VAL A 42 -2.18 -9.45 -5.23
C VAL A 42 -1.66 -10.46 -4.21
N LEU A 43 -0.71 -10.04 -3.38
CA LEU A 43 -0.15 -10.91 -2.36
C LEU A 43 -0.77 -10.62 -1.00
N MET A 44 -1.24 -9.40 -0.82
CA MET A 44 -1.87 -8.99 0.44
C MET A 44 -2.78 -7.79 0.24
N VAL A 45 -3.92 -7.80 0.90
CA VAL A 45 -4.89 -6.70 0.79
C VAL A 45 -5.51 -6.40 2.15
N GLN A 46 -5.62 -5.12 2.46
CA GLN A 46 -6.21 -4.68 3.73
C GLN A 46 -6.67 -3.23 3.65
N VAL A 47 -7.71 -2.90 4.39
CA VAL A 47 -8.25 -1.56 4.41
C VAL A 47 -8.44 -1.05 5.84
N LYS A 48 -7.81 0.07 6.15
CA LYS A 48 -7.91 0.67 7.49
C LYS A 48 -9.22 1.41 7.66
N LYS A 49 -9.99 1.03 8.68
CA LYS A 49 -11.27 1.67 8.95
C LYS A 49 -11.46 1.92 10.44
N ASP A 50 -12.60 2.47 10.81
CA ASP A 50 -12.90 2.75 12.21
C ASP A 50 -13.87 1.72 12.78
N LEU A 51 -14.08 1.77 14.08
CA LEU A 51 -14.99 0.84 14.75
C LEU A 51 -16.01 1.59 15.61
N LYS A 52 -15.90 2.91 15.62
CA LYS A 52 -16.82 3.75 16.39
C LYS A 52 -17.99 4.19 15.54
N THR A 53 -17.73 4.44 14.25
CA THR A 53 -18.78 4.88 13.33
C THR A 53 -18.92 3.90 12.17
N GLY A 54 -17.78 3.54 11.57
CA GLY A 54 -17.80 2.62 10.45
C GLY A 54 -17.31 3.26 9.17
N HIS A 55 -16.53 4.33 9.30
CA HIS A 55 -16.00 5.04 8.15
C HIS A 55 -14.52 4.68 7.92
N SER A 56 -14.19 4.37 6.67
CA SER A 56 -12.82 4.02 6.32
C SER A 56 -11.87 5.19 6.55
N LYS A 57 -10.58 4.88 6.74
CA LYS A 57 -9.58 5.91 6.97
C LYS A 57 -9.07 6.47 5.65
N GLY A 58 -9.32 5.75 4.56
CA GLY A 58 -8.88 6.19 3.26
C GLY A 58 -7.50 5.68 2.90
N PHE A 59 -6.99 4.75 3.71
CA PHE A 59 -5.67 4.18 3.47
C PHE A 59 -5.61 2.73 3.94
N GLY A 60 -4.83 1.92 3.24
CA GLY A 60 -4.71 0.51 3.60
C GLY A 60 -3.35 -0.06 3.24
N PHE A 61 -3.18 -1.36 3.47
CA PHE A 61 -1.92 -2.03 3.17
C PHE A 61 -2.10 -3.07 2.08
N VAL A 62 -1.12 -3.18 1.20
CA VAL A 62 -1.17 -4.14 0.10
C VAL A 62 0.22 -4.58 -0.31
N ARG A 63 0.38 -5.88 -0.58
CA ARG A 63 1.66 -6.43 -0.98
C ARG A 63 1.53 -7.23 -2.27
N PHE A 64 2.53 -7.11 -3.15
CA PHE A 64 2.51 -7.82 -4.42
C PHE A 64 3.40 -9.06 -4.35
N THR A 65 3.26 -9.94 -5.35
CA THR A 65 4.04 -11.17 -5.41
C THR A 65 5.42 -10.91 -6.00
N GLU A 66 5.46 -10.13 -7.07
CA GLU A 66 6.71 -9.81 -7.75
C GLU A 66 7.20 -8.42 -7.36
N TYR A 67 8.46 -8.34 -6.92
CA TYR A 67 9.05 -7.07 -6.51
C TYR A 67 8.99 -6.06 -7.64
N GLU A 68 9.19 -6.53 -8.87
CA GLU A 68 9.17 -5.67 -10.04
C GLU A 68 7.79 -5.03 -10.22
N THR A 69 6.75 -5.77 -9.84
CA THR A 69 5.39 -5.27 -9.96
C THR A 69 5.11 -4.18 -8.96
N GLN A 70 5.47 -4.42 -7.70
CA GLN A 70 5.27 -3.44 -6.64
C GLN A 70 6.10 -2.18 -6.88
N VAL A 71 7.35 -2.38 -7.29
CA VAL A 71 8.25 -1.27 -7.56
C VAL A 71 7.69 -0.36 -8.65
N LYS A 72 7.30 -0.95 -9.77
CA LYS A 72 6.75 -0.18 -10.88
C LYS A 72 5.45 0.50 -10.48
N VAL A 73 4.66 -0.17 -9.63
CA VAL A 73 3.40 0.38 -9.16
C VAL A 73 3.62 1.65 -8.35
N MET A 74 4.61 1.62 -7.46
CA MET A 74 4.93 2.77 -6.62
C MET A 74 5.49 3.92 -7.46
N SER A 75 6.11 3.58 -8.58
CA SER A 75 6.68 4.58 -9.47
C SER A 75 5.60 5.50 -10.03
N GLN A 76 4.64 4.91 -10.74
CA GLN A 76 3.55 5.67 -11.33
C GLN A 76 2.31 5.62 -10.45
N ARG A 77 1.48 6.66 -10.52
CA ARG A 77 0.26 6.73 -9.73
C ARG A 77 -0.81 5.81 -10.32
N HIS A 78 -1.97 5.80 -9.68
CA HIS A 78 -3.09 4.97 -10.15
C HIS A 78 -4.43 5.59 -9.76
N MET A 79 -5.37 5.55 -10.68
CA MET A 79 -6.71 6.11 -10.43
C MET A 79 -7.70 5.00 -10.10
N ILE A 80 -8.08 4.91 -8.84
CA ILE A 80 -9.04 3.90 -8.39
C ILE A 80 -10.43 4.49 -8.22
N ASP A 81 -11.39 3.95 -8.97
CA ASP A 81 -12.77 4.43 -8.90
C ASP A 81 -12.84 5.92 -9.19
N GLY A 82 -11.89 6.42 -9.97
CA GLY A 82 -11.86 7.83 -10.31
C GLY A 82 -11.24 8.68 -9.23
N ARG A 83 -10.53 8.04 -8.31
CA ARG A 83 -9.89 8.74 -7.21
C ARG A 83 -8.36 8.70 -7.35
N TRP A 84 -7.70 9.72 -6.83
CA TRP A 84 -6.24 9.81 -6.91
C TRP A 84 -5.60 9.08 -5.72
N CYS A 85 -4.84 8.04 -6.03
CA CYS A 85 -4.17 7.26 -5.00
C CYS A 85 -2.72 6.98 -5.38
N ASP A 86 -1.86 6.86 -4.38
CA ASP A 86 -0.45 6.59 -4.61
C ASP A 86 0.05 5.48 -3.69
N CYS A 87 1.08 4.76 -4.13
CA CYS A 87 1.65 3.68 -3.35
C CYS A 87 3.04 4.05 -2.84
N LYS A 88 3.24 3.93 -1.53
CA LYS A 88 4.53 4.25 -0.93
C LYS A 88 4.88 3.24 0.17
N LEU A 89 6.16 3.16 0.50
CA LEU A 89 6.63 2.24 1.54
C LEU A 89 6.43 2.84 2.93
N PRO A 90 6.08 1.97 3.89
CA PRO A 90 5.86 2.40 5.28
C PRO A 90 7.16 2.81 5.98
N ASN A 91 7.11 2.89 7.30
CA ASN A 91 8.28 3.28 8.09
C ASN A 91 9.12 4.30 7.33
N SER A 92 8.46 5.29 6.74
CA SER A 92 9.14 6.34 5.99
C SER A 92 8.18 7.44 5.58
N LYS A 93 8.41 8.63 6.11
CA LYS A 93 7.56 9.78 5.80
C LYS A 93 6.12 9.53 6.26
N GLN A 94 5.98 8.82 7.38
CA GLN A 94 4.67 8.51 7.93
C GLN A 94 4.74 8.31 9.43
N SER A 95 3.58 8.31 10.08
CA SER A 95 3.51 8.13 11.52
C SER A 95 3.61 6.64 11.89
N GLN A 96 4.83 6.21 12.20
CA GLN A 96 5.06 4.82 12.56
C GLN A 96 5.62 4.71 13.98
N ASP A 97 4.78 4.30 14.92
CA ASP A 97 5.19 4.16 16.31
C ASP A 97 5.34 2.69 16.68
N SER A 98 6.37 2.38 17.46
CA SER A 98 6.63 1.01 17.89
C SER A 98 5.92 0.71 19.21
N GLY A 99 5.09 -0.33 19.22
CA GLY A 99 4.37 -0.71 20.42
C GLY A 99 4.36 -2.20 20.64
N PRO A 100 3.37 -2.68 21.41
CA PRO A 100 3.23 -4.10 21.73
C PRO A 100 2.79 -4.92 20.51
N SER A 101 2.52 -4.23 19.41
CA SER A 101 2.09 -4.89 18.18
C SER A 101 3.25 -5.65 17.55
N SER A 102 4.43 -5.05 17.57
CA SER A 102 5.62 -5.67 16.99
C SER A 102 5.38 -6.06 15.53
N GLY A 103 4.77 -5.14 14.77
CA GLY A 103 4.49 -5.39 13.38
C GLY A 103 4.89 -4.24 12.49
N GLY A 1 36.32 -0.19 -10.37
CA GLY A 1 35.99 0.78 -9.34
C GLY A 1 34.97 0.25 -8.34
N SER A 2 34.09 1.12 -7.89
CA SER A 2 33.07 0.73 -6.92
C SER A 2 31.68 1.21 -7.36
N SER A 3 31.58 2.51 -7.63
CA SER A 3 30.31 3.09 -8.06
C SER A 3 29.20 2.78 -7.06
N GLY A 4 29.52 2.87 -5.78
CA GLY A 4 28.54 2.60 -4.74
C GLY A 4 28.27 3.81 -3.87
N SER A 5 27.05 3.89 -3.35
CA SER A 5 26.66 5.01 -2.49
C SER A 5 25.89 4.52 -1.28
N SER A 6 25.91 5.31 -0.21
CA SER A 6 25.21 4.94 1.02
C SER A 6 24.14 5.98 1.36
N GLY A 7 23.38 6.38 0.35
CA GLY A 7 22.33 7.36 0.56
C GLY A 7 20.95 6.73 0.66
N VAL A 8 20.35 6.45 -0.51
CA VAL A 8 19.03 5.85 -0.55
C VAL A 8 19.01 4.53 0.21
N LYS A 9 20.19 3.98 0.47
CA LYS A 9 20.30 2.71 1.19
C LYS A 9 19.23 1.73 0.73
N ARG A 10 19.11 1.58 -0.58
CA ARG A 10 18.12 0.66 -1.16
C ARG A 10 18.80 -0.60 -1.69
N ALA A 11 19.75 -1.12 -0.93
CA ALA A 11 20.47 -2.32 -1.33
C ALA A 11 19.74 -3.58 -0.89
N VAL A 12 18.42 -3.58 -1.08
CA VAL A 12 17.60 -4.73 -0.70
C VAL A 12 16.80 -5.24 -1.89
N GLN A 13 16.56 -6.56 -1.91
CA GLN A 13 15.82 -7.19 -3.00
C GLN A 13 14.78 -8.15 -2.45
N LYS A 14 13.58 -7.64 -2.17
CA LYS A 14 12.51 -8.46 -1.65
C LYS A 14 11.19 -7.69 -1.64
N THR A 15 10.08 -8.42 -1.69
CA THR A 15 8.76 -7.81 -1.69
C THR A 15 8.33 -7.42 -0.29
N SER A 16 7.80 -6.21 -0.13
CA SER A 16 7.35 -5.73 1.16
C SER A 16 5.94 -5.17 1.07
N ASP A 17 5.36 -4.85 2.23
CA ASP A 17 4.01 -4.30 2.29
C ASP A 17 4.01 -2.81 1.92
N LEU A 18 3.14 -2.44 0.99
CA LEU A 18 3.04 -1.06 0.55
C LEU A 18 1.77 -0.41 1.08
N ILE A 19 1.92 0.79 1.64
CA ILE A 19 0.78 1.52 2.19
C ILE A 19 0.19 2.48 1.15
N VAL A 20 -1.12 2.43 0.99
CA VAL A 20 -1.81 3.29 0.03
C VAL A 20 -2.62 4.37 0.75
N LEU A 21 -2.49 5.61 0.29
CA LEU A 21 -3.21 6.72 0.88
C LEU A 21 -4.14 7.37 -0.14
N GLY A 22 -5.17 8.05 0.35
CA GLY A 22 -6.12 8.71 -0.53
C GLY A 22 -7.10 7.74 -1.15
N LEU A 23 -7.38 6.65 -0.45
CA LEU A 23 -8.31 5.63 -0.94
C LEU A 23 -9.75 6.04 -0.65
N PRO A 24 -10.65 5.74 -1.60
CA PRO A 24 -12.07 6.05 -1.46
C PRO A 24 -12.76 5.21 -0.40
N TRP A 25 -14.09 5.27 -0.35
CA TRP A 25 -14.86 4.51 0.61
C TRP A 25 -15.47 3.27 -0.04
N LYS A 26 -16.05 3.45 -1.21
CA LYS A 26 -16.68 2.34 -1.93
C LYS A 26 -15.69 1.19 -2.12
N THR A 27 -14.41 1.53 -2.20
CA THR A 27 -13.36 0.53 -2.38
C THR A 27 -13.21 -0.34 -1.14
N THR A 28 -13.01 -1.64 -1.36
CA THR A 28 -12.85 -2.59 -0.26
C THR A 28 -11.69 -3.54 -0.51
N GLU A 29 -11.52 -4.49 0.40
CA GLU A 29 -10.44 -5.48 0.27
C GLU A 29 -10.67 -6.39 -0.94
N GLN A 30 -11.91 -6.84 -1.09
CA GLN A 30 -12.27 -7.73 -2.19
C GLN A 30 -12.09 -7.02 -3.54
N ASP A 31 -12.49 -5.75 -3.59
CA ASP A 31 -12.36 -4.97 -4.81
C ASP A 31 -10.91 -4.63 -5.10
N LEU A 32 -10.15 -4.35 -4.05
CA LEU A 32 -8.74 -4.00 -4.19
C LEU A 32 -7.94 -5.20 -4.69
N LYS A 33 -8.28 -6.38 -4.19
CA LYS A 33 -7.59 -7.60 -4.60
C LYS A 33 -7.74 -7.83 -6.10
N GLU A 34 -8.95 -7.61 -6.62
CA GLU A 34 -9.21 -7.80 -8.04
C GLU A 34 -8.54 -6.70 -8.87
N TYR A 35 -8.63 -5.47 -8.40
CA TYR A 35 -8.03 -4.33 -9.09
C TYR A 35 -6.52 -4.48 -9.16
N PHE A 36 -5.89 -4.66 -8.00
CA PHE A 36 -4.45 -4.81 -7.92
C PHE A 36 -3.97 -5.98 -8.77
N SER A 37 -4.82 -7.02 -8.87
CA SER A 37 -4.49 -8.20 -9.65
C SER A 37 -4.24 -7.85 -11.11
N THR A 38 -4.74 -6.68 -11.53
CA THR A 38 -4.58 -6.23 -12.89
C THR A 38 -3.11 -6.05 -13.25
N PHE A 39 -2.31 -5.64 -12.27
CA PHE A 39 -0.89 -5.43 -12.47
C PHE A 39 -0.16 -6.77 -12.57
N GLY A 40 -0.68 -7.78 -11.88
CA GLY A 40 -0.08 -9.10 -11.91
C GLY A 40 -0.81 -10.10 -11.04
N GLU A 41 -0.40 -10.20 -9.77
CA GLU A 41 -1.04 -11.12 -8.84
C GLU A 41 -0.91 -10.61 -7.41
N VAL A 42 -2.04 -10.19 -6.84
CA VAL A 42 -2.07 -9.68 -5.48
C VAL A 42 -1.57 -10.73 -4.49
N LEU A 43 -0.70 -10.30 -3.58
CA LEU A 43 -0.15 -11.20 -2.57
C LEU A 43 -0.77 -10.95 -1.20
N MET A 44 -1.16 -9.70 -0.95
CA MET A 44 -1.77 -9.33 0.31
C MET A 44 -2.65 -8.10 0.14
N VAL A 45 -3.82 -8.11 0.80
CA VAL A 45 -4.75 -7.00 0.72
C VAL A 45 -5.38 -6.72 2.08
N GLN A 46 -5.46 -5.45 2.45
CA GLN A 46 -6.05 -5.05 3.72
C GLN A 46 -6.49 -3.59 3.68
N VAL A 47 -7.62 -3.30 4.34
CA VAL A 47 -8.14 -1.94 4.38
C VAL A 47 -8.49 -1.54 5.80
N LYS A 48 -7.96 -0.40 6.24
CA LYS A 48 -8.21 0.10 7.59
C LYS A 48 -9.50 0.92 7.63
N LYS A 49 -10.27 0.75 8.70
CA LYS A 49 -11.52 1.47 8.86
C LYS A 49 -11.61 2.12 10.24
N ASP A 50 -12.59 2.99 10.42
CA ASP A 50 -12.78 3.67 11.69
C ASP A 50 -13.79 2.93 12.56
N LEU A 51 -13.88 3.33 13.83
CA LEU A 51 -14.80 2.71 14.77
C LEU A 51 -15.72 3.75 15.40
N LYS A 52 -15.39 5.02 15.21
CA LYS A 52 -16.19 6.11 15.76
C LYS A 52 -17.40 6.39 14.89
N THR A 53 -17.22 6.26 13.57
CA THR A 53 -18.30 6.50 12.62
C THR A 53 -18.60 5.25 11.80
N GLY A 54 -17.56 4.66 11.22
CA GLY A 54 -17.73 3.46 10.43
C GLY A 54 -17.20 3.62 9.02
N HIS A 55 -16.69 4.82 8.72
CA HIS A 55 -16.15 5.11 7.39
C HIS A 55 -14.70 4.64 7.28
N SER A 56 -14.35 4.06 6.14
CA SER A 56 -13.00 3.57 5.91
C SER A 56 -11.97 4.66 6.20
N LYS A 57 -10.80 4.24 6.66
CA LYS A 57 -9.72 5.17 6.98
C LYS A 57 -9.14 5.78 5.70
N GLY A 58 -9.36 5.12 4.58
CA GLY A 58 -8.85 5.60 3.31
C GLY A 58 -7.42 5.17 3.06
N PHE A 59 -6.97 4.16 3.79
CA PHE A 59 -5.61 3.67 3.64
C PHE A 59 -5.52 2.19 4.05
N GLY A 60 -4.60 1.46 3.44
CA GLY A 60 -4.43 0.06 3.75
C GLY A 60 -3.08 -0.48 3.32
N PHE A 61 -2.89 -1.78 3.44
CA PHE A 61 -1.63 -2.42 3.09
C PHE A 61 -1.84 -3.41 1.94
N VAL A 62 -0.86 -3.47 1.03
CA VAL A 62 -0.94 -4.38 -0.10
C VAL A 62 0.46 -4.78 -0.57
N ARG A 63 0.57 -6.00 -1.08
CA ARG A 63 1.85 -6.51 -1.56
C ARG A 63 1.67 -7.27 -2.87
N PHE A 64 2.69 -7.22 -3.73
CA PHE A 64 2.64 -7.90 -5.01
C PHE A 64 3.57 -9.11 -5.02
N THR A 65 3.15 -10.17 -5.70
CA THR A 65 3.94 -11.39 -5.78
C THR A 65 5.33 -11.11 -6.36
N GLU A 66 5.39 -10.21 -7.34
CA GLU A 66 6.65 -9.85 -7.98
C GLU A 66 7.14 -8.49 -7.50
N TYR A 67 8.41 -8.42 -7.12
CA TYR A 67 9.00 -7.18 -6.65
C TYR A 67 8.95 -6.10 -7.72
N GLU A 68 9.08 -6.52 -8.97
CA GLU A 68 9.04 -5.59 -10.10
C GLU A 68 7.69 -4.90 -10.19
N THR A 69 6.63 -5.63 -9.83
CA THR A 69 5.27 -5.10 -9.87
C THR A 69 5.06 -4.04 -8.79
N GLN A 70 5.47 -4.37 -7.56
CA GLN A 70 5.32 -3.45 -6.44
C GLN A 70 6.12 -2.18 -6.66
N VAL A 71 7.29 -2.32 -7.27
CA VAL A 71 8.15 -1.18 -7.54
C VAL A 71 7.52 -0.25 -8.57
N LYS A 72 6.91 -0.84 -9.59
CA LYS A 72 6.25 -0.06 -10.65
C LYS A 72 5.00 0.63 -10.11
N VAL A 73 4.36 0.01 -9.14
CA VAL A 73 3.15 0.57 -8.54
C VAL A 73 3.45 1.90 -7.85
N MET A 74 4.53 1.93 -7.09
CA MET A 74 4.92 3.15 -6.38
C MET A 74 5.44 4.21 -7.35
N SER A 75 6.06 3.75 -8.44
CA SER A 75 6.60 4.65 -9.44
C SER A 75 5.58 5.72 -9.83
N GLN A 76 4.50 5.28 -10.47
CA GLN A 76 3.45 6.19 -10.90
C GLN A 76 2.19 6.00 -10.06
N ARG A 77 1.45 7.09 -9.85
CA ARG A 77 0.22 7.03 -9.07
C ARG A 77 -0.82 6.14 -9.75
N HIS A 78 -2.00 6.06 -9.16
CA HIS A 78 -3.08 5.25 -9.71
C HIS A 78 -4.44 5.80 -9.30
N MET A 79 -5.41 5.70 -10.21
CA MET A 79 -6.75 6.19 -9.95
C MET A 79 -7.71 5.03 -9.67
N ILE A 80 -8.34 5.06 -8.49
CA ILE A 80 -9.27 4.01 -8.11
C ILE A 80 -10.69 4.56 -7.99
N ASP A 81 -11.57 4.11 -8.88
CA ASP A 81 -12.95 4.56 -8.87
C ASP A 81 -13.05 6.07 -9.08
N GLY A 82 -12.04 6.64 -9.73
CA GLY A 82 -12.02 8.07 -9.99
C GLY A 82 -11.38 8.85 -8.85
N ARG A 83 -10.90 8.13 -7.84
CA ARG A 83 -10.27 8.77 -6.68
C ARG A 83 -8.75 8.71 -6.80
N TRP A 84 -8.09 9.78 -6.37
CA TRP A 84 -6.64 9.84 -6.41
C TRP A 84 -6.01 9.08 -5.24
N CYS A 85 -5.16 8.12 -5.57
CA CYS A 85 -4.51 7.31 -4.54
C CYS A 85 -3.01 7.17 -4.83
N ASP A 86 -2.21 7.04 -3.78
CA ASP A 86 -0.77 6.89 -3.92
C ASP A 86 -0.26 5.72 -3.10
N CYS A 87 0.81 5.08 -3.58
CA CYS A 87 1.40 3.94 -2.88
C CYS A 87 2.83 4.26 -2.44
N LYS A 88 3.09 4.09 -1.16
CA LYS A 88 4.41 4.35 -0.59
C LYS A 88 4.79 3.30 0.43
N LEU A 89 6.09 3.18 0.70
CA LEU A 89 6.58 2.20 1.67
C LEU A 89 6.44 2.73 3.10
N PRO A 90 6.11 1.84 4.03
CA PRO A 90 5.94 2.19 5.44
C PRO A 90 7.25 2.55 6.12
N ASN A 91 7.21 3.57 6.98
CA ASN A 91 8.40 4.01 7.68
C ASN A 91 8.14 4.15 9.18
N SER A 92 9.18 4.45 9.94
CA SER A 92 9.06 4.60 11.38
C SER A 92 8.02 5.67 11.73
N LYS A 93 8.23 6.87 11.21
CA LYS A 93 7.31 7.98 11.45
C LYS A 93 5.86 7.53 11.36
N GLN A 94 5.57 6.75 10.31
CA GLN A 94 4.21 6.25 10.10
C GLN A 94 4.10 4.79 10.52
N SER A 95 4.61 4.48 11.71
CA SER A 95 4.59 3.11 12.23
C SER A 95 3.98 3.08 13.63
N GLN A 96 2.80 2.49 13.75
CA GLN A 96 2.11 2.40 15.03
C GLN A 96 2.51 1.12 15.76
N ASP A 97 2.18 1.06 17.05
CA ASP A 97 2.50 -0.11 17.87
C ASP A 97 1.26 -0.62 18.59
N SER A 98 0.66 0.22 19.41
CA SER A 98 -0.53 -0.15 20.16
C SER A 98 -1.54 -0.88 19.26
N GLY A 99 -2.32 -1.77 19.85
CA GLY A 99 -3.30 -2.52 19.09
C GLY A 99 -4.12 -3.46 19.95
N PRO A 100 -4.71 -4.48 19.32
CA PRO A 100 -5.53 -5.47 20.02
C PRO A 100 -4.70 -6.39 20.92
N SER A 101 -5.16 -6.59 22.14
CA SER A 101 -4.45 -7.43 23.10
C SER A 101 -5.44 -8.15 24.02
N SER A 102 -4.96 -9.20 24.69
CA SER A 102 -5.79 -9.97 25.60
C SER A 102 -6.17 -9.14 26.82
N GLY A 103 -7.47 -8.84 26.94
CA GLY A 103 -7.94 -8.06 28.07
C GLY A 103 -7.73 -6.57 27.88
N GLY A 1 4.37 20.45 9.38
CA GLY A 1 4.07 20.41 7.96
C GLY A 1 5.27 20.80 7.11
N SER A 2 6.43 20.22 7.42
CA SER A 2 7.64 20.52 6.68
C SER A 2 8.16 19.27 5.96
N SER A 3 7.80 19.14 4.69
CA SER A 3 8.23 18.00 3.89
C SER A 3 9.57 18.27 3.21
N GLY A 4 10.63 17.69 3.74
CA GLY A 4 11.95 17.89 3.18
C GLY A 4 13.06 17.69 4.19
N SER A 5 13.59 16.48 4.26
CA SER A 5 14.66 16.16 5.20
C SER A 5 15.91 15.69 4.46
N SER A 6 17.05 16.29 4.80
CA SER A 6 18.31 15.92 4.17
C SER A 6 18.70 14.49 4.51
N GLY A 7 19.61 13.92 3.72
CA GLY A 7 20.05 12.56 3.95
C GLY A 7 20.51 11.89 2.67
N VAL A 8 21.82 11.79 2.49
CA VAL A 8 22.39 11.16 1.30
C VAL A 8 22.55 9.66 1.50
N LYS A 9 21.54 9.04 2.11
CA LYS A 9 21.55 7.60 2.36
C LYS A 9 20.53 6.89 1.47
N ARG A 10 20.99 5.88 0.74
CA ARG A 10 20.12 5.12 -0.14
C ARG A 10 20.47 3.63 -0.10
N ALA A 11 19.48 2.81 0.26
CA ALA A 11 19.68 1.37 0.35
C ALA A 11 18.40 0.62 0.00
N VAL A 12 18.52 -0.43 -0.80
CA VAL A 12 17.38 -1.23 -1.20
C VAL A 12 16.95 -2.18 -0.10
N GLN A 13 15.87 -2.92 -0.34
CA GLN A 13 15.36 -3.86 0.65
C GLN A 13 14.45 -4.90 -0.01
N LYS A 14 13.99 -5.86 0.78
CA LYS A 14 13.11 -6.91 0.28
C LYS A 14 11.66 -6.45 0.31
N THR A 15 10.83 -7.05 -0.55
CA THR A 15 9.42 -6.71 -0.62
C THR A 15 8.85 -6.42 0.77
N SER A 16 7.81 -5.58 0.82
CA SER A 16 7.19 -5.23 2.07
C SER A 16 5.80 -4.65 1.84
N ASP A 17 4.92 -4.78 2.83
CA ASP A 17 3.56 -4.28 2.74
C ASP A 17 3.56 -2.78 2.42
N LEU A 18 2.94 -2.43 1.29
CA LEU A 18 2.88 -1.03 0.88
C LEU A 18 1.55 -0.39 1.30
N ILE A 19 1.64 0.80 1.87
CA ILE A 19 0.45 1.52 2.33
C ILE A 19 -0.10 2.42 1.23
N VAL A 20 -1.41 2.32 0.98
CA VAL A 20 -2.06 3.13 -0.03
C VAL A 20 -2.88 4.24 0.60
N LEU A 21 -2.67 5.47 0.11
CA LEU A 21 -3.39 6.63 0.63
C LEU A 21 -4.22 7.29 -0.48
N GLY A 22 -5.43 7.69 -0.13
CA GLY A 22 -6.30 8.34 -1.09
C GLY A 22 -7.35 7.38 -1.66
N LEU A 23 -7.75 6.42 -0.85
CA LEU A 23 -8.76 5.44 -1.27
C LEU A 23 -10.16 5.89 -0.87
N PRO A 24 -11.14 5.65 -1.75
CA PRO A 24 -12.53 6.02 -1.52
C PRO A 24 -13.18 5.17 -0.43
N TRP A 25 -14.51 5.22 -0.36
CA TRP A 25 -15.24 4.46 0.64
C TRP A 25 -15.80 3.17 0.04
N LYS A 26 -16.32 3.26 -1.18
CA LYS A 26 -16.87 2.11 -1.86
C LYS A 26 -15.83 1.01 -2.04
N THR A 27 -14.59 1.42 -2.26
CA THR A 27 -13.49 0.48 -2.43
C THR A 27 -13.31 -0.40 -1.20
N THR A 28 -13.17 -1.70 -1.43
CA THR A 28 -13.00 -2.65 -0.33
C THR A 28 -11.85 -3.61 -0.62
N GLU A 29 -11.47 -4.38 0.39
CA GLU A 29 -10.38 -5.35 0.25
C GLU A 29 -10.65 -6.29 -0.92
N GLN A 30 -11.90 -6.71 -1.07
CA GLN A 30 -12.29 -7.61 -2.15
C GLN A 30 -12.11 -6.95 -3.51
N ASP A 31 -12.56 -5.71 -3.63
CA ASP A 31 -12.46 -4.97 -4.87
C ASP A 31 -11.00 -4.63 -5.17
N LEU A 32 -10.23 -4.35 -4.13
CA LEU A 32 -8.82 -4.01 -4.28
C LEU A 32 -8.03 -5.21 -4.80
N LYS A 33 -8.38 -6.40 -4.32
CA LYS A 33 -7.70 -7.61 -4.74
C LYS A 33 -7.88 -7.85 -6.23
N GLU A 34 -9.09 -7.61 -6.73
CA GLU A 34 -9.39 -7.81 -8.14
C GLU A 34 -8.73 -6.72 -8.98
N TYR A 35 -8.84 -5.48 -8.54
CA TYR A 35 -8.25 -4.35 -9.25
C TYR A 35 -6.74 -4.48 -9.32
N PHE A 36 -6.12 -4.69 -8.16
CA PHE A 36 -4.67 -4.84 -8.08
C PHE A 36 -4.19 -6.01 -8.93
N SER A 37 -5.02 -7.04 -9.04
CA SER A 37 -4.69 -8.22 -9.81
C SER A 37 -4.41 -7.86 -11.26
N THR A 38 -4.90 -6.69 -11.68
CA THR A 38 -4.72 -6.22 -13.04
C THR A 38 -3.24 -5.98 -13.35
N PHE A 39 -2.47 -5.65 -12.32
CA PHE A 39 -1.04 -5.39 -12.48
C PHE A 39 -0.27 -6.70 -12.58
N GLY A 40 -0.76 -7.73 -11.90
CA GLY A 40 -0.09 -9.03 -11.92
C GLY A 40 -0.75 -10.03 -10.99
N GLU A 41 -0.30 -10.05 -9.74
CA GLU A 41 -0.86 -10.97 -8.75
C GLU A 41 -0.80 -10.36 -7.36
N VAL A 42 -1.97 -10.20 -6.74
CA VAL A 42 -2.06 -9.62 -5.40
C VAL A 42 -1.51 -10.58 -4.37
N LEU A 43 -0.53 -10.13 -3.59
CA LEU A 43 0.08 -10.95 -2.56
C LEU A 43 -0.59 -10.70 -1.20
N MET A 44 -1.13 -9.50 -1.03
CA MET A 44 -1.80 -9.14 0.22
C MET A 44 -2.71 -7.92 0.02
N VAL A 45 -3.88 -7.96 0.63
CA VAL A 45 -4.83 -6.86 0.52
C VAL A 45 -5.52 -6.59 1.85
N GLN A 46 -5.64 -5.32 2.20
CA GLN A 46 -6.27 -4.92 3.46
C GLN A 46 -6.74 -3.47 3.40
N VAL A 47 -7.83 -3.17 4.10
CA VAL A 47 -8.38 -1.82 4.12
C VAL A 47 -8.66 -1.37 5.56
N LYS A 48 -8.03 -0.27 5.96
CA LYS A 48 -8.21 0.26 7.31
C LYS A 48 -9.53 1.04 7.41
N LYS A 49 -10.22 0.85 8.53
CA LYS A 49 -11.49 1.53 8.75
C LYS A 49 -11.47 2.31 10.06
N ASP A 50 -12.58 2.99 10.37
CA ASP A 50 -12.68 3.77 11.59
C ASP A 50 -13.22 2.92 12.73
N LEU A 51 -13.07 3.42 13.96
CA LEU A 51 -13.54 2.70 15.14
C LEU A 51 -14.62 3.49 15.88
N LYS A 52 -14.55 4.82 15.73
CA LYS A 52 -15.52 5.70 16.38
C LYS A 52 -16.77 5.86 15.53
N THR A 53 -16.63 5.62 14.23
CA THR A 53 -17.74 5.73 13.29
C THR A 53 -17.92 4.45 12.50
N GLY A 54 -16.93 4.14 11.66
CA GLY A 54 -17.01 2.93 10.85
C GLY A 54 -16.73 3.21 9.38
N HIS A 55 -16.45 4.46 9.06
CA HIS A 55 -16.17 4.86 7.69
C HIS A 55 -14.71 4.60 7.34
N SER A 56 -14.49 3.93 6.22
CA SER A 56 -13.13 3.62 5.77
C SER A 56 -12.21 4.82 5.95
N LYS A 57 -11.01 4.57 6.47
CA LYS A 57 -10.04 5.63 6.69
C LYS A 57 -9.50 6.16 5.37
N GLY A 58 -9.70 5.39 4.30
CA GLY A 58 -9.23 5.81 2.99
C GLY A 58 -7.82 5.33 2.70
N PHE A 59 -7.34 4.40 3.52
CA PHE A 59 -5.99 3.86 3.35
C PHE A 59 -5.91 2.44 3.88
N GLY A 60 -5.04 1.63 3.28
CA GLY A 60 -4.89 0.25 3.69
C GLY A 60 -3.51 -0.30 3.37
N PHE A 61 -3.36 -1.61 3.47
CA PHE A 61 -2.08 -2.26 3.20
C PHE A 61 -2.23 -3.25 2.04
N VAL A 62 -1.20 -3.32 1.19
CA VAL A 62 -1.21 -4.22 0.06
C VAL A 62 0.20 -4.64 -0.32
N ARG A 63 0.34 -5.86 -0.83
CA ARG A 63 1.64 -6.39 -1.23
C ARG A 63 1.53 -7.22 -2.50
N PHE A 64 2.54 -7.14 -3.35
CA PHE A 64 2.56 -7.87 -4.61
C PHE A 64 3.51 -9.07 -4.53
N THR A 65 3.37 -9.99 -5.48
CA THR A 65 4.22 -11.17 -5.52
C THR A 65 5.59 -10.85 -6.08
N GLU A 66 5.63 -10.05 -7.14
CA GLU A 66 6.88 -9.66 -7.76
C GLU A 66 7.36 -8.31 -7.24
N TYR A 67 8.61 -8.27 -6.79
CA TYR A 67 9.19 -7.04 -6.25
C TYR A 67 9.17 -5.92 -7.30
N GLU A 68 9.38 -6.31 -8.56
CA GLU A 68 9.38 -5.35 -9.65
C GLU A 68 8.00 -4.74 -9.86
N THR A 69 6.97 -5.54 -9.61
CA THR A 69 5.59 -5.08 -9.77
C THR A 69 5.22 -4.07 -8.69
N GLN A 70 5.54 -4.38 -7.45
CA GLN A 70 5.24 -3.49 -6.33
C GLN A 70 6.02 -2.19 -6.46
N VAL A 71 7.26 -2.28 -6.92
CA VAL A 71 8.10 -1.10 -7.09
C VAL A 71 7.56 -0.18 -8.17
N LYS A 72 7.11 -0.78 -9.27
CA LYS A 72 6.56 -0.02 -10.39
C LYS A 72 5.28 0.69 -9.98
N VAL A 73 4.47 0.02 -9.17
CA VAL A 73 3.21 0.59 -8.70
C VAL A 73 3.45 1.84 -7.86
N MET A 74 4.41 1.76 -6.95
CA MET A 74 4.74 2.89 -6.08
C MET A 74 5.36 4.03 -6.89
N SER A 75 5.94 3.69 -8.04
CA SER A 75 6.57 4.69 -8.90
C SER A 75 5.52 5.58 -9.55
N GLN A 76 4.66 4.98 -10.37
CA GLN A 76 3.62 5.72 -11.05
C GLN A 76 2.35 5.80 -10.19
N ARG A 77 1.51 6.78 -10.49
CA ARG A 77 0.27 6.97 -9.74
C ARG A 77 -0.82 6.03 -10.24
N HIS A 78 -1.97 6.03 -9.57
CA HIS A 78 -3.08 5.18 -9.94
C HIS A 78 -4.40 5.79 -9.49
N MET A 79 -5.39 5.80 -10.40
CA MET A 79 -6.69 6.36 -10.09
C MET A 79 -7.72 5.25 -9.87
N ILE A 80 -8.22 5.15 -8.65
CA ILE A 80 -9.21 4.14 -8.31
C ILE A 80 -10.57 4.77 -8.01
N ASP A 81 -11.56 4.42 -8.81
CA ASP A 81 -12.91 4.95 -8.63
C ASP A 81 -12.92 6.48 -8.76
N GLY A 82 -12.06 6.99 -9.62
CA GLY A 82 -11.98 8.43 -9.82
C GLY A 82 -11.33 9.14 -8.65
N ARG A 83 -10.40 8.46 -7.97
CA ARG A 83 -9.71 9.03 -6.83
C ARG A 83 -8.21 8.87 -6.98
N TRP A 84 -7.45 9.87 -6.54
CA TRP A 84 -6.00 9.85 -6.63
C TRP A 84 -5.41 9.04 -5.48
N CYS A 85 -4.76 7.93 -5.82
CA CYS A 85 -4.14 7.06 -4.81
C CYS A 85 -2.70 6.73 -5.19
N ASP A 86 -1.83 6.66 -4.19
CA ASP A 86 -0.43 6.35 -4.41
C ASP A 86 0.06 5.28 -3.44
N CYS A 87 0.95 4.42 -3.92
CA CYS A 87 1.49 3.35 -3.09
C CYS A 87 2.86 3.74 -2.52
N LYS A 88 2.99 3.65 -1.20
CA LYS A 88 4.24 4.00 -0.52
C LYS A 88 4.53 3.02 0.61
N LEU A 89 5.79 2.96 1.01
CA LEU A 89 6.20 2.06 2.08
C LEU A 89 5.90 2.67 3.45
N PRO A 90 5.51 1.82 4.41
CA PRO A 90 5.19 2.26 5.77
C PRO A 90 6.43 2.72 6.55
N ASN A 91 7.58 2.63 5.90
CA ASN A 91 8.83 3.04 6.52
C ASN A 91 8.82 4.54 6.85
N SER A 92 8.10 4.90 7.91
CA SER A 92 8.01 6.29 8.33
C SER A 92 7.27 6.41 9.66
N LYS A 93 7.06 7.64 10.11
CA LYS A 93 6.38 7.89 11.37
C LYS A 93 4.93 8.29 11.13
N GLN A 94 4.15 7.39 10.54
CA GLN A 94 2.75 7.65 10.25
C GLN A 94 1.85 7.03 11.31
N SER A 95 2.14 5.79 11.68
CA SER A 95 1.35 5.09 12.68
C SER A 95 1.72 5.57 14.09
N GLN A 96 0.70 5.84 14.90
CA GLN A 96 0.91 6.30 16.27
C GLN A 96 1.08 5.12 17.22
N ASP A 97 0.16 4.17 17.13
CA ASP A 97 0.19 2.99 17.99
C ASP A 97 0.03 3.37 19.45
N SER A 98 -0.87 4.32 19.71
CA SER A 98 -1.12 4.79 21.07
C SER A 98 -1.09 3.62 22.05
N GLY A 99 -0.63 3.90 23.28
CA GLY A 99 -0.54 2.87 24.29
C GLY A 99 0.84 2.26 24.39
N PRO A 100 0.97 0.99 23.97
CA PRO A 100 2.24 0.27 24.02
C PRO A 100 3.25 0.81 23.00
N SER A 101 4.48 1.02 23.45
CA SER A 101 5.52 1.54 22.58
C SER A 101 6.26 0.41 21.88
N SER A 102 6.82 0.70 20.72
CA SER A 102 7.55 -0.30 19.94
C SER A 102 8.97 0.18 19.65
N GLY A 103 9.10 1.43 19.25
CA GLY A 103 10.41 1.98 18.94
C GLY A 103 10.39 2.86 17.70
N GLY A 1 8.88 15.56 10.53
CA GLY A 1 10.21 15.96 10.94
C GLY A 1 11.15 16.14 9.76
N SER A 2 12.19 16.94 9.95
CA SER A 2 13.16 17.20 8.89
C SER A 2 14.31 16.19 8.94
N SER A 3 14.99 16.14 10.07
CA SER A 3 16.11 15.22 10.25
C SER A 3 15.66 13.77 10.09
N GLY A 4 16.29 13.06 9.16
CA GLY A 4 15.94 11.68 8.93
C GLY A 4 17.01 10.92 8.18
N SER A 5 18.20 10.83 8.77
CA SER A 5 19.32 10.14 8.14
C SER A 5 19.03 8.64 8.03
N SER A 6 19.17 8.11 6.82
CA SER A 6 18.93 6.69 6.58
C SER A 6 19.98 6.11 5.65
N GLY A 7 20.47 4.93 5.99
CA GLY A 7 21.49 4.28 5.17
C GLY A 7 20.89 3.44 4.07
N VAL A 8 21.43 3.57 2.85
CA VAL A 8 20.94 2.81 1.72
C VAL A 8 22.07 2.01 1.07
N LYS A 9 23.20 1.95 1.74
CA LYS A 9 24.35 1.21 1.23
C LYS A 9 24.59 -0.07 2.04
N ARG A 10 25.07 -1.11 1.36
CA ARG A 10 25.34 -2.38 2.03
C ARG A 10 24.11 -2.86 2.79
N ALA A 11 22.97 -2.91 2.10
CA ALA A 11 21.73 -3.35 2.72
C ALA A 11 20.71 -3.75 1.65
N VAL A 12 20.20 -4.98 1.77
CA VAL A 12 19.23 -5.49 0.81
C VAL A 12 17.90 -5.81 1.51
N GLN A 13 16.83 -5.90 0.72
CA GLN A 13 15.51 -6.21 1.27
C GLN A 13 14.60 -6.76 0.18
N LYS A 14 13.62 -7.57 0.59
CA LYS A 14 12.67 -8.16 -0.35
C LYS A 14 11.32 -7.44 -0.27
N THR A 15 10.35 -7.97 -1.02
CA THR A 15 9.01 -7.39 -1.03
C THR A 15 8.64 -6.82 0.33
N SER A 16 7.90 -5.72 0.33
CA SER A 16 7.48 -5.07 1.57
C SER A 16 6.06 -4.50 1.42
N ASP A 17 5.24 -4.75 2.44
CA ASP A 17 3.86 -4.26 2.43
C ASP A 17 3.82 -2.78 2.04
N LEU A 18 2.95 -2.47 1.08
CA LEU A 18 2.81 -1.10 0.60
C LEU A 18 1.49 -0.50 1.06
N ILE A 19 1.55 0.66 1.71
CA ILE A 19 0.37 1.34 2.20
C ILE A 19 -0.17 2.32 1.17
N VAL A 20 -1.46 2.18 0.84
CA VAL A 20 -2.10 3.05 -0.13
C VAL A 20 -3.01 4.06 0.56
N LEU A 21 -2.89 5.32 0.15
CA LEU A 21 -3.72 6.38 0.73
C LEU A 21 -4.58 7.05 -0.35
N GLY A 22 -5.63 7.74 0.10
CA GLY A 22 -6.52 8.40 -0.84
C GLY A 22 -7.53 7.45 -1.46
N LEU A 23 -7.87 6.40 -0.73
CA LEU A 23 -8.84 5.41 -1.21
C LEU A 23 -10.26 5.78 -0.78
N PRO A 24 -11.20 5.70 -1.72
CA PRO A 24 -12.61 6.02 -1.46
C PRO A 24 -13.27 4.97 -0.57
N TRP A 25 -14.56 5.18 -0.28
CA TRP A 25 -15.31 4.25 0.55
C TRP A 25 -15.74 3.03 -0.24
N LYS A 26 -16.48 3.27 -1.32
CA LYS A 26 -16.96 2.19 -2.18
C LYS A 26 -15.89 1.12 -2.35
N THR A 27 -14.63 1.53 -2.29
CA THR A 27 -13.52 0.60 -2.45
C THR A 27 -13.35 -0.26 -1.21
N THR A 28 -13.26 -1.58 -1.41
CA THR A 28 -13.10 -2.51 -0.31
C THR A 28 -11.95 -3.48 -0.57
N GLU A 29 -11.69 -4.36 0.39
CA GLU A 29 -10.61 -5.33 0.26
C GLU A 29 -10.83 -6.21 -0.97
N GLN A 30 -12.07 -6.60 -1.20
CA GLN A 30 -12.42 -7.45 -2.34
C GLN A 30 -12.15 -6.72 -3.66
N ASP A 31 -12.51 -5.44 -3.69
CA ASP A 31 -12.30 -4.62 -4.89
C ASP A 31 -10.82 -4.34 -5.11
N LEU A 32 -10.12 -4.03 -4.03
CA LEU A 32 -8.70 -3.74 -4.11
C LEU A 32 -7.92 -4.92 -4.67
N LYS A 33 -8.29 -6.13 -4.25
CA LYS A 33 -7.63 -7.34 -4.72
C LYS A 33 -7.83 -7.52 -6.23
N GLU A 34 -9.04 -7.23 -6.69
CA GLU A 34 -9.36 -7.37 -8.11
C GLU A 34 -8.66 -6.28 -8.92
N TYR A 35 -8.70 -5.05 -8.41
CA TYR A 35 -8.08 -3.92 -9.10
C TYR A 35 -6.57 -4.08 -9.15
N PHE A 36 -5.96 -4.33 -7.99
CA PHE A 36 -4.52 -4.51 -7.90
C PHE A 36 -4.06 -5.65 -8.79
N SER A 37 -4.91 -6.66 -8.95
CA SER A 37 -4.59 -7.81 -9.78
C SER A 37 -4.29 -7.39 -11.22
N THR A 38 -4.73 -6.19 -11.58
CA THR A 38 -4.52 -5.67 -12.91
C THR A 38 -3.03 -5.43 -13.19
N PHE A 39 -2.30 -5.10 -12.13
CA PHE A 39 -0.87 -4.85 -12.25
C PHE A 39 -0.08 -6.15 -12.35
N GLY A 40 -0.67 -7.23 -11.83
CA GLY A 40 -0.03 -8.52 -11.87
C GLY A 40 -0.74 -9.56 -11.02
N GLU A 41 -0.26 -9.76 -9.81
CA GLU A 41 -0.87 -10.73 -8.90
C GLU A 41 -0.81 -10.24 -7.46
N VAL A 42 -1.99 -9.99 -6.89
CA VAL A 42 -2.08 -9.52 -5.51
C VAL A 42 -1.70 -10.62 -4.51
N LEU A 43 -0.74 -10.31 -3.64
CA LEU A 43 -0.29 -11.28 -2.64
C LEU A 43 -0.94 -11.01 -1.30
N MET A 44 -1.27 -9.74 -1.05
CA MET A 44 -1.90 -9.35 0.21
C MET A 44 -2.79 -8.13 0.02
N VAL A 45 -3.97 -8.16 0.61
CA VAL A 45 -4.92 -7.05 0.51
C VAL A 45 -5.62 -6.80 1.83
N GLN A 46 -5.72 -5.53 2.20
CA GLN A 46 -6.38 -5.14 3.45
C GLN A 46 -6.83 -3.68 3.41
N VAL A 47 -7.89 -3.38 4.16
CA VAL A 47 -8.41 -2.02 4.20
C VAL A 47 -8.64 -1.57 5.64
N LYS A 48 -7.95 -0.49 6.02
CA LYS A 48 -8.08 0.05 7.37
C LYS A 48 -9.38 0.83 7.53
N LYS A 49 -10.08 0.58 8.64
CA LYS A 49 -11.34 1.27 8.91
C LYS A 49 -11.27 2.04 10.22
N ASP A 50 -12.33 2.76 10.55
CA ASP A 50 -12.39 3.54 11.78
C ASP A 50 -13.10 2.77 12.88
N LEU A 51 -12.97 3.24 14.11
CA LEU A 51 -13.61 2.59 15.25
C LEU A 51 -14.50 3.58 16.01
N LYS A 52 -14.32 4.87 15.74
CA LYS A 52 -15.10 5.91 16.39
C LYS A 52 -16.28 6.32 15.51
N THR A 53 -16.12 6.16 14.20
CA THR A 53 -17.18 6.51 13.26
C THR A 53 -17.71 5.28 12.54
N GLY A 54 -16.85 4.65 11.76
CA GLY A 54 -17.25 3.46 11.03
C GLY A 54 -16.87 3.52 9.56
N HIS A 55 -16.44 4.70 9.11
CA HIS A 55 -16.05 4.88 7.72
C HIS A 55 -14.59 4.50 7.52
N SER A 56 -14.28 3.97 6.34
CA SER A 56 -12.92 3.56 6.01
C SER A 56 -11.94 4.70 6.25
N LYS A 57 -10.73 4.34 6.68
CA LYS A 57 -9.69 5.33 6.95
C LYS A 57 -9.13 5.90 5.65
N GLY A 58 -9.62 5.38 4.52
CA GLY A 58 -9.15 5.86 3.23
C GLY A 58 -7.79 5.29 2.86
N PHE A 59 -7.26 4.42 3.71
CA PHE A 59 -5.96 3.82 3.48
C PHE A 59 -5.95 2.36 3.92
N GLY A 60 -5.10 1.56 3.28
CA GLY A 60 -5.01 0.16 3.62
C GLY A 60 -3.64 -0.43 3.33
N PHE A 61 -3.53 -1.75 3.41
CA PHE A 61 -2.26 -2.43 3.15
C PHE A 61 -2.39 -3.40 1.99
N VAL A 62 -1.34 -3.48 1.18
CA VAL A 62 -1.33 -4.38 0.03
C VAL A 62 0.08 -4.83 -0.32
N ARG A 63 0.20 -6.03 -0.86
CA ARG A 63 1.50 -6.58 -1.23
C ARG A 63 1.41 -7.36 -2.54
N PHE A 64 2.45 -7.27 -3.35
CA PHE A 64 2.50 -7.97 -4.63
C PHE A 64 3.41 -9.19 -4.56
N THR A 65 3.24 -10.11 -5.51
CA THR A 65 4.04 -11.32 -5.54
C THR A 65 5.46 -11.02 -6.06
N GLU A 66 5.54 -10.22 -7.11
CA GLU A 66 6.83 -9.85 -7.70
C GLU A 66 7.29 -8.50 -7.17
N TYR A 67 8.53 -8.45 -6.69
CA TYR A 67 9.10 -7.23 -6.17
C TYR A 67 9.17 -6.15 -7.25
N GLU A 68 9.41 -6.57 -8.48
CA GLU A 68 9.50 -5.64 -9.60
C GLU A 68 8.19 -4.88 -9.79
N THR A 69 7.08 -5.55 -9.48
CA THR A 69 5.76 -4.94 -9.61
C THR A 69 5.55 -3.86 -8.56
N GLN A 70 5.84 -4.19 -7.31
CA GLN A 70 5.68 -3.25 -6.21
C GLN A 70 6.43 -1.95 -6.48
N VAL A 71 7.60 -2.07 -7.11
CA VAL A 71 8.40 -0.90 -7.43
C VAL A 71 7.72 -0.03 -8.49
N LYS A 72 7.19 -0.67 -9.52
CA LYS A 72 6.50 0.04 -10.59
C LYS A 72 5.26 0.75 -10.06
N VAL A 73 4.66 0.18 -9.02
CA VAL A 73 3.47 0.77 -8.42
C VAL A 73 3.80 2.06 -7.67
N MET A 74 4.85 2.00 -6.86
CA MET A 74 5.27 3.17 -6.08
C MET A 74 5.96 4.19 -6.97
N SER A 75 6.35 3.76 -8.17
CA SER A 75 7.02 4.65 -9.11
C SER A 75 6.01 5.51 -9.87
N GLN A 76 4.75 5.09 -9.85
CA GLN A 76 3.69 5.83 -10.53
C GLN A 76 2.40 5.81 -9.70
N ARG A 77 1.38 6.49 -10.21
CA ARG A 77 0.10 6.55 -9.51
C ARG A 77 -0.95 5.69 -10.22
N HIS A 78 -2.16 5.67 -9.66
CA HIS A 78 -3.24 4.88 -10.24
C HIS A 78 -4.60 5.46 -9.85
N MET A 79 -5.55 5.38 -10.76
CA MET A 79 -6.89 5.89 -10.51
C MET A 79 -7.86 4.77 -10.17
N ILE A 80 -8.45 4.83 -8.99
CA ILE A 80 -9.38 3.81 -8.54
C ILE A 80 -10.81 4.37 -8.44
N ASP A 81 -11.69 3.89 -9.30
CA ASP A 81 -13.08 4.34 -9.31
C ASP A 81 -13.15 5.86 -9.47
N GLY A 82 -12.15 6.43 -10.14
CA GLY A 82 -12.13 7.86 -10.35
C GLY A 82 -11.53 8.61 -9.17
N ARG A 83 -10.65 7.94 -8.43
CA ARG A 83 -10.01 8.54 -7.27
C ARG A 83 -8.49 8.38 -7.34
N TRP A 84 -7.77 9.42 -6.95
CA TRP A 84 -6.32 9.39 -6.97
C TRP A 84 -5.77 8.62 -5.76
N CYS A 85 -5.01 7.58 -6.04
CA CYS A 85 -4.42 6.76 -4.98
C CYS A 85 -2.89 6.75 -5.07
N ASP A 86 -2.24 6.75 -3.92
CA ASP A 86 -0.79 6.75 -3.87
C ASP A 86 -0.28 5.60 -2.99
N CYS A 87 0.73 4.89 -3.48
CA CYS A 87 1.32 3.78 -2.74
C CYS A 87 2.69 4.15 -2.19
N LYS A 88 2.86 3.99 -0.88
CA LYS A 88 4.14 4.30 -0.24
C LYS A 88 4.47 3.27 0.83
N LEU A 89 5.74 3.19 1.19
CA LEU A 89 6.19 2.24 2.20
C LEU A 89 5.96 2.79 3.60
N PRO A 90 5.59 1.89 4.54
CA PRO A 90 5.32 2.27 5.93
C PRO A 90 6.60 2.67 6.67
N ASN A 91 6.84 3.97 6.77
CA ASN A 91 8.03 4.48 7.45
C ASN A 91 7.69 4.90 8.88
N SER A 92 7.01 4.03 9.60
CA SER A 92 6.62 4.31 10.98
C SER A 92 6.25 5.78 11.15
N LYS A 93 5.59 6.33 10.14
CA LYS A 93 5.16 7.72 10.16
C LYS A 93 3.65 7.84 10.34
N GLN A 94 2.91 7.04 9.57
CA GLN A 94 1.46 7.04 9.64
C GLN A 94 0.92 5.68 10.08
N SER A 95 1.55 4.62 9.60
CA SER A 95 1.14 3.27 9.94
C SER A 95 1.41 2.98 11.41
N GLN A 96 0.54 2.18 12.03
CA GLN A 96 0.68 1.83 13.43
C GLN A 96 -0.05 0.52 13.74
N ASP A 97 0.72 -0.51 14.08
CA ASP A 97 0.15 -1.81 14.40
C ASP A 97 -0.53 -1.79 15.75
N SER A 98 -1.60 -2.56 15.89
CA SER A 98 -2.35 -2.63 17.14
C SER A 98 -1.92 -3.84 17.96
N GLY A 99 -0.95 -3.64 18.84
CA GLY A 99 -0.47 -4.72 19.68
C GLY A 99 1.03 -4.89 19.60
N PRO A 100 1.77 -4.08 20.38
CA PRO A 100 3.23 -4.12 20.42
C PRO A 100 3.76 -5.40 21.07
N SER A 101 3.91 -6.45 20.27
CA SER A 101 4.41 -7.72 20.77
C SER A 101 3.61 -8.17 22.00
N SER A 102 2.29 -7.98 21.94
CA SER A 102 1.43 -8.35 23.06
C SER A 102 0.32 -9.29 22.57
N GLY A 103 0.37 -10.55 23.02
CA GLY A 103 -0.64 -11.51 22.62
C GLY A 103 -1.25 -12.22 23.82
N GLY A 1 35.93 18.28 12.31
CA GLY A 1 34.84 17.33 12.09
C GLY A 1 35.31 16.06 11.42
N SER A 2 34.52 15.58 10.46
CA SER A 2 34.86 14.34 9.75
C SER A 2 35.16 14.65 8.29
N SER A 3 35.86 13.72 7.63
CA SER A 3 36.23 13.88 6.24
C SER A 3 36.26 12.53 5.52
N GLY A 4 35.32 12.31 4.61
CA GLY A 4 35.27 11.06 3.88
C GLY A 4 34.49 9.99 4.60
N SER A 5 33.22 10.28 4.89
CA SER A 5 32.37 9.33 5.59
C SER A 5 31.18 8.91 4.73
N SER A 6 31.35 7.81 4.01
CA SER A 6 30.30 7.30 3.13
C SER A 6 30.02 5.83 3.40
N GLY A 7 28.92 5.33 2.87
CA GLY A 7 28.56 3.94 3.06
C GLY A 7 27.44 3.49 2.15
N VAL A 8 27.68 3.56 0.85
CA VAL A 8 26.69 3.16 -0.15
C VAL A 8 26.76 1.66 -0.42
N LYS A 9 25.70 0.95 -0.05
CA LYS A 9 25.63 -0.50 -0.25
C LYS A 9 24.34 -0.89 -0.95
N ARG A 10 24.32 -2.09 -1.51
CA ARG A 10 23.14 -2.59 -2.21
C ARG A 10 22.12 -3.14 -1.22
N ALA A 11 20.90 -2.62 -1.29
CA ALA A 11 19.83 -3.06 -0.39
C ALA A 11 19.35 -4.46 -0.77
N VAL A 12 19.11 -5.30 0.24
CA VAL A 12 18.65 -6.65 0.00
C VAL A 12 17.41 -6.97 0.84
N GLN A 13 16.45 -6.05 0.83
CA GLN A 13 15.22 -6.23 1.59
C GLN A 13 14.11 -6.79 0.71
N LYS A 14 13.64 -7.98 1.06
CA LYS A 14 12.58 -8.64 0.30
C LYS A 14 11.31 -7.79 0.29
N THR A 15 10.46 -8.02 -0.71
CA THR A 15 9.21 -7.27 -0.83
C THR A 15 8.61 -6.99 0.54
N SER A 16 7.86 -5.89 0.63
CA SER A 16 7.22 -5.51 1.88
C SER A 16 5.80 -4.99 1.64
N ASP A 17 5.08 -4.71 2.72
CA ASP A 17 3.72 -4.20 2.62
C ASP A 17 3.72 -2.71 2.29
N LEU A 18 2.93 -2.33 1.29
CA LEU A 18 2.84 -0.94 0.86
C LEU A 18 1.52 -0.32 1.31
N ILE A 19 1.57 0.92 1.76
CA ILE A 19 0.38 1.63 2.21
C ILE A 19 -0.18 2.54 1.12
N VAL A 20 -1.49 2.49 0.92
CA VAL A 20 -2.13 3.32 -0.09
C VAL A 20 -2.88 4.49 0.55
N LEU A 21 -2.69 5.68 -0.01
CA LEU A 21 -3.35 6.88 0.50
C LEU A 21 -4.25 7.51 -0.56
N GLY A 22 -5.43 7.95 -0.15
CA GLY A 22 -6.36 8.57 -1.07
C GLY A 22 -7.36 7.58 -1.64
N LEU A 23 -7.78 6.63 -0.80
CA LEU A 23 -8.75 5.63 -1.22
C LEU A 23 -10.17 6.03 -0.84
N PRO A 24 -11.09 5.92 -1.81
CA PRO A 24 -12.50 6.29 -1.61
C PRO A 24 -13.22 5.30 -0.67
N TRP A 25 -14.36 5.72 -0.16
CA TRP A 25 -15.15 4.88 0.73
C TRP A 25 -15.62 3.62 0.02
N LYS A 26 -15.84 3.72 -1.28
CA LYS A 26 -16.29 2.59 -2.07
C LYS A 26 -15.26 1.47 -2.07
N THR A 27 -14.00 1.83 -2.24
CA THR A 27 -12.91 0.86 -2.25
C THR A 27 -13.02 -0.09 -1.07
N THR A 28 -12.61 -1.34 -1.30
CA THR A 28 -12.66 -2.35 -0.24
C THR A 28 -11.59 -3.42 -0.46
N GLU A 29 -11.57 -4.42 0.41
CA GLU A 29 -10.59 -5.50 0.32
C GLU A 29 -10.80 -6.31 -0.95
N GLN A 30 -12.06 -6.59 -1.27
CA GLN A 30 -12.40 -7.36 -2.46
C GLN A 30 -12.10 -6.57 -3.73
N ASP A 31 -12.50 -5.31 -3.74
CA ASP A 31 -12.28 -4.44 -4.89
C ASP A 31 -10.78 -4.23 -5.12
N LEU A 32 -10.04 -4.05 -4.04
CA LEU A 32 -8.60 -3.85 -4.13
C LEU A 32 -7.89 -5.09 -4.66
N LYS A 33 -8.35 -6.25 -4.22
CA LYS A 33 -7.77 -7.51 -4.64
C LYS A 33 -7.96 -7.73 -6.15
N GLU A 34 -9.15 -7.39 -6.63
CA GLU A 34 -9.45 -7.54 -8.06
C GLU A 34 -8.71 -6.50 -8.88
N TYR A 35 -8.66 -5.27 -8.37
CA TYR A 35 -7.99 -4.18 -9.07
C TYR A 35 -6.48 -4.43 -9.12
N PHE A 36 -5.88 -4.64 -7.95
CA PHE A 36 -4.45 -4.89 -7.87
C PHE A 36 -4.04 -6.10 -8.71
N SER A 37 -4.96 -7.06 -8.81
CA SER A 37 -4.70 -8.28 -9.57
C SER A 37 -4.39 -7.94 -11.03
N THR A 38 -4.88 -6.79 -11.49
CA THR A 38 -4.66 -6.36 -12.86
C THR A 38 -3.18 -6.08 -13.11
N PHE A 39 -2.45 -5.75 -12.05
CA PHE A 39 -1.01 -5.47 -12.17
C PHE A 39 -0.21 -6.76 -12.18
N GLY A 40 -0.81 -7.84 -11.67
CA GLY A 40 -0.12 -9.12 -11.64
C GLY A 40 -0.81 -10.11 -10.72
N GLU A 41 -0.13 -10.49 -9.65
CA GLU A 41 -0.68 -11.45 -8.69
C GLU A 41 -0.69 -10.87 -7.28
N VAL A 42 -1.89 -10.55 -6.79
CA VAL A 42 -2.04 -9.99 -5.46
C VAL A 42 -1.41 -10.90 -4.40
N LEU A 43 -0.58 -10.32 -3.54
CA LEU A 43 0.07 -11.08 -2.48
C LEU A 43 -0.58 -10.82 -1.13
N MET A 44 -1.16 -9.62 -0.98
CA MET A 44 -1.83 -9.26 0.26
C MET A 44 -2.72 -8.04 0.05
N VAL A 45 -3.92 -8.08 0.64
CA VAL A 45 -4.87 -6.98 0.52
C VAL A 45 -5.58 -6.72 1.84
N GLN A 46 -5.70 -5.44 2.20
CA GLN A 46 -6.35 -5.06 3.45
C GLN A 46 -6.81 -3.61 3.39
N VAL A 47 -7.89 -3.31 4.13
CA VAL A 47 -8.42 -1.95 4.17
C VAL A 47 -8.64 -1.49 5.60
N LYS A 48 -8.10 -0.32 5.93
CA LYS A 48 -8.23 0.24 7.27
C LYS A 48 -9.56 0.98 7.41
N LYS A 49 -10.30 0.66 8.48
CA LYS A 49 -11.58 1.30 8.74
C LYS A 49 -11.61 1.91 10.12
N ASP A 50 -12.69 2.63 10.43
CA ASP A 50 -12.84 3.27 11.73
C ASP A 50 -13.52 2.33 12.72
N LEU A 51 -13.51 2.71 13.99
CA LEU A 51 -14.12 1.90 15.04
C LEU A 51 -15.24 2.67 15.74
N LYS A 52 -15.07 3.99 15.84
CA LYS A 52 -16.06 4.84 16.48
C LYS A 52 -17.08 5.34 15.47
N THR A 53 -16.64 5.53 14.23
CA THR A 53 -17.52 6.00 13.17
C THR A 53 -17.92 4.87 12.23
N GLY A 54 -16.93 4.15 11.71
CA GLY A 54 -17.21 3.05 10.80
C GLY A 54 -16.86 3.37 9.37
N HIS A 55 -16.42 4.60 9.14
CA HIS A 55 -16.04 5.03 7.79
C HIS A 55 -14.59 4.69 7.49
N SER A 56 -14.35 4.18 6.28
CA SER A 56 -12.99 3.80 5.88
C SER A 56 -12.01 4.95 6.15
N LYS A 57 -10.83 4.59 6.64
CA LYS A 57 -9.80 5.58 6.94
C LYS A 57 -9.24 6.20 5.66
N GLY A 58 -9.47 5.53 4.53
CA GLY A 58 -8.99 6.02 3.26
C GLY A 58 -7.61 5.51 2.92
N PHE A 59 -7.16 4.49 3.65
CA PHE A 59 -5.85 3.90 3.42
C PHE A 59 -5.83 2.44 3.85
N GLY A 60 -5.01 1.64 3.16
CA GLY A 60 -4.91 0.23 3.49
C GLY A 60 -3.53 -0.33 3.19
N PHE A 61 -3.39 -1.65 3.36
CA PHE A 61 -2.11 -2.31 3.11
C PHE A 61 -2.22 -3.31 1.97
N VAL A 62 -1.18 -3.40 1.16
CA VAL A 62 -1.16 -4.32 0.03
C VAL A 62 0.26 -4.77 -0.29
N ARG A 63 0.38 -5.98 -0.83
CA ARG A 63 1.68 -6.54 -1.18
C ARG A 63 1.61 -7.30 -2.50
N PHE A 64 2.66 -7.18 -3.30
CA PHE A 64 2.72 -7.86 -4.59
C PHE A 64 3.76 -8.98 -4.58
N THR A 65 3.45 -10.07 -5.24
CA THR A 65 4.35 -11.22 -5.31
C THR A 65 5.68 -10.83 -5.94
N GLU A 66 5.61 -10.23 -7.12
CA GLU A 66 6.81 -9.81 -7.84
C GLU A 66 7.27 -8.44 -7.37
N TYR A 67 8.54 -8.34 -7.00
CA TYR A 67 9.11 -7.08 -6.52
C TYR A 67 9.04 -6.00 -7.60
N GLU A 68 9.18 -6.42 -8.86
CA GLU A 68 9.12 -5.50 -9.98
C GLU A 68 7.74 -4.85 -10.10
N THR A 69 6.72 -5.61 -9.73
CA THR A 69 5.34 -5.12 -9.78
C THR A 69 5.09 -4.05 -8.73
N GLN A 70 5.49 -4.34 -7.49
CA GLN A 70 5.32 -3.41 -6.39
C GLN A 70 6.14 -2.15 -6.60
N VAL A 71 7.38 -2.33 -7.06
CA VAL A 71 8.28 -1.21 -7.29
C VAL A 71 7.70 -0.27 -8.36
N LYS A 72 7.21 -0.85 -9.45
CA LYS A 72 6.63 -0.06 -10.53
C LYS A 72 5.32 0.58 -10.11
N VAL A 73 4.61 -0.08 -9.19
CA VAL A 73 3.34 0.43 -8.70
C VAL A 73 3.54 1.74 -7.95
N MET A 74 4.53 1.77 -7.07
CA MET A 74 4.82 2.98 -6.30
C MET A 74 5.43 4.06 -7.17
N SER A 75 6.09 3.65 -8.24
CA SER A 75 6.73 4.58 -9.17
C SER A 75 5.70 5.55 -9.74
N GLN A 76 4.68 5.01 -10.39
CA GLN A 76 3.63 5.83 -10.98
C GLN A 76 2.37 5.81 -10.13
N ARG A 77 1.48 6.76 -10.37
CA ARG A 77 0.23 6.85 -9.62
C ARG A 77 -0.83 5.95 -10.23
N HIS A 78 -2.01 5.93 -9.62
CA HIS A 78 -3.12 5.10 -10.09
C HIS A 78 -4.46 5.68 -9.66
N MET A 79 -5.45 5.56 -10.52
CA MET A 79 -6.79 6.07 -10.23
C MET A 79 -7.73 4.94 -9.82
N ILE A 80 -8.42 5.14 -8.71
CA ILE A 80 -9.36 4.14 -8.20
C ILE A 80 -10.73 4.75 -7.94
N ASP A 81 -11.72 4.33 -8.73
CA ASP A 81 -13.09 4.83 -8.57
C ASP A 81 -13.13 6.34 -8.81
N GLY A 82 -12.33 6.82 -9.75
CA GLY A 82 -12.30 8.23 -10.05
C GLY A 82 -11.61 9.04 -8.98
N ARG A 83 -10.75 8.38 -8.21
CA ARG A 83 -10.01 9.04 -7.14
C ARG A 83 -8.51 8.81 -7.28
N TRP A 84 -7.72 9.79 -6.85
CA TRP A 84 -6.27 9.69 -6.93
C TRP A 84 -5.71 8.93 -5.73
N CYS A 85 -4.90 7.91 -6.01
CA CYS A 85 -4.30 7.11 -4.95
C CYS A 85 -2.80 6.94 -5.17
N ASP A 86 -2.04 6.96 -4.08
CA ASP A 86 -0.59 6.81 -4.16
C ASP A 86 -0.10 5.70 -3.23
N CYS A 87 0.80 4.88 -3.74
CA CYS A 87 1.35 3.77 -2.96
C CYS A 87 2.73 4.12 -2.42
N LYS A 88 2.89 4.00 -1.11
CA LYS A 88 4.17 4.30 -0.48
C LYS A 88 4.48 3.30 0.63
N LEU A 89 5.76 3.20 0.99
CA LEU A 89 6.19 2.28 2.04
C LEU A 89 5.94 2.87 3.42
N PRO A 90 5.56 2.01 4.38
CA PRO A 90 5.30 2.43 5.76
C PRO A 90 6.57 2.84 6.49
N ASN A 91 7.58 1.98 6.44
CA ASN A 91 8.86 2.25 7.11
C ASN A 91 8.64 3.02 8.41
N SER A 92 7.52 2.73 9.07
CA SER A 92 7.19 3.40 10.33
C SER A 92 5.94 2.80 10.95
N LYS A 93 5.79 2.97 12.26
CA LYS A 93 4.64 2.45 12.97
C LYS A 93 3.43 3.35 12.80
N GLN A 94 2.48 2.91 11.98
CA GLN A 94 1.27 3.68 11.72
C GLN A 94 0.04 2.98 12.29
N SER A 95 -0.21 1.77 11.81
CA SER A 95 -1.36 0.99 12.27
C SER A 95 -1.56 1.16 13.77
N GLN A 96 -2.81 1.44 14.16
CA GLN A 96 -3.14 1.63 15.56
C GLN A 96 -4.65 1.67 15.76
N ASP A 97 -5.13 0.97 16.78
CA ASP A 97 -6.55 0.93 17.08
C ASP A 97 -6.95 2.08 18.00
N SER A 98 -8.25 2.22 18.24
CA SER A 98 -8.76 3.28 19.10
C SER A 98 -9.73 2.72 20.14
N GLY A 99 -9.80 3.38 21.29
CA GLY A 99 -10.69 2.94 22.35
C GLY A 99 -10.16 3.30 23.73
N PRO A 100 -9.00 2.73 24.08
CA PRO A 100 -8.36 2.98 25.38
C PRO A 100 -7.83 4.40 25.52
N SER A 101 -7.76 5.11 24.38
CA SER A 101 -7.26 6.47 24.36
C SER A 101 -5.82 6.54 24.86
N SER A 102 -4.97 5.67 24.30
CA SER A 102 -3.57 5.61 24.69
C SER A 102 -2.72 6.48 23.76
N GLY A 103 -1.84 7.30 24.35
CA GLY A 103 -0.99 8.16 23.56
C GLY A 103 -0.09 9.03 24.42
N GLY A 1 19.40 19.48 17.48
CA GLY A 1 18.47 18.56 18.14
C GLY A 1 17.32 18.16 17.24
N SER A 2 16.98 16.88 17.26
CA SER A 2 15.89 16.37 16.44
C SER A 2 15.02 15.39 17.24
N SER A 3 13.72 15.41 16.96
CA SER A 3 12.79 14.53 17.65
C SER A 3 12.72 13.17 16.97
N GLY A 4 12.82 12.11 17.76
CA GLY A 4 12.76 10.76 17.22
C GLY A 4 14.05 10.37 16.51
N SER A 5 14.70 9.32 17.00
CA SER A 5 15.95 8.85 16.42
C SER A 5 15.91 7.34 16.21
N SER A 6 15.86 6.92 14.94
CA SER A 6 15.81 5.50 14.60
C SER A 6 16.14 5.29 13.13
N GLY A 7 16.73 4.14 12.83
CA GLY A 7 17.10 3.83 11.46
C GLY A 7 18.37 3.03 11.37
N VAL A 8 18.39 2.04 10.47
CA VAL A 8 19.57 1.19 10.29
C VAL A 8 19.95 1.12 8.81
N LYS A 9 21.01 1.85 8.44
CA LYS A 9 21.49 1.86 7.07
C LYS A 9 22.01 0.49 6.66
N ARG A 10 21.43 -0.08 5.62
CA ARG A 10 21.84 -1.39 5.13
C ARG A 10 21.32 -1.62 3.71
N ALA A 11 22.25 -1.86 2.78
CA ALA A 11 21.89 -2.11 1.39
C ALA A 11 21.15 -3.43 1.24
N VAL A 12 19.86 -3.35 0.90
CA VAL A 12 19.03 -4.54 0.72
C VAL A 12 17.75 -4.21 -0.02
N GLN A 13 17.11 -5.24 -0.57
CA GLN A 13 15.87 -5.05 -1.31
C GLN A 13 15.00 -6.31 -1.23
N LYS A 14 13.81 -6.15 -0.67
CA LYS A 14 12.88 -7.27 -0.53
C LYS A 14 11.45 -6.77 -0.37
N THR A 15 10.51 -7.44 -1.03
CA THR A 15 9.10 -7.07 -0.96
C THR A 15 8.72 -6.64 0.46
N SER A 16 7.78 -5.70 0.57
CA SER A 16 7.34 -5.21 1.86
C SER A 16 5.94 -4.59 1.76
N ASP A 17 5.15 -4.75 2.80
CA ASP A 17 3.79 -4.22 2.83
C ASP A 17 3.79 -2.75 2.39
N LEU A 18 2.97 -2.44 1.38
CA LEU A 18 2.87 -1.08 0.87
C LEU A 18 1.57 -0.43 1.31
N ILE A 19 1.67 0.76 1.89
CA ILE A 19 0.49 1.49 2.36
C ILE A 19 -0.04 2.41 1.27
N VAL A 20 -1.36 2.38 1.07
CA VAL A 20 -2.00 3.21 0.05
C VAL A 20 -2.75 4.36 0.70
N LEU A 21 -2.53 5.57 0.19
CA LEU A 21 -3.19 6.75 0.72
C LEU A 21 -4.12 7.36 -0.32
N GLY A 22 -5.25 7.91 0.15
CA GLY A 22 -6.21 8.50 -0.76
C GLY A 22 -7.06 7.48 -1.48
N LEU A 23 -7.51 6.47 -0.73
CA LEU A 23 -8.34 5.41 -1.31
C LEU A 23 -9.82 5.74 -1.15
N PRO A 24 -10.60 5.50 -2.22
CA PRO A 24 -12.04 5.76 -2.22
C PRO A 24 -12.80 4.80 -1.33
N TRP A 25 -13.73 5.33 -0.54
CA TRP A 25 -14.53 4.52 0.37
C TRP A 25 -15.22 3.38 -0.39
N LYS A 26 -15.90 3.72 -1.48
CA LYS A 26 -16.59 2.73 -2.29
C LYS A 26 -15.74 1.48 -2.47
N THR A 27 -14.44 1.67 -2.66
CA THR A 27 -13.52 0.56 -2.85
C THR A 27 -13.30 -0.19 -1.54
N THR A 28 -13.32 -1.52 -1.60
CA THR A 28 -13.12 -2.34 -0.42
C THR A 28 -11.98 -3.33 -0.63
N GLU A 29 -11.75 -4.18 0.37
CA GLU A 29 -10.69 -5.19 0.28
C GLU A 29 -10.93 -6.15 -0.88
N GLN A 30 -12.19 -6.50 -1.09
CA GLN A 30 -12.56 -7.41 -2.17
C GLN A 30 -12.27 -6.78 -3.53
N ASP A 31 -12.66 -5.52 -3.69
CA ASP A 31 -12.44 -4.80 -4.94
C ASP A 31 -10.96 -4.51 -5.15
N LEU A 32 -10.28 -4.17 -4.06
CA LEU A 32 -8.85 -3.86 -4.13
C LEU A 32 -8.06 -5.04 -4.69
N LYS A 33 -8.42 -6.24 -4.26
CA LYS A 33 -7.75 -7.45 -4.72
C LYS A 33 -7.96 -7.66 -6.22
N GLU A 34 -9.19 -7.41 -6.68
CA GLU A 34 -9.53 -7.57 -8.09
C GLU A 34 -8.83 -6.51 -8.93
N TYR A 35 -8.89 -5.26 -8.47
CA TYR A 35 -8.27 -4.14 -9.18
C TYR A 35 -6.75 -4.30 -9.20
N PHE A 36 -6.16 -4.52 -8.02
CA PHE A 36 -4.72 -4.67 -7.91
C PHE A 36 -4.23 -5.82 -8.77
N SER A 37 -5.06 -6.85 -8.94
CA SER A 37 -4.71 -8.00 -9.73
C SER A 37 -4.39 -7.60 -11.17
N THR A 38 -4.85 -6.42 -11.56
CA THR A 38 -4.62 -5.91 -12.91
C THR A 38 -3.14 -5.66 -13.15
N PHE A 39 -2.43 -5.27 -12.10
CA PHE A 39 -1.00 -5.00 -12.19
C PHE A 39 -0.19 -6.29 -12.21
N GLY A 40 -0.79 -7.36 -11.68
CA GLY A 40 -0.12 -8.64 -11.64
C GLY A 40 -0.84 -9.65 -10.77
N GLU A 41 -0.15 -10.12 -9.72
CA GLU A 41 -0.74 -11.09 -8.81
C GLU A 41 -0.70 -10.58 -7.37
N VAL A 42 -1.86 -10.15 -6.88
CA VAL A 42 -1.97 -9.64 -5.52
C VAL A 42 -1.42 -10.64 -4.50
N LEU A 43 -0.57 -10.15 -3.61
CA LEU A 43 0.02 -11.00 -2.58
C LEU A 43 -0.60 -10.74 -1.22
N MET A 44 -1.10 -9.52 -1.04
CA MET A 44 -1.72 -9.14 0.22
C MET A 44 -2.62 -7.92 0.03
N VAL A 45 -3.80 -7.95 0.64
CA VAL A 45 -4.75 -6.85 0.54
C VAL A 45 -5.44 -6.60 1.87
N GLN A 46 -5.55 -5.32 2.24
CA GLN A 46 -6.19 -4.94 3.49
C GLN A 46 -6.65 -3.49 3.45
N VAL A 47 -7.76 -3.20 4.14
CA VAL A 47 -8.30 -1.86 4.17
C VAL A 47 -8.61 -1.43 5.61
N LYS A 48 -8.04 -0.30 6.02
CA LYS A 48 -8.26 0.22 7.37
C LYS A 48 -9.64 0.86 7.49
N LYS A 49 -10.30 0.64 8.62
CA LYS A 49 -11.63 1.20 8.86
C LYS A 49 -11.81 1.56 10.34
N ASP A 50 -11.97 2.85 10.60
CA ASP A 50 -12.16 3.32 11.97
C ASP A 50 -13.42 2.73 12.59
N LEU A 51 -13.33 2.36 13.86
CA LEU A 51 -14.47 1.78 14.57
C LEU A 51 -15.31 2.86 15.24
N LYS A 52 -14.65 3.94 15.66
CA LYS A 52 -15.34 5.05 16.31
C LYS A 52 -16.42 5.62 15.41
N THR A 53 -16.10 5.80 14.13
CA THR A 53 -17.05 6.34 13.17
C THR A 53 -17.62 5.24 12.27
N GLY A 54 -16.76 4.29 11.90
CA GLY A 54 -17.19 3.20 11.05
C GLY A 54 -17.02 3.51 9.58
N HIS A 55 -16.03 4.33 9.26
CA HIS A 55 -15.77 4.71 7.88
C HIS A 55 -14.29 4.51 7.54
N SER A 56 -14.04 3.90 6.38
CA SER A 56 -12.67 3.64 5.94
C SER A 56 -11.77 4.83 6.23
N LYS A 57 -10.58 4.56 6.76
CA LYS A 57 -9.63 5.61 7.08
C LYS A 57 -9.07 6.26 5.81
N GLY A 58 -9.38 5.66 4.66
CA GLY A 58 -8.92 6.19 3.40
C GLY A 58 -7.55 5.65 3.01
N PHE A 59 -7.12 4.60 3.70
CA PHE A 59 -5.82 3.99 3.43
C PHE A 59 -5.84 2.50 3.76
N GLY A 60 -4.83 1.78 3.29
CA GLY A 60 -4.75 0.35 3.55
C GLY A 60 -3.38 -0.22 3.23
N PHE A 61 -3.23 -1.53 3.41
CA PHE A 61 -1.96 -2.19 3.14
C PHE A 61 -2.11 -3.19 2.00
N VAL A 62 -1.08 -3.27 1.15
CA VAL A 62 -1.10 -4.18 0.01
C VAL A 62 0.30 -4.63 -0.35
N ARG A 63 0.42 -5.85 -0.87
CA ARG A 63 1.72 -6.40 -1.25
C ARG A 63 1.58 -7.25 -2.52
N PHE A 64 2.57 -7.14 -3.40
CA PHE A 64 2.58 -7.90 -4.64
C PHE A 64 3.53 -9.08 -4.57
N THR A 65 3.31 -10.08 -5.42
CA THR A 65 4.14 -11.27 -5.44
C THR A 65 5.52 -10.97 -6.05
N GLU A 66 5.54 -10.04 -7.00
CA GLU A 66 6.78 -9.66 -7.67
C GLU A 66 7.28 -8.32 -7.15
N TYR A 67 8.53 -8.30 -6.69
CA TYR A 67 9.13 -7.08 -6.16
C TYR A 67 9.11 -5.97 -7.20
N GLU A 68 9.27 -6.36 -8.47
CA GLU A 68 9.27 -5.39 -9.57
C GLU A 68 7.90 -4.77 -9.75
N THR A 69 6.86 -5.55 -9.47
CA THR A 69 5.49 -5.07 -9.62
C THR A 69 5.14 -4.06 -8.53
N GLN A 70 5.47 -4.39 -7.29
CA GLN A 70 5.20 -3.50 -6.17
C GLN A 70 5.94 -2.19 -6.33
N VAL A 71 7.21 -2.27 -6.71
CA VAL A 71 8.04 -1.08 -6.90
C VAL A 71 7.50 -0.22 -8.05
N LYS A 72 7.23 -0.85 -9.18
CA LYS A 72 6.73 -0.15 -10.35
C LYS A 72 5.37 0.49 -10.05
N VAL A 73 4.62 -0.10 -9.12
CA VAL A 73 3.32 0.42 -8.74
C VAL A 73 3.45 1.72 -7.96
N MET A 74 4.38 1.74 -7.00
CA MET A 74 4.60 2.92 -6.17
C MET A 74 5.18 4.06 -7.01
N SER A 75 6.10 3.71 -7.92
CA SER A 75 6.73 4.70 -8.78
C SER A 75 5.69 5.59 -9.45
N GLN A 76 4.62 4.97 -9.95
CA GLN A 76 3.56 5.70 -10.62
C GLN A 76 2.30 5.74 -9.76
N ARG A 77 1.25 6.37 -10.28
CA ARG A 77 0.00 6.48 -9.56
C ARG A 77 -1.10 5.65 -10.21
N HIS A 78 -2.29 5.67 -9.64
CA HIS A 78 -3.42 4.92 -10.17
C HIS A 78 -4.75 5.56 -9.78
N MET A 79 -5.71 5.52 -10.69
CA MET A 79 -7.02 6.10 -10.42
C MET A 79 -8.05 5.01 -10.13
N ILE A 80 -8.43 4.90 -8.86
CA ILE A 80 -9.41 3.89 -8.46
C ILE A 80 -10.80 4.50 -8.30
N ASP A 81 -11.72 4.10 -9.17
CA ASP A 81 -13.08 4.61 -9.13
C ASP A 81 -13.11 6.11 -9.35
N GLY A 82 -12.09 6.63 -10.02
CA GLY A 82 -12.01 8.06 -10.28
C GLY A 82 -11.33 8.81 -9.16
N ARG A 83 -10.95 8.09 -8.11
CA ARG A 83 -10.28 8.70 -6.96
C ARG A 83 -8.76 8.58 -7.08
N TRP A 84 -8.06 9.65 -6.73
CA TRP A 84 -6.60 9.66 -6.79
C TRP A 84 -6.00 8.88 -5.64
N CYS A 85 -5.22 7.86 -5.96
CA CYS A 85 -4.58 7.02 -4.94
C CYS A 85 -3.10 6.82 -5.26
N ASP A 86 -2.29 6.65 -4.22
CA ASP A 86 -0.86 6.45 -4.39
C ASP A 86 -0.34 5.40 -3.40
N CYS A 87 0.56 4.55 -3.86
CA CYS A 87 1.13 3.50 -3.02
C CYS A 87 2.50 3.93 -2.50
N LYS A 88 2.68 3.86 -1.18
CA LYS A 88 3.94 4.22 -0.56
C LYS A 88 4.28 3.26 0.58
N LEU A 89 5.55 3.23 0.95
CA LEU A 89 6.01 2.35 2.02
C LEU A 89 5.74 2.97 3.39
N PRO A 90 5.40 2.11 4.37
CA PRO A 90 5.11 2.55 5.73
C PRO A 90 6.36 3.05 6.46
N ASN A 91 6.15 3.70 7.61
CA ASN A 91 7.25 4.23 8.39
C ASN A 91 7.10 3.86 9.86
N SER A 92 8.13 4.14 10.65
CA SER A 92 8.11 3.84 12.07
C SER A 92 6.98 4.58 12.78
N LYS A 93 6.98 5.91 12.66
CA LYS A 93 5.96 6.74 13.28
C LYS A 93 4.56 6.30 12.84
N GLN A 94 4.44 5.91 11.58
CA GLN A 94 3.16 5.46 11.04
C GLN A 94 2.79 4.10 11.59
N SER A 95 3.50 3.07 11.14
CA SER A 95 3.23 1.70 11.59
C SER A 95 2.79 1.68 13.06
N GLN A 96 3.50 2.43 13.89
CA GLN A 96 3.18 2.50 15.31
C GLN A 96 3.23 3.95 15.81
N ASP A 97 2.07 4.46 16.20
CA ASP A 97 1.98 5.84 16.69
C ASP A 97 3.21 6.21 17.50
N SER A 98 3.91 7.25 17.07
CA SER A 98 5.12 7.70 17.77
C SER A 98 4.80 8.08 19.20
N GLY A 99 4.66 7.08 20.06
CA GLY A 99 4.36 7.34 21.47
C GLY A 99 5.59 7.76 22.26
N PRO A 100 5.53 7.59 23.58
CA PRO A 100 6.64 7.94 24.47
C PRO A 100 7.84 7.02 24.31
N SER A 101 9.03 7.57 24.54
CA SER A 101 10.26 6.79 24.41
C SER A 101 10.50 5.95 25.67
N SER A 102 10.32 4.65 25.54
CA SER A 102 10.51 3.74 26.66
C SER A 102 10.85 2.33 26.16
N GLY A 103 11.88 1.72 26.75
CA GLY A 103 12.28 0.39 26.37
C GLY A 103 13.66 0.36 25.73
N GLY A 1 10.84 18.82 -17.73
CA GLY A 1 11.56 17.73 -17.10
C GLY A 1 13.05 17.98 -17.02
N SER A 2 13.70 17.44 -15.99
CA SER A 2 15.13 17.61 -15.81
C SER A 2 15.87 16.29 -16.00
N SER A 3 16.79 16.27 -16.95
CA SER A 3 17.56 15.07 -17.23
C SER A 3 19.04 15.27 -16.88
N GLY A 4 19.72 14.17 -16.61
CA GLY A 4 21.13 14.25 -16.26
C GLY A 4 21.40 13.88 -14.81
N SER A 5 22.21 12.85 -14.60
CA SER A 5 22.54 12.39 -13.26
C SER A 5 21.27 12.23 -12.42
N SER A 6 20.22 11.70 -13.03
CA SER A 6 18.95 11.51 -12.34
C SER A 6 19.17 10.90 -10.95
N GLY A 7 19.85 9.76 -10.91
CA GLY A 7 20.12 9.10 -9.64
C GLY A 7 20.45 7.64 -9.82
N VAL A 8 21.74 7.34 -9.87
CA VAL A 8 22.20 5.96 -10.03
C VAL A 8 22.15 5.20 -8.71
N LYS A 9 21.19 4.29 -8.59
CA LYS A 9 21.03 3.50 -7.38
C LYS A 9 21.20 2.01 -7.67
N ARG A 10 20.51 1.52 -8.70
CA ARG A 10 20.59 0.12 -9.08
C ARG A 10 20.69 -0.77 -7.85
N ALA A 11 19.91 -0.45 -6.82
CA ALA A 11 19.92 -1.22 -5.59
C ALA A 11 18.72 -2.17 -5.54
N VAL A 12 18.95 -3.36 -4.97
CA VAL A 12 17.89 -4.36 -4.86
C VAL A 12 17.53 -4.61 -3.40
N GLN A 13 16.26 -4.95 -3.17
CA GLN A 13 15.78 -5.22 -1.81
C GLN A 13 14.55 -6.11 -1.85
N LYS A 14 14.47 -7.02 -0.89
CA LYS A 14 13.34 -7.95 -0.79
C LYS A 14 12.02 -7.19 -0.74
N THR A 15 10.98 -7.78 -1.33
CA THR A 15 9.67 -7.15 -1.33
C THR A 15 9.26 -6.69 0.06
N SER A 16 8.19 -5.91 0.13
CA SER A 16 7.70 -5.40 1.41
C SER A 16 6.28 -4.87 1.27
N ASP A 17 5.56 -4.83 2.39
CA ASP A 17 4.18 -4.33 2.40
C ASP A 17 4.14 -2.85 2.05
N LEU A 18 3.26 -2.50 1.11
CA LEU A 18 3.12 -1.11 0.68
C LEU A 18 1.80 -0.52 1.19
N ILE A 19 1.85 0.74 1.61
CA ILE A 19 0.67 1.43 2.12
C ILE A 19 0.12 2.41 1.08
N VAL A 20 -1.19 2.37 0.86
CA VAL A 20 -1.83 3.27 -0.09
C VAL A 20 -2.65 4.34 0.62
N LEU A 21 -2.49 5.58 0.19
CA LEU A 21 -3.21 6.70 0.79
C LEU A 21 -4.18 7.32 -0.21
N GLY A 22 -5.22 7.97 0.30
CA GLY A 22 -6.20 8.60 -0.56
C GLY A 22 -7.12 7.60 -1.23
N LEU A 23 -7.53 6.59 -0.48
CA LEU A 23 -8.42 5.55 -1.01
C LEU A 23 -9.87 5.88 -0.70
N PRO A 24 -10.73 5.79 -1.74
CA PRO A 24 -12.16 6.06 -1.62
C PRO A 24 -12.89 5.00 -0.80
N TRP A 25 -13.79 5.44 0.08
CA TRP A 25 -14.55 4.53 0.91
C TRP A 25 -15.06 3.34 0.10
N LYS A 26 -15.76 3.63 -0.99
CA LYS A 26 -16.30 2.58 -1.85
C LYS A 26 -15.34 1.41 -1.95
N THR A 27 -14.05 1.71 -2.05
CA THR A 27 -13.02 0.69 -2.16
C THR A 27 -13.03 -0.23 -0.93
N THR A 28 -12.78 -1.52 -1.16
CA THR A 28 -12.78 -2.50 -0.08
C THR A 28 -11.63 -3.49 -0.26
N GLU A 29 -11.56 -4.47 0.64
CA GLU A 29 -10.52 -5.49 0.58
C GLU A 29 -10.69 -6.37 -0.66
N GLN A 30 -11.93 -6.77 -0.93
CA GLN A 30 -12.23 -7.60 -2.08
C GLN A 30 -11.99 -6.85 -3.38
N ASP A 31 -12.46 -5.61 -3.44
CA ASP A 31 -12.30 -4.78 -4.62
C ASP A 31 -10.82 -4.51 -4.90
N LEU A 32 -10.08 -4.19 -3.84
CA LEU A 32 -8.65 -3.90 -3.97
C LEU A 32 -7.89 -5.13 -4.49
N LYS A 33 -8.26 -6.29 -3.98
CA LYS A 33 -7.62 -7.54 -4.39
C LYS A 33 -7.85 -7.80 -5.87
N GLU A 34 -9.07 -7.56 -6.34
CA GLU A 34 -9.40 -7.77 -7.74
C GLU A 34 -8.74 -6.71 -8.62
N TYR A 35 -8.83 -5.46 -8.20
CA TYR A 35 -8.25 -4.36 -8.96
C TYR A 35 -6.73 -4.51 -9.05
N PHE A 36 -6.09 -4.69 -7.90
CA PHE A 36 -4.64 -4.85 -7.85
C PHE A 36 -4.19 -6.03 -8.71
N SER A 37 -5.04 -7.04 -8.80
CA SER A 37 -4.73 -8.23 -9.59
C SER A 37 -4.46 -7.86 -11.05
N THR A 38 -4.95 -6.69 -11.45
CA THR A 38 -4.77 -6.22 -12.82
C THR A 38 -3.31 -5.89 -13.10
N PHE A 39 -2.61 -5.42 -12.08
CA PHE A 39 -1.20 -5.06 -12.22
C PHE A 39 -0.32 -6.31 -12.24
N GLY A 40 -0.75 -7.35 -11.52
CA GLY A 40 0.00 -8.57 -11.47
C GLY A 40 -0.70 -9.66 -10.68
N GLU A 41 -0.14 -10.01 -9.52
CA GLU A 41 -0.72 -11.03 -8.66
C GLU A 41 -0.76 -10.57 -7.21
N VAL A 42 -1.94 -10.16 -6.75
CA VAL A 42 -2.11 -9.70 -5.38
C VAL A 42 -1.64 -10.75 -4.38
N LEU A 43 -0.69 -10.37 -3.53
CA LEU A 43 -0.14 -11.28 -2.52
C LEU A 43 -0.69 -10.94 -1.14
N MET A 44 -1.04 -9.67 -0.94
CA MET A 44 -1.58 -9.22 0.34
C MET A 44 -2.47 -8.00 0.15
N VAL A 45 -3.63 -8.02 0.81
CA VAL A 45 -4.58 -6.92 0.72
C VAL A 45 -5.22 -6.63 2.07
N GLN A 46 -5.32 -5.35 2.41
CA GLN A 46 -5.91 -4.93 3.67
C GLN A 46 -6.38 -3.48 3.61
N VAL A 47 -7.51 -3.20 4.25
CA VAL A 47 -8.07 -1.85 4.26
C VAL A 47 -8.44 -1.43 5.67
N LYS A 48 -7.93 -0.28 6.09
CA LYS A 48 -8.21 0.25 7.42
C LYS A 48 -9.54 0.99 7.44
N LYS A 49 -10.31 0.82 8.52
CA LYS A 49 -11.59 1.48 8.67
C LYS A 49 -11.72 2.11 10.04
N ASP A 50 -12.76 2.91 10.23
CA ASP A 50 -13.02 3.57 11.51
C ASP A 50 -13.95 2.74 12.37
N LEU A 51 -13.74 2.81 13.69
CA LEU A 51 -14.57 2.07 14.63
C LEU A 51 -15.40 3.02 15.48
N LYS A 52 -15.77 4.16 14.91
CA LYS A 52 -16.58 5.14 15.60
C LYS A 52 -17.84 5.48 14.81
N THR A 53 -17.69 5.54 13.49
CA THR A 53 -18.82 5.86 12.61
C THR A 53 -19.05 4.74 11.60
N GLY A 54 -17.97 4.24 11.03
CA GLY A 54 -18.09 3.16 10.05
C GLY A 54 -17.65 3.60 8.66
N HIS A 55 -16.68 4.50 8.61
CA HIS A 55 -16.17 5.00 7.34
C HIS A 55 -14.70 4.65 7.16
N SER A 56 -14.37 4.07 6.00
CA SER A 56 -12.99 3.68 5.72
C SER A 56 -12.03 4.82 6.02
N LYS A 57 -10.85 4.47 6.54
CA LYS A 57 -9.85 5.47 6.87
C LYS A 57 -9.25 6.07 5.61
N GLY A 58 -9.41 5.38 4.48
CA GLY A 58 -8.89 5.87 3.23
C GLY A 58 -7.47 5.41 2.97
N PHE A 59 -7.01 4.43 3.75
CA PHE A 59 -5.67 3.90 3.60
C PHE A 59 -5.62 2.42 3.99
N GLY A 60 -4.69 1.69 3.37
CA GLY A 60 -4.57 0.27 3.66
C GLY A 60 -3.19 -0.26 3.33
N PHE A 61 -3.05 -1.59 3.35
CA PHE A 61 -1.77 -2.22 3.04
C PHE A 61 -1.92 -3.25 1.93
N VAL A 62 -0.93 -3.32 1.06
CA VAL A 62 -0.96 -4.26 -0.06
C VAL A 62 0.46 -4.68 -0.46
N ARG A 63 0.58 -5.90 -0.96
CA ARG A 63 1.88 -6.43 -1.38
C ARG A 63 1.74 -7.26 -2.64
N PHE A 64 2.72 -7.15 -3.53
CA PHE A 64 2.72 -7.91 -4.79
C PHE A 64 3.70 -9.08 -4.72
N THR A 65 3.40 -10.13 -5.49
CA THR A 65 4.25 -11.31 -5.53
C THR A 65 5.61 -10.99 -6.14
N GLU A 66 5.60 -10.27 -7.25
CA GLU A 66 6.82 -9.90 -7.95
C GLU A 66 7.32 -8.53 -7.48
N TYR A 67 8.60 -8.46 -7.12
CA TYR A 67 9.20 -7.22 -6.65
C TYR A 67 9.15 -6.15 -7.74
N GLU A 68 9.28 -6.58 -8.99
CA GLU A 68 9.24 -5.65 -10.12
C GLU A 68 7.86 -5.02 -10.26
N THR A 69 6.83 -5.78 -9.92
CA THR A 69 5.46 -5.31 -10.01
C THR A 69 5.17 -4.25 -8.94
N GLN A 70 5.54 -4.55 -7.71
CA GLN A 70 5.33 -3.63 -6.60
C GLN A 70 6.04 -2.31 -6.85
N VAL A 71 7.23 -2.37 -7.45
CA VAL A 71 8.01 -1.18 -7.74
C VAL A 71 7.33 -0.33 -8.80
N LYS A 72 6.72 -0.98 -9.78
CA LYS A 72 6.02 -0.28 -10.85
C LYS A 72 4.74 0.38 -10.34
N VAL A 73 4.11 -0.25 -9.36
CA VAL A 73 2.88 0.28 -8.79
C VAL A 73 3.14 1.60 -8.06
N MET A 74 4.19 1.62 -7.24
CA MET A 74 4.55 2.81 -6.48
C MET A 74 5.14 3.88 -7.40
N SER A 75 5.82 3.43 -8.45
CA SER A 75 6.45 4.34 -9.40
C SER A 75 5.44 5.38 -9.90
N GLN A 76 4.46 4.93 -10.66
CA GLN A 76 3.44 5.81 -11.19
C GLN A 76 2.20 5.82 -10.30
N ARG A 77 1.40 6.88 -10.42
CA ARG A 77 0.19 7.00 -9.62
C ARG A 77 -0.92 6.11 -10.17
N HIS A 78 -2.04 6.07 -9.44
CA HIS A 78 -3.18 5.25 -9.85
C HIS A 78 -4.49 5.89 -9.41
N MET A 79 -5.50 5.82 -10.27
CA MET A 79 -6.80 6.39 -9.97
C MET A 79 -7.82 5.29 -9.64
N ILE A 80 -8.28 5.27 -8.39
CA ILE A 80 -9.25 4.27 -7.96
C ILE A 80 -10.62 4.90 -7.73
N ASP A 81 -11.61 4.40 -8.45
CA ASP A 81 -12.97 4.92 -8.31
C ASP A 81 -13.02 6.42 -8.57
N GLY A 82 -12.08 6.90 -9.38
CA GLY A 82 -12.03 8.32 -9.70
C GLY A 82 -11.35 9.12 -8.61
N ARG A 83 -10.57 8.44 -7.77
CA ARG A 83 -9.86 9.10 -6.69
C ARG A 83 -8.34 8.96 -6.85
N TRP A 84 -7.61 10.00 -6.49
CA TRP A 84 -6.16 9.99 -6.61
C TRP A 84 -5.53 9.25 -5.43
N CYS A 85 -4.84 8.15 -5.73
CA CYS A 85 -4.20 7.35 -4.70
C CYS A 85 -2.74 7.05 -5.06
N ASP A 86 -1.87 7.04 -4.06
CA ASP A 86 -0.46 6.77 -4.28
C ASP A 86 0.04 5.68 -3.33
N CYS A 87 0.97 4.86 -3.82
CA CYS A 87 1.51 3.77 -3.02
C CYS A 87 2.93 4.12 -2.54
N LYS A 88 3.14 4.03 -1.23
CA LYS A 88 4.44 4.33 -0.65
C LYS A 88 4.81 3.31 0.42
N LEU A 89 6.10 3.22 0.72
CA LEU A 89 6.58 2.28 1.73
C LEU A 89 6.38 2.84 3.14
N PRO A 90 6.04 1.95 4.08
CA PRO A 90 5.82 2.33 5.48
C PRO A 90 7.12 2.73 6.19
N ASN A 91 8.22 2.73 5.44
CA ASN A 91 9.52 3.09 5.99
C ASN A 91 9.37 4.20 7.03
N SER A 92 8.57 5.21 6.70
CA SER A 92 8.35 6.33 7.61
C SER A 92 7.07 6.14 8.42
N LYS A 93 7.22 6.08 9.74
CA LYS A 93 6.08 5.90 10.62
C LYS A 93 5.06 7.01 10.44
N GLN A 94 4.03 6.73 9.65
CA GLN A 94 2.98 7.71 9.39
C GLN A 94 1.96 7.73 10.53
N SER A 95 1.52 6.55 10.95
CA SER A 95 0.55 6.44 12.03
C SER A 95 1.21 5.96 13.31
N GLN A 96 0.44 5.92 14.40
CA GLN A 96 0.95 5.49 15.69
C GLN A 96 0.10 4.36 16.26
N ASP A 97 0.38 3.13 15.83
CA ASP A 97 -0.36 1.97 16.30
C ASP A 97 -0.33 1.87 17.82
N SER A 98 -1.49 1.92 18.44
CA SER A 98 -1.59 1.86 19.89
C SER A 98 -2.87 1.15 20.31
N GLY A 99 -2.81 0.45 21.45
CA GLY A 99 -3.97 -0.26 21.94
C GLY A 99 -4.13 -0.14 23.45
N PRO A 100 -5.39 -0.16 23.92
CA PRO A 100 -5.70 -0.05 25.35
C PRO A 100 -5.30 -1.30 26.12
N SER A 101 -4.42 -1.13 27.10
CA SER A 101 -3.95 -2.24 27.92
C SER A 101 -4.49 -2.14 29.34
N SER A 102 -5.46 -3.00 29.67
CA SER A 102 -6.06 -2.99 30.99
C SER A 102 -5.52 -4.15 31.84
N GLY A 103 -5.71 -4.06 33.15
CA GLY A 103 -5.24 -5.10 34.05
C GLY A 103 -5.91 -5.04 35.40
#